data_7USX
#
_entry.id   7USX
#
_cell.length_a   1.00
_cell.length_b   1.00
_cell.length_c   1.00
_cell.angle_alpha   90.00
_cell.angle_beta   90.00
_cell.angle_gamma   90.00
#
_symmetry.space_group_name_H-M   'P 1'
#
loop_
_entity.id
_entity.type
_entity.pdbx_description
1 polymer 'Transmembrane channel-like protein 1'
2 polymer 'CALMyrin (Calcium and Integrin Binding protein) homolog'
3 polymer 'Transmembrane inner ear expressed protein'
4 non-polymer 'CALCIUM ION'
5 non-polymer 1,2-dioleoyl-sn-glycero-3-phosphoethanolamine
6 non-polymer DODECANE
7 non-polymer HEXADECANE
8 non-polymer CHOLESTEROL
9 non-polymer 2-acetamido-2-deoxy-beta-D-glucopyranose
10 non-polymer 1,2-Distearoyl-sn-glycerophosphoethanolamine
11 non-polymer 'PALMITIC ACID'
#
loop_
_entity_poly.entity_id
_entity_poly.type
_entity_poly.pdbx_seq_one_letter_code
_entity_poly.pdbx_strand_id
1 'polypeptide(L)'
;MQEAARRASLRKEHTPTNEKFGDLSKQDSLGERASSKLTLDDELYDILYAFGETDAFINKGDKQRETDEDGNPLTRQALL
ERIRQKKEVIGKLRCQAWSMTRKRRTLKLAQKYLEQHESKVSRSHLYMEEMRKRARLMKRSFSNFKTYLIPWESKIKRIE
SHFGSVVSSYFTFLRWIVFVNIMITLIALVFVVLPETLADSVANEGRFNRTKTRKQIPANERVHADELAVVWHYDGYLRY
SPLFYGYYSDDPFLGNKIKYALPLAYFMVTLTIFAYSFFAILRKMAANARMSKLSGSKAEQYIFNWKLFTGWDYTIGNSE
TASNTVMAVVIKLRESIADIKKDAHGKFRLLQFSLRVFANIIICAMLGFSIYCIIFAVQKSQVQDDGNLFTKNQVPSVVS
TITHVFPMIFDLIGKMENYHPRTALRAHLGRVLILYTVNYITLIFALFEKMTALRDRVNSTSTSSSHRTKRQQGGWNPNM
QRPPPYASRAEVRQMSDFLAANTRRFQTVSQRTTRSVTTPFTVAPQFGPFNVNNPNAVFHNGTHSTSFESQILGPKALPI
FTPPPRKYPGFTPGNVGQQFGGPDFPRNQVYTKSTPLPRVRTKPPWVYTTTHPPLVQNRAMTTTMSKSAKKGNSKNLDDD
ILLSNETIQMSEAALRRNHDGHNNDICWETIIGQEIVKLVTMDLIFTILSILVIDLFRGLWIKYCSSWWCWDIETTFPEY
GEFKVAENVLHIINNQGMIWLGLFFAPLLPAINNIKLIILMYIRGWAVMTCNVPAREIFRASRSSNFYLGILLIWLLLCT
LPVGFVIASMSPSRSCGPFARYQHFYTVVTREIEKRVDQTVLSYIRHIASPGVVIPIILFLILIIYFLFSLVRGLREANT
DLQAQLVHERTEEKKKIFELAGGKKNKFEKDRDKKRSNDYIPLIEQRRREPWRQYHEMEADHALASDSSEESDINEDEDD
ERQPLTAYPLRAIETPPETLQVTAFHPSLGSLIENREMEDEESASGDQLPMIHKSVSFQGPSHMQMRQSISTESCSQISR
SAIQVATPEEIRALLRPYLEAKYGIPYQHGIKSFPIDVHTPPNNTPSRRSSKYNSFVSLYEHTRDDHKNFVASTIKETDE
DPGKSDKKQTSSKDVAPDFMPWPSADEARALREKMKSKTPLMLTKTTVEEKPKGGKSSESEFRPPVPIHRKYNIQTTEEE
NEEEETDSAPESSKKRFRISVSPTKTIAPASASRAQHKIVSQASSSSSIPHGRQPDPNKKASLVLPPLRAPRVQFDEDDS
PRQID
;
A,B
2 'polypeptide(L)'
;MGNNASSLSELNLFSKGGVFTREQLDEYQDCTFFTRKDIIRLYKRFYALNPHKVPTNMQGNRPAITTLTFEEVEKMPELK
ENPFKRRICEVFSEDGRGNLSFDDFLDMFSVFSEMAPLQLKLKYAFRIYDYDGDELLGHDDLSKMIRSLTRDELSDVEVE
FIIERIIEEADLDGDSSINFAEFEHVVSRSPDFIRTFHIRI
;
C,E
3 'polypeptide(L)'
;MPSGNEEINHLSALDQFVAPGLRLWMLIALVGGVLLIMIVIVCCFMRIRIPRTKRQIDLIAAKRKLRKSTKNSAEANAHN
DERAQAIVMNSMPSGGGGGAPSTSSSRHTGSRIQSQV
;
D,F
#
# COMPACT_ATOMS: atom_id res chain seq x y z
N THR A 75 14.04 -11.89 -39.84
CA THR A 75 15.47 -12.09 -40.01
C THR A 75 16.24 -11.46 -38.85
N ARG A 76 16.28 -10.13 -38.81
CA ARG A 76 16.99 -9.44 -37.74
C ARG A 76 16.26 -9.59 -36.40
N GLN A 77 14.92 -9.64 -36.43
CA GLN A 77 14.16 -9.79 -35.20
C GLN A 77 14.46 -11.12 -34.52
N ALA A 78 14.51 -12.20 -35.31
CA ALA A 78 14.83 -13.51 -34.74
C ALA A 78 16.25 -13.54 -34.18
N LEU A 79 17.20 -12.92 -34.89
CA LEU A 79 18.57 -12.87 -34.40
C LEU A 79 18.66 -12.11 -33.09
N LEU A 80 17.97 -10.97 -33.01
CA LEU A 80 17.98 -10.19 -31.77
C LEU A 80 17.34 -10.96 -30.63
N GLU A 81 16.23 -11.65 -30.91
CA GLU A 81 15.58 -12.44 -29.87
C GLU A 81 16.47 -13.56 -29.38
N ARG A 82 17.16 -14.25 -30.29
CA ARG A 82 18.07 -15.32 -29.90
C ARG A 82 19.23 -14.79 -29.08
N ILE A 83 19.79 -13.64 -29.48
CA ILE A 83 20.89 -13.06 -28.72
C ILE A 83 20.43 -12.66 -27.33
N ARG A 84 19.23 -12.07 -27.22
CA ARG A 84 18.69 -11.70 -25.93
C ARG A 84 18.46 -12.92 -25.05
N GLN A 85 17.93 -14.00 -25.62
CA GLN A 85 17.70 -15.22 -24.85
C GLN A 85 19.00 -15.81 -24.36
N LYS A 86 20.02 -15.86 -25.22
CA LYS A 86 21.33 -16.39 -24.80
C LYS A 86 21.95 -15.53 -23.70
N LYS A 87 21.85 -14.20 -23.83
CA LYS A 87 22.37 -13.32 -22.79
C LYS A 87 21.63 -13.52 -21.48
N GLU A 88 20.31 -13.70 -21.54
CA GLU A 88 19.53 -13.94 -20.32
C GLU A 88 19.91 -15.26 -19.69
N VAL A 89 20.16 -16.28 -20.50
CA VAL A 89 20.60 -17.57 -19.95
C VAL A 89 21.95 -17.44 -19.28
N ILE A 90 22.87 -16.70 -19.89
CA ILE A 90 24.19 -16.50 -19.29
C ILE A 90 24.06 -15.73 -17.98
N GLY A 91 23.19 -14.72 -17.95
CA GLY A 91 23.06 -13.92 -16.74
C GLY A 91 22.52 -14.71 -15.56
N LYS A 92 21.52 -15.56 -15.79
CA LYS A 92 20.88 -16.34 -14.74
C LYS A 92 21.52 -17.73 -14.59
N LEU A 93 22.76 -17.89 -15.04
CA LEU A 93 23.38 -19.21 -15.05
C LEU A 93 23.63 -19.73 -13.64
N ARG A 94 24.04 -18.86 -12.72
CA ARG A 94 24.42 -19.30 -11.39
C ARG A 94 23.21 -19.73 -10.56
N CYS A 95 22.03 -19.19 -10.84
CA CYS A 95 20.85 -19.46 -10.04
C CYS A 95 20.18 -20.79 -10.39
N GLN A 96 20.82 -21.64 -11.20
CA GLN A 96 20.29 -22.94 -11.56
C GLN A 96 21.10 -24.06 -10.91
N ALA A 97 20.41 -25.15 -10.58
CA ALA A 97 21.00 -26.28 -9.87
C ALA A 97 21.56 -27.29 -10.87
N TRP A 98 22.70 -26.94 -11.46
CA TRP A 98 23.41 -27.80 -12.37
C TRP A 98 24.82 -28.04 -11.85
N SER A 99 25.41 -29.17 -12.24
CA SER A 99 26.79 -29.43 -11.90
C SER A 99 27.71 -28.49 -12.65
N MET A 100 28.94 -28.34 -12.14
CA MET A 100 29.87 -27.39 -12.74
C MET A 100 30.25 -27.81 -14.15
N THR A 101 30.26 -29.12 -14.45
CA THR A 101 30.48 -29.56 -15.82
C THR A 101 29.36 -29.10 -16.73
N ARG A 102 28.11 -29.30 -16.30
CA ARG A 102 26.96 -28.85 -17.08
C ARG A 102 26.93 -27.33 -17.20
N LYS A 103 27.22 -26.62 -16.11
CA LYS A 103 27.24 -25.16 -16.15
C LYS A 103 28.32 -24.67 -17.10
N ARG A 104 29.50 -25.27 -17.07
CA ARG A 104 30.56 -24.88 -17.98
C ARG A 104 30.19 -25.18 -19.42
N ARG A 105 29.55 -26.31 -19.67
CA ARG A 105 29.10 -26.66 -21.02
C ARG A 105 28.12 -25.61 -21.54
N THR A 106 27.10 -25.28 -20.75
CA THR A 106 26.12 -24.29 -21.18
C THR A 106 26.76 -22.92 -21.37
N LEU A 107 27.67 -22.55 -20.47
CA LEU A 107 28.33 -21.25 -20.57
C LEU A 107 29.16 -21.16 -21.86
N LYS A 108 29.94 -22.20 -22.15
CA LYS A 108 30.75 -22.19 -23.37
C LYS A 108 29.88 -22.19 -24.61
N LEU A 109 28.79 -22.97 -24.59
CA LEU A 109 27.88 -23.01 -25.74
C LEU A 109 27.28 -21.64 -26.01
N ALA A 110 26.77 -20.98 -24.96
CA ALA A 110 26.17 -19.67 -25.13
C ALA A 110 27.20 -18.63 -25.54
N GLN A 111 28.41 -18.72 -25.00
CA GLN A 111 29.46 -17.78 -25.36
C GLN A 111 29.83 -17.91 -26.84
N LYS A 112 29.97 -19.16 -27.32
CA LYS A 112 30.28 -19.36 -28.73
C LYS A 112 29.12 -18.90 -29.61
N TYR A 113 27.88 -19.15 -29.17
CA TYR A 113 26.72 -18.70 -29.92
C TYR A 113 26.71 -17.18 -30.06
N LEU A 114 26.95 -16.47 -28.95
CA LEU A 114 26.98 -15.01 -29.00
C LEU A 114 28.15 -14.51 -29.85
N GLU A 115 29.31 -15.17 -29.75
CA GLU A 115 30.46 -14.74 -30.53
C GLU A 115 30.20 -14.88 -32.02
N GLN A 116 29.56 -15.98 -32.44
CA GLN A 116 29.27 -16.16 -33.86
C GLN A 116 28.07 -15.35 -34.32
N HIS A 117 27.17 -14.96 -33.42
CA HIS A 117 25.97 -14.23 -33.79
C HIS A 117 26.09 -12.72 -33.61
N GLU A 118 27.21 -12.24 -33.07
CA GLU A 118 27.37 -10.80 -32.84
C GLU A 118 27.35 -10.01 -34.13
N SER A 119 27.70 -10.63 -35.26
CA SER A 119 27.76 -9.92 -36.53
C SER A 119 26.40 -9.74 -37.18
N LYS A 120 25.36 -10.41 -36.69
CA LYS A 120 24.04 -10.33 -37.33
C LYS A 120 23.29 -9.07 -36.95
N VAL A 121 23.58 -8.49 -35.77
CA VAL A 121 22.84 -7.33 -35.29
C VAL A 121 23.38 -6.06 -35.94
N SER A 122 22.65 -4.96 -35.79
CA SER A 122 23.03 -3.69 -36.40
C SER A 122 24.09 -3.00 -35.56
N ARG A 123 24.43 -1.76 -35.93
CA ARG A 123 25.48 -1.03 -35.22
C ARG A 123 25.01 -0.59 -33.84
N SER A 124 23.76 -0.12 -33.73
CA SER A 124 23.25 0.36 -32.44
C SER A 124 23.20 -0.76 -31.42
N HIS A 125 22.71 -1.94 -31.82
CA HIS A 125 22.67 -3.08 -30.91
C HIS A 125 24.08 -3.51 -30.52
N LEU A 126 25.02 -3.49 -31.47
CA LEU A 126 26.39 -3.86 -31.17
C LEU A 126 27.01 -2.92 -30.15
N TYR A 127 26.80 -1.61 -30.32
CA TYR A 127 27.34 -0.64 -29.36
C TYR A 127 26.68 -0.81 -28.00
N MET A 128 25.36 -1.05 -27.98
CA MET A 128 24.66 -1.27 -26.72
C MET A 128 25.23 -2.48 -25.98
N GLU A 129 25.42 -3.59 -26.69
CA GLU A 129 25.97 -4.80 -26.08
C GLU A 129 27.40 -4.57 -25.61
N GLU A 130 28.20 -3.86 -26.41
CA GLU A 130 29.58 -3.61 -26.02
C GLU A 130 29.67 -2.78 -24.74
N MET A 131 28.87 -1.72 -24.64
CA MET A 131 28.93 -0.90 -23.44
C MET A 131 28.32 -1.64 -22.24
N ARG A 132 27.32 -2.49 -22.49
CA ARG A 132 26.79 -3.30 -21.40
C ARG A 132 27.85 -4.27 -20.87
N LYS A 133 28.61 -4.90 -21.77
CA LYS A 133 29.67 -5.81 -21.35
C LYS A 133 30.76 -5.05 -20.60
N ARG A 134 31.12 -3.86 -21.07
CA ARG A 134 32.12 -3.07 -20.36
C ARG A 134 31.64 -2.69 -18.97
N ALA A 135 30.37 -2.29 -18.85
CA ALA A 135 29.81 -1.96 -17.54
C ALA A 135 29.81 -3.17 -16.62
N ARG A 136 29.45 -4.34 -17.16
CA ARG A 136 29.46 -5.56 -16.34
C ARG A 136 30.86 -5.90 -15.86
N LEU A 137 31.85 -5.76 -16.74
CA LEU A 137 33.23 -6.03 -16.34
C LEU A 137 33.69 -5.06 -15.26
N MET A 138 33.36 -3.77 -15.41
CA MET A 138 33.72 -2.79 -14.38
C MET A 138 33.04 -3.11 -13.06
N LYS A 139 31.76 -3.50 -13.10
CA LYS A 139 31.05 -3.86 -11.88
C LYS A 139 31.69 -5.07 -11.20
N ARG A 140 32.06 -6.08 -11.99
CA ARG A 140 32.71 -7.26 -11.42
C ARG A 140 34.04 -6.90 -10.78
N SER A 141 34.84 -6.07 -11.45
CA SER A 141 36.11 -5.64 -10.86
C SER A 141 35.90 -4.85 -9.59
N PHE A 142 34.88 -3.99 -9.57
CA PHE A 142 34.57 -3.22 -8.37
C PHE A 142 34.16 -4.12 -7.22
N SER A 143 33.35 -5.15 -7.50
CA SER A 143 32.97 -6.09 -6.45
C SER A 143 34.18 -6.86 -5.93
N ASN A 144 35.07 -7.28 -6.84
CA ASN A 144 36.27 -7.98 -6.42
C ASN A 144 37.14 -7.11 -5.51
N PHE A 145 37.27 -5.83 -5.85
CA PHE A 145 38.05 -4.93 -5.00
C PHE A 145 37.33 -4.63 -3.69
N LYS A 146 36.00 -4.54 -3.72
CA LYS A 146 35.22 -4.19 -2.53
C LYS A 146 35.25 -5.31 -1.50
N THR A 147 35.27 -6.57 -1.94
CA THR A 147 35.29 -7.68 -0.99
C THR A 147 36.51 -7.62 -0.08
N TYR A 148 37.62 -7.05 -0.56
CA TYR A 148 38.84 -6.98 0.21
C TYR A 148 38.72 -6.09 1.45
N LEU A 149 37.71 -5.24 1.53
CA LEU A 149 37.62 -4.23 2.58
C LEU A 149 36.52 -4.50 3.60
N ILE A 150 35.91 -5.68 3.57
CA ILE A 150 34.87 -6.03 4.53
C ILE A 150 35.53 -6.62 5.77
N PRO A 151 35.35 -6.00 6.95
CA PRO A 151 36.02 -6.52 8.15
C PRO A 151 35.14 -7.48 8.95
N TRP A 152 35.73 -8.06 10.01
CA TRP A 152 35.00 -8.89 10.97
C TRP A 152 34.31 -10.07 10.31
N GLU A 153 34.97 -10.67 9.32
CA GLU A 153 34.43 -11.89 8.71
C GLU A 153 34.66 -13.10 9.61
N SER A 154 35.90 -13.30 10.06
CA SER A 154 36.21 -14.43 10.91
C SER A 154 35.55 -14.32 12.28
N LYS A 155 35.43 -13.10 12.80
CA LYS A 155 34.78 -12.90 14.10
C LYS A 155 33.33 -13.35 14.05
N ILE A 156 32.57 -12.86 13.07
CA ILE A 156 31.17 -13.25 12.94
C ILE A 156 31.06 -14.72 12.59
N LYS A 157 32.00 -15.25 11.80
CA LYS A 157 31.99 -16.67 11.50
C LYS A 157 32.12 -17.51 12.77
N ARG A 158 33.05 -17.14 13.64
CA ARG A 158 33.25 -17.88 14.89
C ARG A 158 32.03 -17.76 15.81
N ILE A 159 31.46 -16.55 15.91
CA ILE A 159 30.28 -16.37 16.76
C ILE A 159 29.11 -17.19 16.23
N GLU A 160 28.96 -17.22 14.90
CA GLU A 160 27.89 -18.02 14.29
C GLU A 160 28.10 -19.51 14.56
N SER A 161 29.34 -19.99 14.42
CA SER A 161 29.61 -21.41 14.63
C SER A 161 29.33 -21.80 16.08
N HIS A 162 29.68 -20.94 17.03
CA HIS A 162 29.54 -21.33 18.43
C HIS A 162 28.12 -21.14 18.95
N PHE A 163 27.46 -20.04 18.59
CA PHE A 163 26.23 -19.65 19.26
C PHE A 163 24.97 -19.73 18.40
N GLY A 164 25.08 -19.68 17.08
CA GLY A 164 23.93 -19.84 16.22
C GLY A 164 23.84 -18.73 15.20
N SER A 165 22.68 -18.66 14.54
CA SER A 165 22.44 -17.68 13.49
C SER A 165 21.49 -16.57 13.93
N VAL A 166 20.90 -16.67 15.12
CA VAL A 166 20.12 -15.58 15.68
C VAL A 166 20.96 -14.71 16.60
N VAL A 167 22.04 -15.24 17.19
CA VAL A 167 22.98 -14.43 17.93
C VAL A 167 23.79 -13.54 16.98
N SER A 168 24.21 -14.10 15.84
CA SER A 168 25.03 -13.36 14.89
C SER A 168 24.23 -12.31 14.11
N SER A 169 22.91 -12.32 14.21
CA SER A 169 22.11 -11.27 13.59
C SER A 169 22.44 -9.91 14.20
N TYR A 170 22.66 -9.88 15.53
CA TYR A 170 23.05 -8.64 16.18
C TYR A 170 24.37 -8.11 15.64
N PHE A 171 25.33 -9.00 15.39
CA PHE A 171 26.65 -8.56 14.94
C PHE A 171 26.62 -8.11 13.49
N THR A 172 25.83 -8.77 12.64
CA THR A 172 25.67 -8.29 11.27
C THR A 172 24.96 -6.93 11.24
N PHE A 173 23.94 -6.77 12.09
CA PHE A 173 23.26 -5.48 12.21
C PHE A 173 24.23 -4.39 12.66
N LEU A 174 25.07 -4.71 13.65
CA LEU A 174 26.04 -3.72 14.14
C LEU A 174 27.07 -3.37 13.07
N ARG A 175 27.51 -4.33 12.27
CA ARG A 175 28.45 -4.02 11.20
C ARG A 175 27.82 -3.13 10.14
N TRP A 176 26.55 -3.38 9.80
CA TRP A 176 25.87 -2.49 8.87
C TRP A 176 25.73 -1.08 9.45
N ILE A 177 25.42 -0.99 10.74
CA ILE A 177 25.33 0.32 11.39
C ILE A 177 26.68 1.02 11.36
N VAL A 178 27.77 0.26 11.51
CA VAL A 178 29.10 0.85 11.43
C VAL A 178 29.36 1.41 10.04
N PHE A 179 28.96 0.68 9.00
CA PHE A 179 29.14 1.19 7.64
C PHE A 179 28.33 2.46 7.40
N VAL A 180 27.08 2.48 7.87
CA VAL A 180 26.24 3.67 7.71
C VAL A 180 26.85 4.86 8.44
N ASN A 181 27.33 4.64 9.66
CA ASN A 181 27.94 5.71 10.44
C ASN A 181 29.22 6.22 9.78
N ILE A 182 29.99 5.33 9.16
CA ILE A 182 31.21 5.76 8.46
C ILE A 182 30.85 6.60 7.25
N MET A 183 29.80 6.21 6.52
CA MET A 183 29.36 7.03 5.39
C MET A 183 28.91 8.42 5.84
N ILE A 184 28.16 8.47 6.94
CA ILE A 184 27.71 9.75 7.49
C ILE A 184 28.92 10.60 7.92
N THR A 185 29.90 9.96 8.55
CA THR A 185 31.11 10.66 8.95
C THR A 185 31.85 11.24 7.75
N LEU A 186 31.99 10.46 6.68
CA LEU A 186 32.66 10.96 5.49
C LEU A 186 31.90 12.13 4.88
N ILE A 187 30.57 12.05 4.84
CA ILE A 187 29.76 13.14 4.30
C ILE A 187 29.97 14.41 5.11
N ALA A 188 29.94 14.30 6.44
CA ALA A 188 30.09 15.47 7.29
C ALA A 188 31.53 15.93 7.45
N LEU A 189 32.50 15.13 7.01
CA LEU A 189 33.91 15.47 7.15
C LEU A 189 34.51 16.06 5.88
N VAL A 190 34.04 15.63 4.71
CA VAL A 190 34.58 16.16 3.46
C VAL A 190 34.16 17.61 3.25
N PHE A 191 32.90 17.93 3.55
CA PHE A 191 32.32 19.21 3.15
C PHE A 191 32.26 20.25 4.26
N VAL A 192 32.48 19.88 5.51
CA VAL A 192 32.34 20.84 6.60
C VAL A 192 33.65 20.97 7.39
N VAL A 193 34.09 19.88 8.01
CA VAL A 193 35.21 19.94 8.94
C VAL A 193 36.50 20.27 8.21
N LEU A 194 36.77 19.57 7.11
CA LEU A 194 38.02 19.78 6.38
C LEU A 194 38.14 21.17 5.78
N PRO A 195 37.14 21.71 5.07
CA PRO A 195 37.29 23.10 4.58
C PRO A 195 37.51 24.11 5.69
N GLU A 196 36.81 23.94 6.82
CA GLU A 196 36.97 24.88 7.93
C GLU A 196 38.37 24.79 8.52
N THR A 197 38.89 23.58 8.71
CA THR A 197 40.23 23.42 9.26
C THR A 197 41.28 23.99 8.30
N LEU A 198 41.12 23.75 7.00
CA LEU A 198 42.06 24.28 6.03
C LEU A 198 42.02 25.81 6.00
N ALA A 199 40.82 26.39 6.10
CA ALA A 199 40.71 27.85 6.14
C ALA A 199 41.33 28.41 7.42
N ASP A 200 41.14 27.72 8.54
CA ASP A 200 41.72 28.17 9.80
C ASP A 200 43.24 28.12 9.77
N SER A 201 43.82 27.08 9.17
CA SER A 201 45.27 26.94 9.17
C SER A 201 45.95 27.99 8.29
N VAL A 202 45.25 28.56 7.33
CA VAL A 202 45.82 29.56 6.42
C VAL A 202 45.26 30.95 6.69
N ALA A 203 44.60 31.15 7.83
CA ALA A 203 44.02 32.45 8.14
C ALA A 203 45.10 33.51 8.25
N ASN A 204 44.86 34.66 7.63
CA ASN A 204 45.82 35.76 7.64
C ASN A 204 45.56 36.66 8.84
N GLU A 205 46.27 37.80 8.88
CA GLU A 205 46.05 38.77 9.95
C GLU A 205 44.63 39.32 9.91
N GLY A 206 44.07 39.50 8.71
CA GLY A 206 42.70 39.97 8.61
C GLY A 206 41.70 39.04 9.27
N ARG A 207 41.92 37.73 9.15
CA ARG A 207 41.11 36.76 9.87
C ARG A 207 41.74 36.51 11.24
N PHE A 208 41.24 35.49 11.94
CA PHE A 208 41.71 35.08 13.27
C PHE A 208 41.29 36.09 14.33
N ASN A 209 40.71 37.20 13.91
CA ASN A 209 40.11 38.16 14.85
C ASN A 209 38.59 38.12 14.83
N ARG A 210 38.00 37.91 13.66
CA ARG A 210 36.56 37.72 13.59
C ARG A 210 36.12 36.41 14.22
N THR A 211 37.02 35.44 14.33
CA THR A 211 36.72 34.12 14.87
C THR A 211 37.44 33.82 16.18
N LYS A 212 38.20 34.78 16.72
CA LYS A 212 38.93 34.53 17.96
C LYS A 212 37.98 34.29 19.13
N THR A 213 36.82 34.93 19.13
CA THR A 213 35.86 34.77 20.21
C THR A 213 35.23 33.39 20.25
N ARG A 214 35.40 32.58 19.20
CA ARG A 214 34.80 31.26 19.16
C ARG A 214 35.81 30.12 19.00
N LYS A 215 36.99 30.39 18.45
CA LYS A 215 38.00 29.35 18.24
C LYS A 215 39.14 29.39 19.24
N GLN A 216 39.22 30.40 20.09
CA GLN A 216 40.29 30.55 21.06
C GLN A 216 39.70 30.56 22.46
N ILE A 217 40.22 29.72 23.34
CA ILE A 217 39.72 29.67 24.72
C ILE A 217 40.20 30.90 25.47
N PRO A 218 39.32 31.63 26.16
CA PRO A 218 39.74 32.86 26.84
C PRO A 218 40.74 32.58 27.95
N ALA A 219 41.62 33.56 28.20
CA ALA A 219 42.62 33.42 29.23
C ALA A 219 42.02 33.31 30.63
N ASN A 220 40.79 33.76 30.82
CA ASN A 220 40.14 33.63 32.12
C ASN A 220 39.91 32.16 32.47
N GLU A 221 39.49 31.36 31.48
CA GLU A 221 39.18 29.95 31.70
C GLU A 221 40.22 29.01 31.11
N ARG A 222 41.33 29.55 30.61
CA ARG A 222 42.35 28.69 30.01
C ARG A 222 43.07 27.87 31.08
N VAL A 223 43.27 28.44 32.26
CA VAL A 223 43.98 27.74 33.32
C VAL A 223 43.15 26.55 33.82
N HIS A 224 41.84 26.73 33.96
CA HIS A 224 40.97 25.71 34.52
C HIS A 224 40.46 24.73 33.48
N ALA A 225 41.18 24.57 32.37
CA ALA A 225 40.74 23.65 31.32
C ALA A 225 40.97 22.19 31.68
N ASP A 226 41.93 21.90 32.55
CA ASP A 226 42.24 20.53 32.98
C ASP A 226 41.87 20.40 34.46
N GLU A 227 40.64 19.93 34.72
CA GLU A 227 40.18 19.74 36.08
C GLU A 227 39.50 18.40 36.33
N LEU A 228 39.42 17.52 35.33
CA LEU A 228 38.80 16.20 35.44
C LEU A 228 37.29 16.31 35.53
N ALA A 229 36.78 17.54 35.70
CA ALA A 229 35.36 17.82 35.59
C ALA A 229 35.06 18.76 34.44
N VAL A 230 36.01 19.62 34.07
CA VAL A 230 35.88 20.41 32.85
C VAL A 230 36.05 19.50 31.63
N VAL A 231 37.02 18.58 31.68
CA VAL A 231 37.23 17.66 30.57
C VAL A 231 36.09 16.66 30.47
N TRP A 232 35.64 16.13 31.62
CA TRP A 232 34.58 15.12 31.61
C TRP A 232 33.28 15.68 31.06
N HIS A 233 33.07 16.98 31.16
CA HIS A 233 31.88 17.64 30.64
C HIS A 233 32.09 18.23 29.26
N TYR A 234 33.21 17.92 28.61
CA TYR A 234 33.54 18.39 27.27
C TYR A 234 33.69 19.92 27.23
N ASP A 235 34.08 20.51 28.35
CA ASP A 235 34.47 21.91 28.37
C ASP A 235 35.96 22.02 28.07
N GLY A 236 36.53 23.20 28.27
CA GLY A 236 37.95 23.38 28.05
C GLY A 236 38.27 23.49 26.58
N TYR A 237 39.23 22.69 26.11
CA TYR A 237 39.60 22.75 24.70
C TYR A 237 38.56 22.09 23.81
N LEU A 238 37.86 21.06 24.31
CA LEU A 238 36.87 20.36 23.50
C LEU A 238 35.74 21.29 23.08
N ARG A 239 35.39 22.27 23.92
CA ARG A 239 34.34 23.21 23.57
C ARG A 239 34.73 24.06 22.36
N TYR A 240 36.00 24.40 22.24
CA TYR A 240 36.51 25.21 21.14
C TYR A 240 37.17 24.35 20.07
N SER A 241 36.60 23.18 19.83
CA SER A 241 37.06 22.20 18.86
C SER A 241 36.04 22.01 17.75
N PRO A 242 36.45 21.50 16.58
CA PRO A 242 35.49 21.31 15.48
C PRO A 242 34.34 20.39 15.80
N LEU A 243 34.38 19.78 17.00
CA LEU A 243 33.34 18.85 17.41
C LEU A 243 32.00 19.54 17.66
N PHE A 244 31.99 20.87 17.82
CA PHE A 244 30.79 21.57 18.23
C PHE A 244 30.43 22.68 17.23
N TYR A 245 29.15 23.03 17.25
CA TYR A 245 28.59 23.96 16.27
C TYR A 245 29.19 25.35 16.37
N GLY A 246 29.36 25.86 17.60
CA GLY A 246 29.80 27.23 17.79
C GLY A 246 31.22 27.52 17.36
N TYR A 247 32.00 26.49 17.05
CA TYR A 247 33.39 26.69 16.65
C TYR A 247 33.53 27.22 15.24
N TYR A 248 32.50 27.09 14.40
CA TYR A 248 32.62 27.35 12.98
C TYR A 248 32.27 28.80 12.67
N SER A 249 33.07 29.42 11.80
CA SER A 249 32.92 30.83 11.47
C SER A 249 31.72 31.05 10.57
N ASP A 250 31.17 32.26 10.64
CA ASP A 250 30.00 32.66 9.87
C ASP A 250 30.37 33.48 8.64
N ASP A 251 31.64 33.52 8.28
CA ASP A 251 32.04 34.24 7.07
C ASP A 251 31.36 33.62 5.86
N PRO A 252 30.75 34.42 4.99
CA PRO A 252 30.02 33.83 3.85
C PRO A 252 30.89 33.00 2.92
N PHE A 253 32.18 33.33 2.80
CA PHE A 253 33.07 32.62 1.91
C PHE A 253 34.37 32.28 2.64
N LEU A 254 34.93 31.11 2.31
CA LEU A 254 36.18 30.69 2.93
C LEU A 254 37.33 31.62 2.57
N GLY A 255 37.37 32.07 1.32
CA GLY A 255 38.43 32.98 0.90
C GLY A 255 38.30 33.31 -0.57
N ASN A 256 39.26 34.09 -1.04
CA ASN A 256 39.31 34.47 -2.45
C ASN A 256 39.84 33.31 -3.29
N LYS A 257 39.48 33.35 -4.59
CA LYS A 257 39.93 32.39 -5.59
C LYS A 257 39.33 31.00 -5.35
N ILE A 258 38.54 30.86 -4.28
CA ILE A 258 37.84 29.62 -3.98
C ILE A 258 36.34 29.87 -3.79
N LYS A 259 35.98 30.78 -2.89
CA LYS A 259 34.59 31.17 -2.64
C LYS A 259 33.73 29.97 -2.26
N TYR A 260 34.07 29.38 -1.11
CA TYR A 260 33.35 28.25 -0.56
C TYR A 260 32.43 28.74 0.56
N ALA A 261 31.12 28.59 0.36
CA ALA A 261 30.14 29.04 1.33
C ALA A 261 29.99 27.99 2.41
N LEU A 262 30.51 28.27 3.60
CA LEU A 262 30.52 27.27 4.67
C LEU A 262 29.16 27.13 5.37
N PRO A 263 28.43 28.21 5.68
CA PRO A 263 27.09 28.02 6.27
C PRO A 263 26.15 27.21 5.38
N LEU A 264 26.20 27.46 4.06
CA LEU A 264 25.40 26.66 3.14
C LEU A 264 25.85 25.20 3.14
N ALA A 265 27.17 24.98 3.22
CA ALA A 265 27.66 23.61 3.32
C ALA A 265 27.16 22.94 4.59
N TYR A 266 27.14 23.68 5.70
CA TYR A 266 26.63 23.15 6.97
C TYR A 266 25.17 22.73 6.85
N PHE A 267 24.32 23.63 6.34
CA PHE A 267 22.91 23.31 6.20
C PHE A 267 22.70 22.14 5.26
N MET A 268 23.39 22.14 4.12
CA MET A 268 23.20 21.09 3.13
C MET A 268 23.72 19.75 3.62
N VAL A 269 24.80 19.75 4.40
CA VAL A 269 25.32 18.50 4.94
C VAL A 269 24.37 17.93 5.99
N THR A 270 23.81 18.78 6.85
CA THR A 270 22.85 18.30 7.82
C THR A 270 21.60 17.72 7.13
N LEU A 271 21.15 18.37 6.05
CA LEU A 271 20.03 17.82 5.29
C LEU A 271 20.40 16.50 4.61
N THR A 272 21.59 16.45 3.99
CA THR A 272 22.02 15.29 3.24
C THR A 272 22.22 14.07 4.12
N ILE A 273 22.68 14.27 5.35
CA ILE A 273 22.87 13.13 6.25
C ILE A 273 21.55 12.46 6.56
N PHE A 274 20.52 13.25 6.87
CA PHE A 274 19.20 12.68 7.12
C PHE A 274 18.62 12.04 5.88
N ALA A 275 18.79 12.68 4.72
CA ALA A 275 18.29 12.10 3.47
C ALA A 275 18.96 10.76 3.18
N TYR A 276 20.28 10.69 3.37
CA TYR A 276 21.01 9.45 3.11
C TYR A 276 20.66 8.38 4.13
N SER A 277 20.42 8.76 5.39
CA SER A 277 19.99 7.78 6.38
C SER A 277 18.66 7.16 5.99
N PHE A 278 17.69 8.01 5.60
CA PHE A 278 16.41 7.50 5.12
C PHE A 278 16.60 6.59 3.91
N PHE A 279 17.43 7.03 2.96
CA PHE A 279 17.62 6.27 1.73
C PHE A 279 18.26 4.91 1.99
N ALA A 280 19.29 4.87 2.85
CA ALA A 280 19.96 3.61 3.14
C ALA A 280 19.06 2.66 3.92
N ILE A 281 18.34 3.17 4.91
CA ILE A 281 17.44 2.30 5.67
C ILE A 281 16.36 1.72 4.75
N LEU A 282 15.79 2.56 3.88
CA LEU A 282 14.72 2.11 3.01
C LEU A 282 15.24 1.15 1.94
N ARG A 283 16.45 1.40 1.43
CA ARG A 283 17.04 0.48 0.46
C ARG A 283 17.33 -0.88 1.08
N LYS A 284 17.85 -0.90 2.31
CA LYS A 284 18.05 -2.17 3.00
C LYS A 284 16.72 -2.89 3.22
N MET A 285 15.69 -2.14 3.63
CA MET A 285 14.38 -2.73 3.87
C MET A 285 13.82 -3.33 2.57
N ALA A 286 13.95 -2.60 1.46
CA ALA A 286 13.45 -3.10 0.19
C ALA A 286 14.22 -4.32 -0.28
N ALA A 287 15.54 -4.33 -0.12
CA ALA A 287 16.34 -5.48 -0.51
C ALA A 287 15.99 -6.70 0.32
N ASN A 288 15.70 -6.50 1.61
CA ASN A 288 15.35 -7.63 2.47
C ASN A 288 13.92 -8.11 2.24
N ALA A 289 13.02 -7.24 1.78
CA ALA A 289 11.63 -7.64 1.60
C ALA A 289 11.33 -8.16 0.21
N ARG A 290 11.92 -7.58 -0.83
CA ARG A 290 11.59 -7.96 -2.19
C ARG A 290 12.21 -9.30 -2.58
N MET A 291 13.25 -9.73 -1.89
CA MET A 291 13.93 -10.98 -2.23
C MET A 291 13.80 -12.03 -1.11
N SER A 292 14.23 -11.68 0.10
CA SER A 292 14.31 -12.66 1.17
C SER A 292 12.91 -13.08 1.63
N LYS A 293 12.09 -12.11 2.04
CA LYS A 293 10.79 -12.39 2.63
C LYS A 293 9.63 -12.07 1.69
N LEU A 294 9.90 -12.01 0.39
CA LEU A 294 8.81 -11.82 -0.57
C LEU A 294 7.86 -13.01 -0.56
N SER A 295 8.41 -14.22 -0.66
CA SER A 295 7.58 -15.42 -0.59
C SER A 295 7.22 -15.76 0.85
N GLY A 296 7.92 -15.16 1.82
CA GLY A 296 7.67 -15.45 3.22
C GLY A 296 6.36 -14.91 3.73
N SER A 297 5.71 -14.02 2.97
CA SER A 297 4.42 -13.49 3.38
C SER A 297 3.30 -14.45 3.01
N LYS A 298 2.11 -14.17 3.54
CA LYS A 298 0.90 -14.94 3.25
C LYS A 298 1.06 -16.41 3.66
N ALA A 299 1.52 -16.64 4.88
CA ALA A 299 1.67 -17.99 5.41
C ALA A 299 0.54 -18.30 6.39
N GLU A 300 0.07 -19.55 6.35
CA GLU A 300 -1.07 -19.97 7.16
C GLU A 300 -0.76 -21.31 7.82
N GLN A 301 -0.82 -21.33 9.15
CA GLN A 301 -0.61 -22.53 9.96
C GLN A 301 0.76 -23.12 9.62
N TYR A 302 0.85 -24.35 9.12
CA TYR A 302 2.12 -25.02 8.84
C TYR A 302 3.01 -25.03 10.08
N ILE A 303 2.56 -25.72 11.13
CA ILE A 303 3.30 -25.75 12.38
C ILE A 303 4.42 -26.79 12.29
N PHE A 304 4.05 -28.06 12.11
CA PHE A 304 5.02 -29.14 12.19
C PHE A 304 6.10 -29.03 11.13
N ASN A 305 5.72 -28.68 9.90
CA ASN A 305 6.71 -28.56 8.83
C ASN A 305 7.69 -27.44 9.12
N TRP A 306 7.21 -26.31 9.65
CA TRP A 306 8.11 -25.23 10.02
C TRP A 306 9.06 -25.64 11.13
N LYS A 307 8.54 -26.33 12.16
CA LYS A 307 9.38 -26.73 13.28
C LYS A 307 10.28 -27.91 12.97
N LEU A 308 10.09 -28.57 11.83
CA LEU A 308 10.91 -29.72 11.47
C LEU A 308 11.91 -29.43 10.36
N PHE A 309 11.45 -28.87 9.23
CA PHE A 309 12.36 -28.65 8.12
C PHE A 309 13.28 -27.46 8.37
N THR A 310 12.84 -26.50 9.19
CA THR A 310 13.68 -25.39 9.63
C THR A 310 13.99 -25.53 11.11
N GLY A 311 14.23 -26.75 11.56
CA GLY A 311 14.51 -27.01 12.96
C GLY A 311 15.98 -27.11 13.28
N TRP A 312 16.83 -27.20 12.26
CA TRP A 312 18.27 -27.31 12.44
C TRP A 312 18.95 -26.09 11.87
N ASP A 313 19.78 -25.44 12.68
CA ASP A 313 20.61 -24.33 12.21
C ASP A 313 21.86 -24.88 11.55
N TYR A 314 22.02 -24.62 10.26
CA TYR A 314 23.15 -25.19 9.53
C TYR A 314 24.46 -24.50 9.82
N THR A 315 24.44 -23.31 10.44
CA THR A 315 25.67 -22.60 10.76
C THR A 315 26.40 -23.23 11.94
N ILE A 316 25.68 -23.88 12.86
CA ILE A 316 26.27 -24.34 14.10
C ILE A 316 27.30 -25.43 13.82
N GLY A 317 28.51 -25.22 14.34
CA GLY A 317 29.58 -26.18 14.22
C GLY A 317 30.20 -26.53 15.56
N ASN A 318 29.41 -26.45 16.62
CA ASN A 318 29.85 -26.77 17.97
C ASN A 318 29.10 -27.98 18.49
N SER A 319 29.81 -28.84 19.23
CA SER A 319 29.20 -30.07 19.74
C SER A 319 28.11 -29.77 20.78
N GLU A 320 28.44 -28.94 21.77
CA GLU A 320 27.48 -28.65 22.83
C GLU A 320 26.28 -27.88 22.30
N THR A 321 26.51 -26.93 21.39
CA THR A 321 25.41 -26.21 20.77
C THR A 321 24.54 -27.14 19.94
N ALA A 322 25.15 -28.12 19.26
CA ALA A 322 24.38 -29.09 18.49
C ALA A 322 23.50 -29.95 19.40
N SER A 323 24.05 -30.41 20.52
CA SER A 323 23.24 -31.17 21.47
C SER A 323 22.10 -30.32 22.03
N ASN A 324 22.39 -29.05 22.33
CA ASN A 324 21.37 -28.13 22.81
C ASN A 324 20.26 -27.97 21.76
N THR A 325 20.64 -27.84 20.49
CA THR A 325 19.66 -27.70 19.42
C THR A 325 18.81 -28.95 19.28
N VAL A 326 19.42 -30.13 19.41
CA VAL A 326 18.66 -31.37 19.34
C VAL A 326 17.64 -31.43 20.47
N MET A 327 18.06 -31.09 21.68
CA MET A 327 17.14 -31.06 22.81
C MET A 327 16.02 -30.06 22.58
N ALA A 328 16.35 -28.89 22.02
CA ALA A 328 15.34 -27.87 21.75
C ALA A 328 14.32 -28.36 20.73
N VAL A 329 14.78 -29.05 19.70
CA VAL A 329 13.85 -29.58 18.69
C VAL A 329 12.93 -30.63 19.32
N VAL A 330 13.50 -31.52 20.13
CA VAL A 330 12.68 -32.52 20.80
C VAL A 330 11.62 -31.85 21.68
N ILE A 331 12.04 -30.83 22.43
CA ILE A 331 11.11 -30.04 23.24
C ILE A 331 9.98 -29.49 22.35
N LYS A 332 10.36 -28.68 21.36
CA LYS A 332 9.37 -28.01 20.51
C LYS A 332 8.35 -29.00 19.96
N LEU A 333 8.82 -30.15 19.45
CA LEU A 333 7.89 -31.15 18.92
C LEU A 333 7.01 -31.73 20.02
N ARG A 334 7.58 -31.98 21.21
CA ARG A 334 6.82 -32.63 22.26
C ARG A 334 5.67 -31.76 22.75
N GLU A 335 5.94 -30.51 23.10
CA GLU A 335 4.80 -29.65 23.44
C GLU A 335 3.95 -29.26 22.24
N SER A 336 4.47 -29.35 21.01
CA SER A 336 3.60 -29.16 19.86
C SER A 336 2.50 -30.22 19.83
N ILE A 337 2.89 -31.49 19.91
CA ILE A 337 1.90 -32.56 19.89
C ILE A 337 1.04 -32.51 21.16
N ALA A 338 1.64 -32.14 22.30
CA ALA A 338 0.88 -32.06 23.53
C ALA A 338 -0.22 -31.00 23.45
N ASP A 339 0.09 -29.83 22.89
CA ASP A 339 -0.89 -28.77 22.77
C ASP A 339 -1.94 -29.11 21.72
N ILE A 340 -1.53 -29.75 20.62
CA ILE A 340 -2.48 -30.04 19.56
C ILE A 340 -3.39 -31.20 19.96
N LYS A 341 -2.95 -32.01 20.94
CA LYS A 341 -3.72 -33.16 21.37
C LYS A 341 -4.99 -32.79 22.13
N LYS A 342 -4.84 -32.15 23.29
CA LYS A 342 -5.99 -31.90 24.15
C LYS A 342 -6.89 -30.82 23.57
N ASP A 343 -6.32 -29.69 23.15
CA ASP A 343 -7.07 -28.55 22.65
C ASP A 343 -8.10 -28.05 23.66
N ALA A 344 -7.89 -28.38 24.93
CA ALA A 344 -8.80 -27.97 26.00
C ALA A 344 -8.14 -26.88 26.84
N HIS A 345 -8.83 -25.74 26.95
CA HIS A 345 -8.31 -24.58 27.68
C HIS A 345 -9.39 -24.08 28.64
N GLY A 346 -9.46 -24.68 29.83
CA GLY A 346 -10.35 -24.20 30.86
C GLY A 346 -9.66 -24.03 32.20
N LYS A 347 -9.57 -22.78 32.65
CA LYS A 347 -8.94 -22.46 33.94
C LYS A 347 -9.17 -21.00 34.29
N PHE A 348 -9.45 -20.72 35.56
CA PHE A 348 -9.59 -19.34 36.02
C PHE A 348 -9.28 -19.24 37.51
N ARG A 349 -8.08 -18.77 37.84
CA ARG A 349 -7.65 -18.59 39.22
C ARG A 349 -7.59 -17.10 39.51
N LEU A 350 -8.28 -16.67 40.57
CA LEU A 350 -8.29 -15.25 40.92
C LEU A 350 -6.90 -14.78 41.34
N LEU A 351 -6.11 -15.67 41.95
CA LEU A 351 -4.76 -15.33 42.36
C LEU A 351 -3.88 -14.96 41.18
N GLN A 352 -3.95 -15.76 40.11
CA GLN A 352 -3.15 -15.49 38.92
C GLN A 352 -3.54 -14.17 38.26
N PHE A 353 -4.85 -13.91 38.15
CA PHE A 353 -5.31 -12.65 37.56
C PHE A 353 -4.90 -11.47 38.43
N SER A 354 -4.99 -11.61 39.75
CA SER A 354 -4.55 -10.54 40.64
C SER A 354 -3.05 -10.29 40.50
N LEU A 355 -2.25 -11.35 40.38
CA LEU A 355 -0.82 -11.16 40.17
C LEU A 355 -0.54 -10.47 38.85
N ARG A 356 -1.28 -10.83 37.80
CA ARG A 356 -1.07 -10.21 36.49
C ARG A 356 -1.41 -8.72 36.52
N VAL A 357 -2.55 -8.37 37.14
CA VAL A 357 -2.92 -6.96 37.19
C VAL A 357 -1.98 -6.18 38.10
N PHE A 358 -1.49 -6.80 39.19
CA PHE A 358 -0.50 -6.14 40.04
C PHE A 358 0.79 -5.89 39.28
N ALA A 359 1.21 -6.86 38.46
CA ALA A 359 2.41 -6.66 37.64
C ALA A 359 2.21 -5.53 36.64
N ASN A 360 1.07 -5.50 35.97
CA ASN A 360 0.80 -4.45 34.99
C ASN A 360 0.68 -3.08 35.64
N ILE A 361 0.25 -3.02 36.90
CA ILE A 361 0.18 -1.75 37.60
C ILE A 361 1.56 -1.28 38.04
N ILE A 362 2.37 -2.20 38.61
CA ILE A 362 3.69 -1.80 39.07
C ILE A 362 4.59 -1.43 37.89
N ILE A 363 4.36 -2.01 36.72
CA ILE A 363 5.16 -1.64 35.55
C ILE A 363 4.86 -0.20 35.13
N CYS A 364 3.58 0.17 35.11
CA CYS A 364 3.23 1.56 34.80
C CYS A 364 3.74 2.50 35.89
N ALA A 365 3.74 2.05 37.14
CA ALA A 365 4.31 2.86 38.21
C ALA A 365 5.79 3.11 37.98
N MET A 366 6.52 2.08 37.55
CA MET A 366 7.94 2.25 37.25
C MET A 366 8.15 3.18 36.05
N LEU A 367 7.27 3.11 35.05
CA LEU A 367 7.37 4.04 33.92
C LEU A 367 7.16 5.49 34.38
N GLY A 368 6.16 5.72 35.23
CA GLY A 368 5.97 7.06 35.76
C GLY A 368 7.14 7.52 36.61
N PHE A 369 7.73 6.61 37.38
CA PHE A 369 8.93 6.94 38.14
C PHE A 369 10.07 7.32 37.21
N SER A 370 10.20 6.62 36.07
CA SER A 370 11.22 6.97 35.10
C SER A 370 11.01 8.38 34.55
N ILE A 371 9.76 8.72 34.21
CA ILE A 371 9.47 10.06 33.71
C ILE A 371 9.82 11.11 34.76
N TYR A 372 9.40 10.89 36.01
CA TYR A 372 9.64 11.87 37.05
C TYR A 372 11.12 12.02 37.34
N CYS A 373 11.86 10.91 37.34
CA CYS A 373 13.30 10.98 37.57
C CYS A 373 14.00 11.73 36.45
N ILE A 374 13.62 11.49 35.19
CA ILE A 374 14.25 12.21 34.08
C ILE A 374 13.98 13.70 34.18
N ILE A 375 12.72 14.06 34.47
CA ILE A 375 12.36 15.48 34.57
C ILE A 375 13.12 16.14 35.71
N PHE A 376 13.18 15.48 36.87
CA PHE A 376 13.89 16.03 38.01
C PHE A 376 15.38 16.19 37.71
N ALA A 377 15.98 15.20 37.03
CA ALA A 377 17.39 15.26 36.71
C ALA A 377 17.70 16.42 35.77
N VAL A 378 16.83 16.63 34.78
CA VAL A 378 17.04 17.76 33.87
C VAL A 378 16.85 19.09 34.60
N GLN A 379 15.81 19.17 35.44
CA GLN A 379 15.52 20.42 36.14
C GLN A 379 16.64 20.82 37.09
N LYS A 380 17.15 19.86 37.86
CA LYS A 380 18.13 20.17 38.89
C LYS A 380 19.46 20.65 38.32
N SER A 381 19.70 20.41 37.03
CA SER A 381 20.90 20.91 36.37
C SER A 381 20.65 22.30 35.79
N GLN A 382 20.35 23.22 36.70
CA GLN A 382 19.95 24.58 36.34
C GLN A 382 21.11 25.57 36.29
N VAL A 383 22.34 25.10 36.47
CA VAL A 383 23.51 25.98 36.54
C VAL A 383 24.20 26.00 35.19
N GLN A 384 24.61 27.18 34.75
CA GLN A 384 25.41 27.36 33.54
C GLN A 384 26.85 27.71 33.84
N ASP A 385 27.08 28.59 34.82
CA ASP A 385 28.42 28.86 35.29
C ASP A 385 28.94 27.70 36.14
N ASP A 386 30.24 27.66 36.34
CA ASP A 386 30.87 26.56 37.06
C ASP A 386 30.65 26.70 38.57
N GLY A 387 29.40 26.62 39.01
CA GLY A 387 29.14 26.55 40.44
C GLY A 387 29.55 25.22 41.04
N ASN A 388 29.21 24.13 40.36
CA ASN A 388 29.57 22.78 40.79
C ASN A 388 29.36 21.83 39.61
N LEU A 389 30.26 20.86 39.48
CA LEU A 389 30.23 19.91 38.38
C LEU A 389 30.06 18.47 38.81
N PHE A 390 30.24 18.16 40.09
CA PHE A 390 29.95 16.81 40.58
C PHE A 390 28.45 16.54 40.66
N THR A 391 27.61 17.57 40.52
CA THR A 391 26.17 17.44 40.58
C THR A 391 25.49 17.79 39.25
N LYS A 392 26.17 18.54 38.38
CA LYS A 392 25.62 18.80 37.05
C LYS A 392 25.54 17.55 36.19
N ASN A 393 26.51 16.66 36.30
CA ASN A 393 26.53 15.42 35.52
C ASN A 393 25.69 14.36 36.22
N GLN A 394 24.38 14.51 36.11
CA GLN A 394 23.48 13.52 36.69
C GLN A 394 22.39 13.09 35.71
N VAL A 395 22.05 13.93 34.74
CA VAL A 395 21.09 13.51 33.71
C VAL A 395 21.62 12.38 32.83
N PRO A 396 22.87 12.38 32.34
CA PRO A 396 23.32 11.20 31.59
C PRO A 396 23.37 9.95 32.45
N SER A 397 23.79 10.09 33.71
CA SER A 397 23.82 8.95 34.61
C SER A 397 22.42 8.40 34.87
N VAL A 398 21.45 9.29 35.09
CA VAL A 398 20.09 8.86 35.36
C VAL A 398 19.49 8.16 34.14
N VAL A 399 19.67 8.76 32.96
CA VAL A 399 19.11 8.16 31.75
C VAL A 399 19.75 6.80 31.49
N SER A 400 21.08 6.72 31.62
CA SER A 400 21.76 5.45 31.39
C SER A 400 21.35 4.39 32.40
N THR A 401 21.22 4.79 33.67
CA THR A 401 20.81 3.84 34.69
C THR A 401 19.41 3.29 34.41
N ILE A 402 18.48 4.18 34.07
CA ILE A 402 17.12 3.73 33.77
C ILE A 402 17.15 2.77 32.57
N THR A 403 17.80 3.19 31.48
CA THR A 403 17.80 2.40 30.27
C THR A 403 18.43 1.03 30.48
N HIS A 404 19.52 0.97 31.25
CA HIS A 404 20.27 -0.27 31.39
C HIS A 404 19.82 -1.14 32.55
N VAL A 405 18.98 -0.64 33.45
CA VAL A 405 18.55 -1.41 34.60
C VAL A 405 17.08 -1.82 34.51
N PHE A 406 16.21 -0.92 34.03
CA PHE A 406 14.78 -1.22 34.03
C PHE A 406 14.41 -2.48 33.25
N PRO A 407 15.02 -2.79 32.10
CA PRO A 407 14.69 -4.07 31.43
C PRO A 407 14.89 -5.30 32.31
N MET A 408 15.90 -5.32 33.19
CA MET A 408 16.06 -6.45 34.09
C MET A 408 14.87 -6.60 35.01
N ILE A 409 14.38 -5.50 35.58
CA ILE A 409 13.21 -5.55 36.43
C ILE A 409 11.98 -5.95 35.61
N PHE A 410 11.91 -5.50 34.36
CA PHE A 410 10.81 -5.90 33.48
C PHE A 410 10.79 -7.41 33.32
N ASP A 411 11.96 -8.00 33.09
CA ASP A 411 12.03 -9.46 32.93
C ASP A 411 11.70 -10.18 34.22
N LEU A 412 12.11 -9.64 35.36
CA LEU A 412 11.76 -10.25 36.64
C LEU A 412 10.25 -10.26 36.86
N ILE A 413 9.60 -9.12 36.59
CA ILE A 413 8.14 -9.04 36.74
C ILE A 413 7.45 -9.95 35.72
N GLY A 414 8.01 -10.07 34.51
CA GLY A 414 7.46 -11.00 33.54
C GLY A 414 7.57 -12.44 33.98
N LYS A 415 8.69 -12.80 34.60
CA LYS A 415 8.84 -14.14 35.17
C LYS A 415 7.81 -14.38 36.26
N MET A 416 7.58 -13.38 37.12
CA MET A 416 6.52 -13.50 38.12
C MET A 416 5.15 -13.63 37.47
N GLU A 417 4.96 -13.02 36.30
CA GLU A 417 3.65 -13.04 35.65
C GLU A 417 3.29 -14.44 35.15
N ASN A 418 4.30 -15.20 34.73
CA ASN A 418 4.13 -16.59 34.28
C ASN A 418 3.18 -16.67 33.07
N TYR A 419 3.61 -16.08 31.97
CA TYR A 419 2.92 -16.19 30.69
C TYR A 419 3.63 -17.26 29.84
N HIS A 420 3.11 -17.45 28.63
CA HIS A 420 3.81 -18.28 27.66
C HIS A 420 5.11 -17.58 27.24
N PRO A 421 6.17 -18.34 26.99
CA PRO A 421 7.46 -17.70 26.69
C PRO A 421 7.41 -16.74 25.51
N ARG A 422 6.68 -17.06 24.44
CA ARG A 422 6.64 -16.17 23.29
C ARG A 422 5.87 -14.89 23.61
N THR A 423 4.69 -15.01 24.24
CA THR A 423 3.95 -13.81 24.59
C THR A 423 4.65 -13.04 25.69
N ALA A 424 5.37 -13.72 26.59
CA ALA A 424 6.15 -13.00 27.60
C ALA A 424 7.27 -12.19 26.94
N LEU A 425 7.96 -12.77 25.97
CA LEU A 425 9.01 -12.04 25.27
C LEU A 425 8.43 -10.87 24.49
N ARG A 426 7.28 -11.07 23.84
CA ARG A 426 6.64 -9.97 23.11
C ARG A 426 6.23 -8.84 24.05
N ALA A 427 5.67 -9.19 25.21
CA ALA A 427 5.28 -8.16 26.18
C ALA A 427 6.50 -7.43 26.72
N HIS A 428 7.58 -8.15 27.00
CA HIS A 428 8.80 -7.51 27.48
C HIS A 428 9.37 -6.55 26.44
N LEU A 429 9.39 -6.98 25.17
CA LEU A 429 9.88 -6.10 24.11
C LEU A 429 9.00 -4.86 23.97
N GLY A 430 7.68 -5.04 24.05
CA GLY A 430 6.79 -3.91 23.95
C GLY A 430 6.98 -2.92 25.09
N ARG A 431 7.13 -3.44 26.31
CA ARG A 431 7.35 -2.56 27.47
C ARG A 431 8.68 -1.83 27.35
N VAL A 432 9.74 -2.51 26.89
CA VAL A 432 11.02 -1.85 26.71
C VAL A 432 10.93 -0.76 25.64
N LEU A 433 10.24 -1.03 24.54
CA LEU A 433 10.06 -0.03 23.50
C LEU A 433 9.29 1.17 24.01
N ILE A 434 8.22 0.93 24.79
CA ILE A 434 7.45 2.03 25.34
C ILE A 434 8.30 2.86 26.29
N LEU A 435 9.08 2.19 27.14
CA LEU A 435 9.95 2.91 28.07
C LEU A 435 10.96 3.77 27.31
N TYR A 436 11.57 3.21 26.27
CA TYR A 436 12.58 3.96 25.51
C TYR A 436 11.96 5.17 24.83
N THR A 437 10.82 4.98 24.17
CA THR A 437 10.18 6.10 23.46
C THR A 437 9.73 7.18 24.43
N VAL A 438 9.13 6.79 25.56
CA VAL A 438 8.65 7.76 26.53
C VAL A 438 9.82 8.53 27.13
N ASN A 439 10.90 7.83 27.48
CA ASN A 439 12.07 8.49 28.04
C ASN A 439 12.67 9.47 27.04
N TYR A 440 12.77 9.07 25.77
CA TYR A 440 13.34 9.95 24.77
C TYR A 440 12.47 11.20 24.58
N ILE A 441 11.15 11.02 24.56
CA ILE A 441 10.24 12.16 24.37
C ILE A 441 10.34 13.12 25.54
N THR A 442 10.31 12.60 26.77
CA THR A 442 10.38 13.50 27.91
C THR A 442 11.74 14.16 28.03
N LEU A 443 12.81 13.47 27.63
CA LEU A 443 14.13 14.09 27.61
C LEU A 443 14.17 15.24 26.61
N ILE A 444 13.61 15.06 25.42
CA ILE A 444 13.57 16.15 24.44
C ILE A 444 12.77 17.32 24.97
N PHE A 445 11.60 17.05 25.56
CA PHE A 445 10.77 18.14 26.06
C PHE A 445 11.47 18.90 27.17
N ALA A 446 12.11 18.18 28.09
CA ALA A 446 12.81 18.84 29.19
C ALA A 446 13.99 19.66 28.68
N LEU A 447 14.75 19.12 27.72
CA LEU A 447 15.89 19.87 27.17
C LEU A 447 15.41 21.13 26.44
N PHE A 448 14.34 21.02 25.67
CA PHE A 448 13.82 22.18 24.95
C PHE A 448 13.31 23.24 25.92
N GLU A 449 12.59 22.83 26.97
CA GLU A 449 12.12 23.78 27.97
C GLU A 449 13.30 24.44 28.69
N LYS A 450 14.33 23.66 29.02
CA LYS A 450 15.50 24.23 29.68
C LYS A 450 16.20 25.24 28.78
N MET A 451 16.34 24.93 27.49
CA MET A 451 16.98 25.86 26.56
C MET A 451 16.16 27.13 26.43
N THR A 452 14.84 27.01 26.33
CA THR A 452 13.98 28.19 26.25
C THR A 452 14.11 29.06 27.50
N ALA A 453 14.09 28.42 28.68
CA ALA A 453 14.24 29.18 29.92
C ALA A 453 15.59 29.88 29.99
N LEU A 454 16.66 29.18 29.59
CA LEU A 454 17.99 29.78 29.63
C LEU A 454 18.08 30.97 28.67
N ARG A 455 17.53 30.84 27.47
CA ARG A 455 17.56 31.95 26.52
C ARG A 455 16.73 33.13 27.03
N ASP A 456 15.59 32.85 27.64
CA ASP A 456 14.76 33.93 28.19
C ASP A 456 15.48 34.64 29.33
N ARG A 457 16.15 33.88 30.20
CA ARG A 457 16.85 34.49 31.33
C ARG A 457 18.13 35.22 30.90
N VAL A 458 18.73 34.82 29.77
CA VAL A 458 19.94 35.50 29.31
C VAL A 458 19.65 36.96 28.95
N ASN A 459 18.52 37.22 28.30
CA ASN A 459 18.17 38.57 27.90
C ASN A 459 16.67 38.79 28.02
N ASN A 664 28.13 38.54 24.65
CA ASN A 664 28.03 37.71 25.84
C ASN A 664 26.84 36.75 25.75
N ASP A 665 26.27 36.65 24.56
CA ASP A 665 25.13 35.76 24.36
C ASP A 665 25.55 34.31 24.53
N ILE A 666 24.66 33.52 25.14
CA ILE A 666 24.94 32.11 25.40
C ILE A 666 24.89 31.33 24.09
N CYS A 667 25.40 30.11 24.13
CA CYS A 667 25.50 29.24 22.95
C CYS A 667 24.66 28.00 23.23
N TRP A 668 23.36 28.08 22.94
CA TRP A 668 22.48 26.96 23.27
C TRP A 668 22.71 25.77 22.35
N GLU A 669 23.17 26.00 21.11
CA GLU A 669 23.45 24.89 20.21
C GLU A 669 24.64 24.08 20.68
N THR A 670 25.73 24.75 21.05
CA THR A 670 26.88 24.05 21.58
C THR A 670 26.55 23.33 22.88
N ILE A 671 25.68 23.93 23.70
CA ILE A 671 25.29 23.30 24.95
C ILE A 671 24.47 22.04 24.70
N ILE A 672 23.54 22.09 23.75
CA ILE A 672 22.76 20.91 23.39
C ILE A 672 23.67 19.83 22.84
N GLY A 673 24.63 20.20 21.99
CA GLY A 673 25.59 19.24 21.49
C GLY A 673 26.39 18.60 22.61
N GLN A 674 26.81 19.39 23.59
CA GLN A 674 27.53 18.85 24.74
C GLN A 674 26.67 17.87 25.52
N GLU A 675 25.40 18.20 25.71
CA GLU A 675 24.51 17.28 26.43
C GLU A 675 24.39 15.95 25.71
N ILE A 676 24.20 15.99 24.39
CA ILE A 676 24.05 14.74 23.63
C ILE A 676 25.35 13.94 23.66
N VAL A 677 26.50 14.61 23.52
CA VAL A 677 27.77 13.90 23.51
C VAL A 677 28.02 13.26 24.88
N LYS A 678 27.69 13.96 25.96
CA LYS A 678 27.85 13.38 27.29
C LYS A 678 26.93 12.20 27.50
N LEU A 679 25.69 12.27 26.97
CA LEU A 679 24.79 11.13 27.05
C LEU A 679 25.37 9.92 26.34
N VAL A 680 25.91 10.13 25.15
CA VAL A 680 26.49 9.01 24.38
C VAL A 680 27.67 8.40 25.13
N THR A 681 28.56 9.25 25.65
CA THR A 681 29.73 8.74 26.36
C THR A 681 29.34 7.96 27.61
N MET A 682 28.41 8.49 28.41
CA MET A 682 27.99 7.79 29.61
C MET A 682 27.26 6.51 29.27
N ASP A 683 26.51 6.48 28.16
CA ASP A 683 25.88 5.24 27.73
C ASP A 683 26.92 4.18 27.40
N LEU A 684 28.01 4.58 26.73
CA LEU A 684 29.09 3.64 26.46
C LEU A 684 29.70 3.11 27.75
N ILE A 685 29.95 4.01 28.71
CA ILE A 685 30.55 3.59 29.98
C ILE A 685 29.63 2.61 30.70
N PHE A 686 28.32 2.89 30.72
CA PHE A 686 27.39 2.01 31.42
C PHE A 686 27.24 0.67 30.71
N THR A 687 27.29 0.65 29.38
CA THR A 687 27.26 -0.61 28.67
C THR A 687 28.48 -1.46 28.98
N ILE A 688 29.66 -0.83 29.05
CA ILE A 688 30.87 -1.57 29.39
C ILE A 688 30.77 -2.12 30.81
N LEU A 689 30.28 -1.30 31.75
CA LEU A 689 30.13 -1.77 33.12
C LEU A 689 29.13 -2.92 33.22
N SER A 690 28.02 -2.84 32.48
CA SER A 690 27.03 -3.91 32.49
C SER A 690 27.61 -5.19 31.92
N ILE A 691 28.40 -5.10 30.85
CA ILE A 691 29.05 -6.28 30.30
C ILE A 691 30.00 -6.88 31.32
N LEU A 692 30.78 -6.03 32.00
CA LEU A 692 31.74 -6.53 32.98
C LEU A 692 31.06 -7.21 34.17
N VAL A 693 29.93 -6.67 34.60
CA VAL A 693 29.31 -7.17 35.83
C VAL A 693 28.38 -8.35 35.53
N ILE A 694 27.45 -8.18 34.60
CA ILE A 694 26.42 -9.21 34.38
C ILE A 694 27.02 -10.46 33.74
N ASP A 695 27.99 -10.29 32.85
CA ASP A 695 28.53 -11.41 32.09
C ASP A 695 29.80 -12.00 32.71
N LEU A 696 30.81 -11.16 32.97
CA LEU A 696 32.10 -11.67 33.43
C LEU A 696 32.06 -12.07 34.90
N PHE A 697 31.72 -11.12 35.77
CA PHE A 697 31.79 -11.38 37.21
C PHE A 697 30.76 -12.41 37.64
N ARG A 698 29.56 -12.37 37.07
CA ARG A 698 28.55 -13.37 37.41
C ARG A 698 28.99 -14.76 36.96
N GLY A 699 29.58 -14.86 35.77
CA GLY A 699 30.07 -16.16 35.31
C GLY A 699 31.19 -16.69 36.20
N LEU A 700 32.12 -15.83 36.58
CA LEU A 700 33.19 -16.25 37.49
C LEU A 700 32.64 -16.68 38.84
N TRP A 701 31.66 -15.93 39.37
CA TRP A 701 31.06 -16.28 40.65
C TRP A 701 30.36 -17.62 40.58
N ILE A 702 29.62 -17.87 39.50
CA ILE A 702 28.94 -19.16 39.36
C ILE A 702 29.94 -20.29 39.22
N LYS A 703 31.00 -20.07 38.44
CA LYS A 703 31.98 -21.13 38.24
C LYS A 703 32.71 -21.48 39.54
N TYR A 704 33.12 -20.48 40.31
CA TYR A 704 34.00 -20.71 41.46
C TYR A 704 33.26 -20.71 42.80
N CYS A 705 31.94 -20.59 42.81
CA CYS A 705 31.22 -20.52 44.09
C CYS A 705 29.92 -21.32 44.13
N SER A 706 29.59 -22.08 43.08
CA SER A 706 28.34 -22.83 43.08
C SER A 706 28.42 -24.12 43.89
N SER A 707 29.62 -24.55 44.27
CA SER A 707 29.75 -25.80 45.01
C SER A 707 29.18 -25.67 46.42
N TRP A 708 29.43 -24.54 47.09
CA TRP A 708 29.11 -24.39 48.50
C TRP A 708 28.09 -23.28 48.75
N TRP A 709 27.39 -22.82 47.73
CA TRP A 709 26.45 -21.73 47.92
C TRP A 709 25.21 -22.21 48.68
N CYS A 710 24.42 -21.25 49.15
CA CYS A 710 23.21 -21.58 49.92
C CYS A 710 22.22 -22.36 49.07
N TRP A 711 22.10 -21.97 47.81
CA TRP A 711 21.22 -22.68 46.89
C TRP A 711 21.94 -22.93 45.59
N ASP A 712 21.45 -23.90 44.80
CA ASP A 712 22.11 -24.24 43.53
C ASP A 712 21.96 -23.15 42.49
N ILE A 713 22.86 -22.18 42.51
CA ILE A 713 22.78 -21.07 41.57
C ILE A 713 23.03 -21.48 40.12
N GLU A 714 23.83 -22.50 39.92
CA GLU A 714 24.17 -22.93 38.56
C GLU A 714 22.95 -23.43 37.81
N THR A 715 21.96 -23.97 38.52
CA THR A 715 20.70 -24.41 37.91
C THR A 715 19.50 -23.56 38.29
N THR A 716 19.66 -22.62 39.22
CA THR A 716 18.57 -21.76 39.66
C THR A 716 18.36 -20.58 38.73
N PHE A 717 17.63 -19.57 39.23
CA PHE A 717 17.29 -18.37 38.44
C PHE A 717 18.48 -17.72 37.74
N PRO A 718 19.63 -17.46 38.39
CA PRO A 718 20.77 -16.93 37.61
C PRO A 718 21.60 -18.06 37.02
N GLU A 719 21.11 -18.64 35.92
CA GLU A 719 21.66 -19.91 35.46
C GLU A 719 23.14 -19.81 35.06
N TYR A 720 23.44 -19.19 33.92
CA TYR A 720 24.84 -18.90 33.64
C TYR A 720 25.02 -17.61 32.84
N GLY A 721 23.93 -17.10 32.28
CA GLY A 721 24.04 -15.90 31.43
C GLY A 721 23.77 -16.27 29.99
N GLU A 722 23.00 -15.42 29.32
CA GLU A 722 22.61 -15.65 27.93
C GLU A 722 22.63 -14.34 27.17
N PHE A 723 22.82 -14.44 25.86
CA PHE A 723 22.76 -13.26 25.00
C PHE A 723 21.33 -12.79 24.84
N LYS A 724 21.15 -11.46 24.81
CA LYS A 724 19.86 -10.83 24.59
C LYS A 724 19.94 -10.04 23.28
N VAL A 725 19.51 -10.67 22.19
CA VAL A 725 19.64 -10.04 20.88
C VAL A 725 18.75 -8.81 20.78
N ALA A 726 17.50 -8.93 21.22
CA ALA A 726 16.54 -7.84 21.05
C ALA A 726 16.91 -6.62 21.87
N GLU A 727 17.29 -6.83 23.14
CA GLU A 727 17.66 -5.70 23.99
C GLU A 727 18.91 -5.00 23.46
N ASN A 728 19.89 -5.77 22.99
CA ASN A 728 21.11 -5.16 22.46
C ASN A 728 20.85 -4.40 21.17
N VAL A 729 19.98 -4.93 20.31
CA VAL A 729 19.61 -4.22 19.08
C VAL A 729 18.87 -2.93 19.42
N LEU A 730 18.03 -2.98 20.46
CA LEU A 730 17.35 -1.75 20.88
C LEU A 730 18.33 -0.74 21.45
N HIS A 731 19.38 -1.21 22.14
CA HIS A 731 20.45 -0.31 22.56
C HIS A 731 21.10 0.37 21.37
N ILE A 732 21.40 -0.40 20.32
CA ILE A 732 22.02 0.16 19.12
C ILE A 732 21.10 1.20 18.48
N ILE A 733 19.81 0.87 18.39
CA ILE A 733 18.85 1.78 17.75
C ILE A 733 18.71 3.06 18.55
N ASN A 734 18.63 2.95 19.88
CA ASN A 734 18.53 4.15 20.72
C ASN A 734 19.77 5.02 20.61
N ASN A 735 20.95 4.40 20.59
CA ASN A 735 22.18 5.19 20.44
C ASN A 735 22.23 5.88 19.09
N GLN A 736 21.82 5.20 18.03
CA GLN A 736 21.80 5.84 16.72
C GLN A 736 20.79 6.97 16.66
N GLY A 737 19.66 6.83 17.36
CA GLY A 737 18.72 7.94 17.44
C GLY A 737 19.31 9.13 18.16
N MET A 738 20.06 8.89 19.23
CA MET A 738 20.76 9.99 19.91
C MET A 738 21.77 10.65 19.00
N ILE A 739 22.46 9.87 18.17
CA ILE A 739 23.41 10.43 17.22
C ILE A 739 22.71 11.29 16.18
N TRP A 740 21.59 10.80 15.65
CA TRP A 740 20.85 11.57 14.65
C TRP A 740 20.30 12.86 15.23
N LEU A 741 19.84 12.81 16.48
CA LEU A 741 19.24 13.99 17.11
C LEU A 741 20.24 15.13 17.24
N GLY A 742 21.47 14.84 17.66
CA GLY A 742 22.44 15.85 17.99
C GLY A 742 23.59 16.04 17.03
N LEU A 743 23.49 15.58 15.78
CA LEU A 743 24.55 15.77 14.82
C LEU A 743 24.52 17.15 14.15
N PHE A 744 23.41 17.88 14.28
CA PHE A 744 23.38 19.25 13.77
C PHE A 744 24.18 20.19 14.66
N PHE A 745 24.17 19.94 15.97
CA PHE A 745 24.89 20.76 16.93
C PHE A 745 26.30 20.26 17.20
N ALA A 746 26.57 18.98 16.96
CA ALA A 746 27.90 18.38 17.13
C ALA A 746 28.29 17.72 15.82
N PRO A 747 29.01 18.43 14.94
CA PRO A 747 29.36 17.84 13.63
C PRO A 747 30.19 16.58 13.73
N LEU A 748 31.05 16.46 14.75
CA LEU A 748 31.91 15.29 14.92
C LEU A 748 31.34 14.29 15.92
N LEU A 749 30.02 14.17 15.99
CA LEU A 749 29.41 13.15 16.84
C LEU A 749 29.42 11.79 16.16
N PRO A 750 29.10 11.67 14.86
CA PRO A 750 29.31 10.38 14.19
C PRO A 750 30.75 9.90 14.20
N ALA A 751 31.72 10.82 14.15
CA ALA A 751 33.12 10.40 14.19
C ALA A 751 33.45 9.73 15.53
N ILE A 752 32.91 10.26 16.62
CA ILE A 752 33.06 9.63 17.92
C ILE A 752 32.28 8.32 17.98
N ASN A 753 31.09 8.31 17.38
CA ASN A 753 30.27 7.11 17.38
C ASN A 753 30.95 5.97 16.65
N ASN A 754 31.82 6.28 15.69
CA ASN A 754 32.59 5.23 15.03
C ASN A 754 33.43 4.44 16.03
N ILE A 755 34.21 5.15 16.85
CA ILE A 755 35.02 4.49 17.86
C ILE A 755 34.15 3.79 18.88
N LYS A 756 33.03 4.41 19.27
CA LYS A 756 32.14 3.77 20.22
C LYS A 756 31.59 2.45 19.68
N LEU A 757 31.21 2.43 18.41
CA LEU A 757 30.64 1.22 17.81
C LEU A 757 31.70 0.14 17.63
N ILE A 758 32.93 0.52 17.27
CA ILE A 758 34.00 -0.46 17.15
C ILE A 758 34.28 -1.10 18.50
N ILE A 759 34.37 -0.27 19.55
CA ILE A 759 34.59 -0.79 20.90
C ILE A 759 33.45 -1.71 21.30
N LEU A 760 32.22 -1.32 20.99
CA LEU A 760 31.06 -2.14 21.34
C LEU A 760 31.10 -3.47 20.63
N MET A 761 31.44 -3.49 19.35
CA MET A 761 31.54 -4.75 18.61
C MET A 761 32.56 -5.68 19.26
N TYR A 762 33.75 -5.14 19.56
CA TYR A 762 34.79 -6.00 20.13
C TYR A 762 34.41 -6.51 21.52
N ILE A 763 33.85 -5.64 22.36
CA ILE A 763 33.53 -6.05 23.73
C ILE A 763 32.37 -7.03 23.74
N ARG A 764 31.36 -6.83 22.88
CA ARG A 764 30.25 -7.77 22.81
C ARG A 764 30.72 -9.13 22.29
N GLY A 765 31.57 -9.14 21.26
CA GLY A 765 32.08 -10.41 20.76
C GLY A 765 32.85 -11.16 21.81
N TRP A 766 33.76 -10.47 22.52
CA TRP A 766 34.53 -11.13 23.57
C TRP A 766 33.62 -11.63 24.69
N ALA A 767 32.65 -10.83 25.10
CA ALA A 767 31.78 -11.22 26.20
C ALA A 767 30.95 -12.44 25.84
N VAL A 768 30.37 -12.46 24.64
CA VAL A 768 29.56 -13.61 24.25
C VAL A 768 30.43 -14.85 24.08
N MET A 769 31.66 -14.69 23.58
CA MET A 769 32.51 -15.85 23.38
C MET A 769 32.98 -16.43 24.71
N THR A 770 33.24 -15.58 25.71
CA THR A 770 33.89 -16.04 26.92
C THR A 770 32.93 -16.38 28.05
N CYS A 771 31.84 -15.61 28.21
CA CYS A 771 31.04 -15.69 29.42
C CYS A 771 29.64 -16.27 29.24
N ASN A 772 29.11 -16.29 28.03
CA ASN A 772 27.73 -16.68 27.80
C ASN A 772 27.63 -18.14 27.35
N VAL A 773 26.47 -18.74 27.60
CA VAL A 773 26.18 -20.09 27.16
C VAL A 773 25.05 -20.03 26.14
N PRO A 774 24.97 -20.96 25.19
CA PRO A 774 23.85 -20.94 24.25
C PRO A 774 22.54 -21.23 24.95
N ALA A 775 21.52 -20.43 24.62
CA ALA A 775 20.21 -20.61 25.22
C ALA A 775 19.60 -21.93 24.75
N ARG A 776 18.78 -22.52 25.63
CA ARG A 776 18.13 -23.78 25.27
C ARG A 776 17.24 -23.60 24.04
N GLU A 777 16.45 -22.53 24.02
CA GLU A 777 15.69 -22.17 22.83
C GLU A 777 15.43 -20.67 22.88
N ILE A 778 15.76 -19.98 21.80
CA ILE A 778 15.65 -18.52 21.73
C ILE A 778 14.62 -18.18 20.66
N PHE A 779 13.62 -17.39 21.04
CA PHE A 779 12.53 -17.02 20.15
C PHE A 779 12.80 -15.66 19.50
N ARG A 780 12.03 -15.36 18.47
CA ARG A 780 12.18 -14.12 17.73
C ARG A 780 10.89 -13.30 17.82
N ALA A 781 11.05 -11.97 17.76
CA ALA A 781 9.91 -11.08 17.94
C ALA A 781 8.89 -11.26 16.83
N SER A 782 9.33 -11.21 15.57
CA SER A 782 8.45 -11.48 14.44
C SER A 782 9.11 -12.40 13.42
N ARG A 783 10.27 -12.96 13.73
CA ARG A 783 11.01 -13.82 12.80
C ARG A 783 11.30 -13.12 11.49
N SER A 784 11.53 -11.81 11.53
CA SER A 784 11.83 -11.01 10.35
C SER A 784 13.06 -10.16 10.61
N SER A 785 13.82 -9.91 9.55
CA SER A 785 14.98 -9.03 9.62
C SER A 785 14.62 -7.56 9.49
N ASN A 786 13.40 -7.26 9.04
CA ASN A 786 12.95 -5.88 8.85
C ASN A 786 12.21 -5.34 10.06
N PHE A 787 12.05 -6.13 11.13
CA PHE A 787 11.46 -5.61 12.35
C PHE A 787 12.35 -4.52 12.96
N TYR A 788 13.63 -4.82 13.12
CA TYR A 788 14.56 -3.86 13.69
C TYR A 788 14.80 -2.69 12.74
N LEU A 789 14.80 -2.93 11.43
CA LEU A 789 14.93 -1.84 10.47
C LEU A 789 13.72 -0.92 10.53
N GLY A 790 12.52 -1.47 10.70
CA GLY A 790 11.34 -0.64 10.83
C GLY A 790 11.36 0.18 12.11
N ILE A 791 11.80 -0.43 13.21
CA ILE A 791 11.93 0.33 14.46
C ILE A 791 12.96 1.43 14.29
N LEU A 792 14.05 1.15 13.58
CA LEU A 792 15.07 2.17 13.34
C LEU A 792 14.53 3.30 12.48
N LEU A 793 13.71 2.99 11.47
CA LEU A 793 13.11 4.03 10.64
C LEU A 793 12.14 4.90 11.43
N ILE A 794 11.34 4.27 12.30
CA ILE A 794 10.46 5.05 13.16
C ILE A 794 11.27 5.95 14.09
N TRP A 795 12.38 5.44 14.61
CA TRP A 795 13.25 6.26 15.45
C TRP A 795 13.85 7.42 14.66
N LEU A 796 14.23 7.17 13.41
CA LEU A 796 14.77 8.23 12.57
C LEU A 796 13.74 9.34 12.34
N LEU A 797 12.48 8.96 12.09
CA LEU A 797 11.43 9.98 11.96
C LEU A 797 11.24 10.75 13.27
N LEU A 798 11.18 10.02 14.39
CA LEU A 798 11.00 10.64 15.68
C LEU A 798 12.13 11.60 16.01
N CYS A 799 13.33 11.33 15.52
CA CYS A 799 14.49 12.17 15.80
C CYS A 799 14.66 13.31 14.80
N THR A 800 14.13 13.16 13.58
CA THR A 800 14.17 14.26 12.62
C THR A 800 13.04 15.25 12.83
N LEU A 801 11.99 14.88 13.56
CA LEU A 801 10.95 15.86 13.87
C LEU A 801 11.47 17.05 14.68
N PRO A 802 12.15 16.87 15.83
CA PRO A 802 12.58 18.04 16.60
C PRO A 802 13.71 18.83 15.94
N VAL A 803 14.56 18.19 15.13
CA VAL A 803 15.56 18.94 14.40
C VAL A 803 14.91 19.87 13.38
N GLY A 804 13.91 19.37 12.68
CA GLY A 804 13.16 20.23 11.76
C GLY A 804 12.43 21.34 12.50
N PHE A 805 11.87 21.04 13.66
CA PHE A 805 11.21 22.08 14.45
C PHE A 805 12.20 23.14 14.89
N VAL A 806 13.39 22.72 15.31
CA VAL A 806 14.42 23.68 15.73
C VAL A 806 14.82 24.56 14.55
N ILE A 807 15.01 23.97 13.38
CA ILE A 807 15.44 24.74 12.22
C ILE A 807 14.36 25.73 11.79
N ALA A 808 13.09 25.29 11.78
CA ALA A 808 12.02 26.15 11.29
C ALA A 808 11.62 27.23 12.29
N SER A 809 11.63 26.91 13.59
CA SER A 809 11.09 27.81 14.61
C SER A 809 12.18 28.61 15.31
N MET A 810 13.17 27.94 15.88
CA MET A 810 14.13 28.61 16.75
C MET A 810 15.05 29.52 15.94
N SER A 811 15.62 30.52 16.63
CA SER A 811 16.52 31.49 16.04
C SER A 811 17.96 31.23 16.47
N PRO A 812 18.93 31.44 15.59
CA PRO A 812 20.32 31.14 15.96
C PRO A 812 20.85 32.11 17.00
N SER A 813 22.05 31.80 17.48
CA SER A 813 22.76 32.71 18.37
C SER A 813 23.57 33.70 17.56
N ARG A 814 23.71 34.91 18.10
CA ARG A 814 24.37 36.00 17.40
C ARG A 814 25.89 36.02 17.62
N SER A 815 26.41 35.08 18.42
CA SER A 815 27.85 34.98 18.65
C SER A 815 28.34 33.55 18.53
N CYS A 816 27.65 32.71 17.74
CA CYS A 816 27.99 31.31 17.63
C CYS A 816 27.68 30.78 16.24
N GLY A 817 28.52 29.86 15.78
CA GLY A 817 28.21 29.07 14.62
C GLY A 817 28.25 29.83 13.32
N PRO A 818 27.92 29.16 12.22
CA PRO A 818 27.94 29.80 10.90
C PRO A 818 26.68 30.55 10.56
N PHE A 819 25.62 30.43 11.36
CA PHE A 819 24.35 31.09 11.11
C PHE A 819 24.12 32.25 12.07
N ALA A 820 25.19 32.94 12.47
CA ALA A 820 25.06 34.04 13.41
C ALA A 820 24.62 35.34 12.75
N ARG A 821 24.58 35.40 11.42
CA ARG A 821 24.20 36.60 10.70
C ARG A 821 22.77 36.54 10.18
N TYR A 822 21.98 35.57 10.61
CA TYR A 822 20.64 35.38 10.10
C TYR A 822 19.64 35.28 11.24
N GLN A 823 18.39 35.62 10.95
CA GLN A 823 17.32 35.54 11.94
C GLN A 823 16.73 34.14 12.08
N HIS A 824 17.04 33.24 11.16
CA HIS A 824 16.58 31.86 11.23
C HIS A 824 17.71 30.96 10.74
N PHE A 825 17.51 29.65 10.91
CA PHE A 825 18.50 28.70 10.43
C PHE A 825 18.41 28.51 8.92
N TYR A 826 17.20 28.53 8.37
CA TYR A 826 16.98 28.25 6.96
C TYR A 826 17.26 29.45 6.06
N THR A 827 17.50 30.63 6.65
CA THR A 827 17.64 31.85 5.84
C THR A 827 18.75 31.71 4.82
N VAL A 828 19.88 31.13 5.21
CA VAL A 828 21.02 30.98 4.31
C VAL A 828 20.63 30.25 3.04
N VAL A 829 19.59 29.41 3.11
CA VAL A 829 19.07 28.78 1.90
C VAL A 829 18.18 29.76 1.14
N THR A 830 17.16 30.30 1.81
CA THR A 830 16.18 31.14 1.12
C THR A 830 16.83 32.40 0.57
N ARG A 831 17.82 32.95 1.28
CA ARG A 831 18.53 34.12 0.77
C ARG A 831 19.11 33.88 -0.61
N GLU A 832 19.51 32.64 -0.90
CA GLU A 832 20.00 32.32 -2.24
C GLU A 832 18.90 31.92 -3.19
N ILE A 833 17.76 31.45 -2.69
CA ILE A 833 16.62 31.19 -3.57
C ILE A 833 16.04 32.50 -4.10
N GLU A 834 15.94 33.51 -3.23
CA GLU A 834 15.45 34.81 -3.65
C GLU A 834 16.41 35.53 -4.59
N LYS A 835 17.65 35.07 -4.70
CA LYS A 835 18.62 35.67 -5.60
C LYS A 835 18.42 35.23 -7.05
N ARG A 836 17.56 34.24 -7.30
CA ARG A 836 17.33 33.74 -8.65
C ARG A 836 15.87 33.66 -9.05
N VAL A 837 14.97 33.85 -8.09
CA VAL A 837 13.53 33.73 -8.36
C VAL A 837 12.84 35.06 -8.13
N ASP A 838 11.91 35.40 -9.01
CA ASP A 838 11.18 36.67 -8.89
C ASP A 838 10.30 36.72 -7.66
N GLN A 839 9.91 37.93 -7.25
CA GLN A 839 9.08 38.07 -6.06
C GLN A 839 7.65 37.62 -6.32
N THR A 840 7.11 37.95 -7.50
CA THR A 840 5.72 37.62 -7.77
C THR A 840 5.48 36.12 -7.76
N VAL A 841 6.34 35.36 -8.44
CA VAL A 841 6.19 33.91 -8.46
C VAL A 841 6.42 33.33 -7.07
N LEU A 842 7.34 33.92 -6.30
CA LEU A 842 7.55 33.46 -4.93
C LEU A 842 6.30 33.69 -4.08
N SER A 843 5.67 34.85 -4.24
CA SER A 843 4.44 35.13 -3.49
C SER A 843 3.32 34.19 -3.91
N TYR A 844 3.24 33.85 -5.19
CA TYR A 844 2.25 32.88 -5.65
C TYR A 844 2.52 31.51 -5.03
N ILE A 845 3.79 31.12 -4.96
CA ILE A 845 4.14 29.80 -4.40
C ILE A 845 3.86 29.76 -2.91
N ARG A 846 4.09 30.86 -2.20
CA ARG A 846 3.96 30.88 -0.76
C ARG A 846 2.55 30.56 -0.27
N HIS A 847 1.58 30.42 -1.17
CA HIS A 847 0.22 30.03 -0.81
C HIS A 847 0.01 28.52 -0.80
N ILE A 848 1.01 27.73 -1.19
CA ILE A 848 0.91 26.28 -1.07
C ILE A 848 1.05 25.83 0.38
N ALA A 849 1.67 26.65 1.22
CA ALA A 849 1.85 26.35 2.64
C ALA A 849 0.69 26.84 3.48
N SER A 850 -0.49 26.99 2.90
CA SER A 850 -1.65 27.39 3.67
C SER A 850 -2.11 26.22 4.55
N PRO A 851 -2.63 26.51 5.75
CA PRO A 851 -3.23 25.43 6.55
C PRO A 851 -4.41 24.76 5.86
N GLY A 852 -5.18 25.52 5.08
CA GLY A 852 -6.33 24.99 4.38
C GLY A 852 -6.03 24.20 3.13
N VAL A 853 -4.77 24.11 2.75
CA VAL A 853 -4.34 23.22 1.69
C VAL A 853 -3.58 22.03 2.25
N VAL A 854 -2.78 22.25 3.30
CA VAL A 854 -2.05 21.16 3.93
C VAL A 854 -3.00 20.23 4.67
N ILE A 855 -3.92 20.78 5.46
CA ILE A 855 -4.79 19.94 6.29
C ILE A 855 -5.66 19.00 5.45
N PRO A 856 -6.34 19.44 4.39
CA PRO A 856 -7.04 18.47 3.55
C PRO A 856 -6.11 17.44 2.92
N ILE A 857 -4.88 17.82 2.56
CA ILE A 857 -3.94 16.85 2.00
C ILE A 857 -3.56 15.81 3.05
N ILE A 858 -3.29 16.26 4.28
CA ILE A 858 -2.96 15.33 5.35
C ILE A 858 -4.13 14.39 5.62
N LEU A 859 -5.34 14.93 5.68
CA LEU A 859 -6.52 14.10 5.92
C LEU A 859 -6.75 13.11 4.78
N PHE A 860 -6.52 13.55 3.53
CA PHE A 860 -6.65 12.66 2.39
C PHE A 860 -5.63 11.53 2.45
N LEU A 861 -4.39 11.85 2.82
CA LEU A 861 -3.38 10.81 2.95
C LEU A 861 -3.74 9.84 4.07
N ILE A 862 -4.29 10.35 5.17
CA ILE A 862 -4.72 9.49 6.27
C ILE A 862 -5.83 8.55 5.81
N LEU A 863 -6.84 9.10 5.12
CA LEU A 863 -7.96 8.28 4.66
C LEU A 863 -7.52 7.25 3.62
N ILE A 864 -6.66 7.65 2.69
CA ILE A 864 -6.20 6.72 1.66
C ILE A 864 -5.35 5.62 2.30
N ILE A 865 -4.55 5.96 3.30
CA ILE A 865 -3.76 4.94 4.00
C ILE A 865 -4.69 3.99 4.74
N TYR A 866 -5.71 4.52 5.41
CA TYR A 866 -6.61 3.67 6.18
C TYR A 866 -7.36 2.69 5.28
N PHE A 867 -7.87 3.16 4.15
CA PHE A 867 -8.62 2.26 3.27
C PHE A 867 -7.70 1.32 2.50
N LEU A 868 -6.56 1.83 2.01
CA LEU A 868 -5.57 0.98 1.36
C LEU A 868 -5.02 -0.07 2.31
N PHE A 869 -5.05 0.18 3.62
CA PHE A 869 -4.64 -0.84 4.57
C PHE A 869 -5.55 -2.06 4.51
N SER A 870 -6.86 -1.83 4.55
CA SER A 870 -7.81 -2.93 4.42
C SER A 870 -7.70 -3.60 3.06
N LEU A 871 -7.54 -2.79 1.99
CA LEU A 871 -7.40 -3.37 0.67
C LEU A 871 -6.17 -4.27 0.57
N VAL A 872 -5.04 -3.81 1.11
CA VAL A 872 -3.80 -4.58 1.03
C VAL A 872 -3.89 -5.83 1.91
N ARG A 873 -4.50 -5.72 3.08
CA ARG A 873 -4.65 -6.90 3.93
C ARG A 873 -5.53 -7.95 3.27
N GLY A 874 -6.62 -7.51 2.62
CA GLY A 874 -7.46 -8.45 1.90
C GLY A 874 -6.75 -9.08 0.72
N LEU A 875 -5.99 -8.30 -0.02
CA LEU A 875 -5.23 -8.84 -1.15
C LEU A 875 -4.19 -9.85 -0.69
N ARG A 876 -3.48 -9.54 0.41
CA ARG A 876 -2.47 -10.47 0.92
C ARG A 876 -3.11 -11.74 1.45
N GLU A 877 -4.26 -11.63 2.12
CA GLU A 877 -4.96 -12.82 2.59
C GLU A 877 -5.45 -13.68 1.43
N ALA A 878 -5.96 -13.06 0.38
CA ALA A 878 -6.49 -13.81 -0.76
C ALA A 878 -5.40 -14.31 -1.70
N ASN A 879 -4.20 -13.76 -1.63
CA ASN A 879 -3.11 -14.25 -2.48
C ASN A 879 -2.77 -15.70 -2.15
N THR A 880 -2.72 -16.03 -0.86
CA THR A 880 -2.48 -17.42 -0.48
C THR A 880 -3.67 -18.32 -0.81
N ASP A 881 -4.89 -17.80 -0.67
CA ASP A 881 -6.07 -18.59 -1.00
C ASP A 881 -6.13 -18.93 -2.48
N LEU A 882 -5.79 -17.97 -3.34
CA LEU A 882 -5.82 -18.20 -4.77
C LEU A 882 -4.68 -19.09 -5.24
N GLN A 883 -3.69 -19.35 -4.40
CA GLN A 883 -2.57 -20.21 -4.77
C GLN A 883 -3.01 -21.68 -4.81
N THR B 75 -16.88 -30.39 26.85
CA THR B 75 -18.32 -30.48 26.93
C THR B 75 -18.98 -29.23 26.35
N ARG B 76 -18.85 -28.12 27.06
CA ARG B 76 -19.42 -26.86 26.59
C ARG B 76 -18.66 -26.32 25.38
N GLN B 77 -17.35 -26.53 25.32
CA GLN B 77 -16.57 -26.06 24.18
C GLN B 77 -17.00 -26.74 22.89
N ALA B 78 -17.21 -28.05 22.94
CA ALA B 78 -17.66 -28.77 21.74
C ALA B 78 -19.05 -28.31 21.32
N LEU B 79 -19.94 -28.10 22.28
CA LEU B 79 -21.28 -27.62 21.96
C LEU B 79 -21.23 -26.24 21.31
N LEU B 80 -20.40 -25.34 21.85
CA LEU B 80 -20.28 -24.01 21.27
C LEU B 80 -19.69 -24.08 19.86
N GLU B 81 -18.67 -24.93 19.67
CA GLU B 81 -18.09 -25.08 18.34
C GLU B 81 -19.09 -25.61 17.33
N ARG B 82 -19.89 -26.61 17.74
CA ARG B 82 -20.90 -27.15 16.84
C ARG B 82 -21.96 -26.12 16.50
N ILE B 83 -22.41 -25.34 17.49
CA ILE B 83 -23.39 -24.30 17.23
C ILE B 83 -22.83 -23.25 16.29
N ARG B 84 -21.57 -22.85 16.49
CA ARG B 84 -20.95 -21.87 15.60
C ARG B 84 -20.82 -22.42 14.19
N GLN B 85 -20.44 -23.69 14.04
CA GLN B 85 -20.34 -24.28 12.70
C GLN B 85 -21.69 -24.33 12.01
N LYS B 86 -22.74 -24.73 12.74
CA LYS B 86 -24.07 -24.77 12.14
C LYS B 86 -24.55 -23.38 11.73
N LYS B 87 -24.30 -22.37 12.58
CA LYS B 87 -24.67 -21.01 12.24
C LYS B 87 -23.91 -20.52 11.01
N GLU B 88 -22.63 -20.86 10.92
CA GLU B 88 -21.84 -20.46 9.75
C GLU B 88 -22.35 -21.15 8.49
N VAL B 89 -22.74 -22.41 8.60
CA VAL B 89 -23.31 -23.12 7.45
C VAL B 89 -24.61 -22.46 7.00
N ILE B 90 -25.47 -22.10 7.96
CA ILE B 90 -26.73 -21.42 7.61
C ILE B 90 -26.45 -20.08 6.95
N GLY B 91 -25.47 -19.34 7.45
CA GLY B 91 -25.19 -18.02 6.90
C GLY B 91 -24.72 -18.06 5.47
N LYS B 92 -23.83 -19.01 5.14
CA LYS B 92 -23.24 -19.13 3.81
C LYS B 92 -24.03 -20.11 2.93
N LEU B 93 -25.28 -20.38 3.29
CA LEU B 93 -26.07 -21.38 2.56
C LEU B 93 -26.31 -20.98 1.11
N ARG B 94 -26.58 -19.69 0.87
CA ARG B 94 -26.96 -19.26 -0.47
C ARG B 94 -25.78 -19.31 -1.45
N CYS B 95 -24.56 -19.12 -0.95
CA CYS B 95 -23.39 -19.05 -1.83
C CYS B 95 -22.91 -20.41 -2.31
N GLN B 96 -23.68 -21.47 -2.09
CA GLN B 96 -23.32 -22.81 -2.53
C GLN B 96 -24.23 -23.27 -3.66
N ALA B 97 -23.65 -24.06 -4.57
CA ALA B 97 -24.35 -24.52 -5.77
C ALA B 97 -25.06 -25.85 -5.49
N TRP B 98 -26.16 -25.75 -4.76
CA TRP B 98 -27.01 -26.89 -4.46
C TRP B 98 -28.42 -26.63 -4.99
N SER B 99 -29.14 -27.70 -5.24
CA SER B 99 -30.53 -27.57 -5.66
C SER B 99 -31.38 -27.05 -4.50
N MET B 100 -32.58 -26.56 -4.85
CA MET B 100 -33.46 -26.00 -3.83
C MET B 100 -33.90 -27.06 -2.82
N THR B 101 -34.12 -28.30 -3.26
CA THR B 101 -34.46 -29.37 -2.33
C THR B 101 -33.30 -29.64 -1.38
N ARG B 102 -32.07 -29.71 -1.90
CA ARG B 102 -30.91 -29.94 -1.06
C ARG B 102 -30.68 -28.78 -0.09
N LYS B 103 -30.83 -27.55 -0.59
CA LYS B 103 -30.68 -26.37 0.27
C LYS B 103 -31.72 -26.38 1.38
N ARG B 104 -32.97 -26.70 1.05
CA ARG B 104 -34.02 -26.77 2.06
C ARG B 104 -33.73 -27.87 3.08
N ARG B 105 -33.23 -29.01 2.61
CA ARG B 105 -32.90 -30.10 3.53
C ARG B 105 -31.81 -29.67 4.51
N THR B 106 -30.73 -29.08 4.00
CA THR B 106 -29.65 -28.64 4.87
C THR B 106 -30.13 -27.55 5.82
N LEU B 107 -30.94 -26.61 5.34
CA LEU B 107 -31.44 -25.53 6.17
C LEU B 107 -32.30 -26.08 7.32
N LYS B 108 -33.22 -26.99 7.00
CA LYS B 108 -34.06 -27.58 8.03
C LYS B 108 -33.25 -28.39 9.03
N LEU B 109 -32.27 -29.16 8.54
CA LEU B 109 -31.42 -29.94 9.44
C LEU B 109 -30.66 -29.05 10.40
N ALA B 110 -30.03 -27.99 9.88
CA ALA B 110 -29.27 -27.09 10.74
C ALA B 110 -30.19 -26.34 11.70
N GLN B 111 -31.38 -25.95 11.24
CA GLN B 111 -32.32 -25.26 12.12
C GLN B 111 -32.75 -26.15 13.27
N LYS B 112 -33.08 -27.42 12.98
CA LYS B 112 -33.45 -28.35 14.05
C LYS B 112 -32.28 -28.60 14.99
N TYR B 113 -31.07 -28.71 14.45
CA TYR B 113 -29.89 -28.90 15.28
C TYR B 113 -29.71 -27.73 16.24
N LEU B 114 -29.82 -26.50 15.73
CA LEU B 114 -29.68 -25.33 16.59
C LEU B 114 -30.80 -25.26 17.61
N GLU B 115 -32.02 -25.60 17.21
CA GLU B 115 -33.15 -25.55 18.14
C GLU B 115 -32.96 -26.53 19.29
N GLN B 116 -32.47 -27.74 18.99
CA GLN B 116 -32.26 -28.73 20.03
C GLN B 116 -30.99 -28.48 20.83
N HIS B 117 -30.03 -27.73 20.28
CA HIS B 117 -28.76 -27.49 20.94
C HIS B 117 -28.69 -26.14 21.65
N GLU B 118 -29.73 -25.31 21.52
CA GLU B 118 -29.71 -23.98 22.14
C GLU B 118 -29.64 -24.07 23.66
N SER B 119 -30.10 -25.16 24.25
CA SER B 119 -30.13 -25.28 25.70
C SER B 119 -28.77 -25.67 26.30
N LYS B 120 -27.80 -26.04 25.47
CA LYS B 120 -26.51 -26.49 25.99
C LYS B 120 -25.59 -25.33 26.36
N VAL B 121 -25.76 -24.17 25.73
CA VAL B 121 -24.88 -23.03 25.96
C VAL B 121 -25.30 -22.30 27.23
N SER B 122 -24.42 -21.41 27.70
CA SER B 122 -24.66 -20.66 28.93
C SER B 122 -25.62 -19.50 28.66
N ARG B 123 -25.81 -18.64 29.67
CA ARG B 123 -26.74 -17.52 29.53
C ARG B 123 -26.17 -16.44 28.62
N SER B 124 -24.87 -16.16 28.75
CA SER B 124 -24.26 -15.11 27.93
C SER B 124 -24.31 -15.45 26.45
N HIS B 125 -23.97 -16.70 26.11
CA HIS B 125 -24.03 -17.13 24.71
C HIS B 125 -25.47 -17.11 24.20
N LEU B 126 -26.44 -17.50 25.04
CA LEU B 126 -27.83 -17.47 24.63
C LEU B 126 -28.29 -16.05 24.34
N TYR B 127 -27.94 -15.10 25.21
CA TYR B 127 -28.31 -13.70 24.97
C TYR B 127 -27.63 -13.16 23.73
N MET B 128 -26.35 -13.50 23.53
CA MET B 128 -25.63 -13.06 22.34
C MET B 128 -26.32 -13.57 21.08
N GLU B 129 -26.67 -14.86 21.05
CA GLU B 129 -27.33 -15.43 19.88
C GLU B 129 -28.71 -14.82 19.67
N GLU B 130 -29.44 -14.57 20.75
CA GLU B 130 -30.77 -14.00 20.63
C GLU B 130 -30.71 -12.59 20.04
N MET B 131 -29.78 -11.76 20.52
CA MET B 131 -29.70 -10.42 19.98
C MET B 131 -29.14 -10.41 18.57
N ARG B 132 -28.26 -11.37 18.24
CA ARG B 132 -27.79 -11.50 16.87
C ARG B 132 -28.94 -11.87 15.92
N LYS B 133 -29.80 -12.79 16.35
CA LYS B 133 -30.95 -13.17 15.54
C LYS B 133 -31.91 -12.00 15.37
N ARG B 134 -32.14 -11.25 16.45
CA ARG B 134 -33.01 -10.08 16.34
C ARG B 134 -32.43 -9.05 15.38
N ALA B 135 -31.12 -8.80 15.46
CA ALA B 135 -30.48 -7.86 14.55
C ALA B 135 -30.58 -8.34 13.11
N ARG B 136 -30.39 -9.64 12.87
CA ARG B 136 -30.51 -10.17 11.52
C ARG B 136 -31.93 -10.02 10.98
N LEU B 137 -32.93 -10.28 11.83
CA LEU B 137 -34.32 -10.10 11.40
C LEU B 137 -34.61 -8.65 11.06
N MET B 138 -34.14 -7.72 11.90
CA MET B 138 -34.35 -6.30 11.60
C MET B 138 -33.65 -5.90 10.31
N LYS B 139 -32.44 -6.40 10.08
CA LYS B 139 -31.73 -6.09 8.85
C LYS B 139 -32.47 -6.63 7.63
N ARG B 140 -32.99 -7.85 7.72
CA ARG B 140 -33.75 -8.41 6.62
C ARG B 140 -35.01 -7.61 6.33
N SER B 141 -35.73 -7.20 7.38
CA SER B 141 -36.92 -6.37 7.17
C SER B 141 -36.56 -5.03 6.56
N PHE B 142 -35.44 -4.44 7.00
CA PHE B 142 -35.00 -3.17 6.43
C PHE B 142 -34.66 -3.32 4.95
N SER B 143 -33.99 -4.41 4.58
CA SER B 143 -33.69 -4.64 3.16
C SER B 143 -34.96 -4.83 2.35
N ASN B 144 -35.92 -5.57 2.90
CA ASN B 144 -37.19 -5.78 2.21
C ASN B 144 -37.91 -4.46 1.97
N PHE B 145 -37.90 -3.58 2.97
CA PHE B 145 -38.53 -2.27 2.80
C PHE B 145 -37.73 -1.38 1.86
N LYS B 146 -36.40 -1.48 1.89
CA LYS B 146 -35.54 -0.63 1.06
C LYS B 146 -35.67 -0.95 -0.41
N THR B 147 -35.84 -2.23 -0.76
CA THR B 147 -35.95 -2.60 -2.16
C THR B 147 -37.12 -1.90 -2.84
N TYR B 148 -38.18 -1.57 -2.08
CA TYR B 148 -39.35 -0.93 -2.65
C TYR B 148 -39.08 0.47 -3.19
N LEU B 149 -37.97 1.11 -2.78
CA LEU B 149 -37.73 2.51 -3.08
C LEU B 149 -36.64 2.73 -4.13
N ILE B 150 -36.17 1.68 -4.79
CA ILE B 150 -35.13 1.79 -5.81
C ILE B 150 -35.82 2.10 -7.14
N PRO B 151 -35.53 3.24 -7.78
CA PRO B 151 -36.19 3.57 -9.04
C PRO B 151 -35.42 3.14 -10.27
N TRP B 152 -36.02 3.32 -11.44
CA TRP B 152 -35.37 3.09 -12.73
C TRP B 152 -34.85 1.66 -12.87
N GLU B 153 -35.63 0.69 -12.40
CA GLU B 153 -35.27 -0.71 -12.58
C GLU B 153 -35.60 -1.17 -14.00
N SER B 154 -36.84 -0.95 -14.44
CA SER B 154 -37.25 -1.36 -15.77
C SER B 154 -36.53 -0.57 -16.85
N LYS B 155 -36.25 0.71 -16.61
CA LYS B 155 -35.52 1.52 -17.59
C LYS B 155 -34.14 0.96 -17.85
N ILE B 156 -33.36 0.71 -16.80
CA ILE B 156 -32.03 0.16 -16.96
C ILE B 156 -32.10 -1.25 -17.50
N LYS B 157 -33.13 -2.01 -17.12
CA LYS B 157 -33.29 -3.36 -17.67
C LYS B 157 -33.48 -3.31 -19.18
N ARG B 158 -34.33 -2.41 -19.66
CA ARG B 158 -34.56 -2.28 -21.10
C ARG B 158 -33.31 -1.82 -21.83
N ILE B 159 -32.60 -0.84 -21.26
CA ILE B 159 -31.38 -0.36 -21.90
C ILE B 159 -30.33 -1.47 -21.96
N GLU B 160 -30.23 -2.27 -20.90
CA GLU B 160 -29.30 -3.38 -20.88
C GLU B 160 -29.67 -4.43 -21.92
N SER B 161 -30.96 -4.75 -22.03
CA SER B 161 -31.39 -5.75 -23.00
C SER B 161 -31.12 -5.30 -24.43
N HIS B 162 -31.33 -4.02 -24.73
CA HIS B 162 -31.18 -3.56 -26.10
C HIS B 162 -29.72 -3.29 -26.48
N PHE B 163 -28.95 -2.68 -25.58
CA PHE B 163 -27.65 -2.13 -25.96
C PHE B 163 -26.45 -2.84 -25.36
N GLY B 164 -26.61 -3.51 -24.22
CA GLY B 164 -25.52 -4.27 -23.65
C GLY B 164 -25.32 -3.94 -22.19
N SER B 165 -24.19 -4.39 -21.65
CA SER B 165 -23.87 -4.21 -20.24
C SER B 165 -22.79 -3.17 -20.00
N VAL B 166 -22.17 -2.65 -21.06
CA VAL B 166 -21.25 -1.54 -20.95
C VAL B 166 -21.93 -0.20 -21.18
N VAL B 167 -23.05 -0.19 -21.93
CA VAL B 167 -23.85 1.02 -22.04
C VAL B 167 -24.58 1.30 -20.74
N SER B 168 -25.12 0.26 -20.10
CA SER B 168 -25.87 0.41 -18.86
C SER B 168 -24.99 0.75 -17.67
N SER B 169 -23.67 0.65 -17.80
CA SER B 169 -22.78 1.06 -16.72
C SER B 169 -22.92 2.55 -16.46
N TYR B 170 -23.08 3.34 -17.52
CA TYR B 170 -23.29 4.77 -17.36
C TYR B 170 -24.56 5.06 -16.57
N PHE B 171 -25.63 4.31 -16.82
CA PHE B 171 -26.89 4.58 -16.16
C PHE B 171 -26.87 4.14 -14.70
N THR B 172 -26.21 3.02 -14.41
CA THR B 172 -26.03 2.62 -13.01
C THR B 172 -25.18 3.63 -12.25
N PHE B 173 -24.10 4.12 -12.89
CA PHE B 173 -23.27 5.16 -12.29
C PHE B 173 -24.07 6.43 -12.02
N LEU B 174 -24.92 6.82 -12.98
CA LEU B 174 -25.74 8.02 -12.81
C LEU B 174 -26.75 7.83 -11.68
N ARG B 175 -27.34 6.64 -11.55
CA ARG B 175 -28.28 6.42 -10.45
C ARG B 175 -27.58 6.47 -9.10
N TRP B 176 -26.36 5.92 -9.00
CA TRP B 176 -25.62 6.05 -7.75
C TRP B 176 -25.30 7.51 -7.45
N ILE B 177 -24.92 8.27 -8.48
CA ILE B 177 -24.65 9.70 -8.29
C ILE B 177 -25.91 10.42 -7.82
N VAL B 178 -27.07 10.01 -8.32
CA VAL B 178 -28.33 10.61 -7.87
C VAL B 178 -28.57 10.32 -6.40
N PHE B 179 -28.30 9.09 -5.97
CA PHE B 179 -28.47 8.77 -4.55
C PHE B 179 -27.52 9.57 -3.67
N VAL B 180 -26.26 9.71 -4.10
CA VAL B 180 -25.30 10.48 -3.32
C VAL B 180 -25.72 11.94 -3.24
N ASN B 181 -26.19 12.50 -4.36
CA ASN B 181 -26.62 13.89 -4.37
C ASN B 181 -27.86 14.09 -3.49
N ILE B 182 -28.76 13.11 -3.46
CA ILE B 182 -29.93 13.22 -2.60
C ILE B 182 -29.52 13.18 -1.13
N MET B 183 -28.55 12.33 -0.79
CA MET B 183 -28.07 12.31 0.60
C MET B 183 -27.44 13.64 0.97
N ILE B 184 -26.64 14.22 0.07
CA ILE B 184 -26.02 15.52 0.33
C ILE B 184 -27.10 16.60 0.48
N THR B 185 -28.13 16.54 -0.36
CA THR B 185 -29.24 17.50 -0.26
C THR B 185 -29.94 17.39 1.09
N LEU B 186 -30.21 16.16 1.55
CA LEU B 186 -30.86 15.99 2.84
C LEU B 186 -29.99 16.52 3.97
N ILE B 187 -28.68 16.26 3.91
CA ILE B 187 -27.77 16.75 4.95
C ILE B 187 -27.80 18.27 5.00
N ALA B 188 -27.74 18.92 3.83
CA ALA B 188 -27.70 20.38 3.79
C ALA B 188 -29.07 21.01 3.97
N LEU B 189 -30.15 20.23 3.91
CA LEU B 189 -31.51 20.75 4.05
C LEU B 189 -32.08 20.60 5.45
N VAL B 190 -31.71 19.54 6.16
CA VAL B 190 -32.23 19.33 7.51
C VAL B 190 -31.64 20.36 8.48
N PHE B 191 -30.35 20.64 8.36
CA PHE B 191 -29.62 21.38 9.38
C PHE B 191 -29.40 22.85 9.05
N VAL B 192 -29.62 23.28 7.81
CA VAL B 192 -29.34 24.67 7.45
C VAL B 192 -30.58 25.36 6.92
N VAL B 193 -31.13 24.86 5.81
CA VAL B 193 -32.19 25.59 5.11
C VAL B 193 -33.47 25.59 5.94
N LEU B 194 -33.87 24.43 6.46
CA LEU B 194 -35.12 24.36 7.21
C LEU B 194 -35.10 25.17 8.50
N PRO B 195 -34.08 25.09 9.36
CA PRO B 195 -34.08 25.96 10.54
C PRO B 195 -34.12 27.44 10.20
N GLU B 196 -33.40 27.86 9.16
CA GLU B 196 -33.40 29.27 8.78
C GLU B 196 -34.77 29.70 8.29
N THR B 197 -35.42 28.87 7.47
CA THR B 197 -36.76 29.21 6.98
C THR B 197 -37.76 29.27 8.13
N LEU B 198 -37.68 28.32 9.06
CA LEU B 198 -38.59 28.33 10.21
C LEU B 198 -38.36 29.57 11.07
N ALA B 199 -37.11 29.94 11.29
CA ALA B 199 -36.82 31.15 12.06
C ALA B 199 -37.32 32.40 11.35
N ASP B 200 -37.18 32.45 10.02
CA ASP B 200 -37.64 33.59 9.25
C ASP B 200 -39.16 33.72 9.30
N SER B 201 -39.87 32.60 9.24
CA SER B 201 -41.34 32.65 9.22
C SER B 201 -41.91 33.11 10.55
N VAL B 202 -41.18 32.95 11.65
CA VAL B 202 -41.66 33.32 12.98
C VAL B 202 -40.94 34.55 13.52
N ALA B 203 -40.21 35.27 12.67
CA ALA B 203 -39.47 36.43 13.12
C ALA B 203 -40.42 37.50 13.66
N ASN B 204 -40.07 38.07 14.82
CA ASN B 204 -40.88 39.09 15.45
C ASN B 204 -40.48 40.47 14.95
N GLU B 205 -41.05 41.50 15.58
CA GLU B 205 -40.66 42.87 15.24
C GLU B 205 -39.20 43.13 15.56
N GLY B 206 -38.67 42.51 16.62
CA GLY B 206 -37.26 42.66 16.93
C GLY B 206 -36.35 42.16 15.83
N ARG B 207 -36.74 41.07 15.18
CA ARG B 207 -36.02 40.59 14.01
C ARG B 207 -36.61 41.23 12.76
N PHE B 208 -36.21 40.73 11.58
CA PHE B 208 -36.68 41.18 10.28
C PHE B 208 -36.11 42.56 9.95
N ASN B 209 -35.41 43.18 10.90
CA ASN B 209 -34.69 44.42 10.62
C ASN B 209 -33.18 44.20 10.58
N ARG B 210 -32.66 43.28 11.38
CA ARG B 210 -31.25 42.92 11.29
C ARG B 210 -30.94 42.15 10.02
N THR B 211 -31.94 41.52 9.42
CA THR B 211 -31.76 40.71 8.21
C THR B 211 -32.46 41.29 7.00
N LYS B 212 -33.10 42.46 7.12
CA LYS B 212 -33.80 43.03 5.98
C LYS B 212 -32.84 43.37 4.85
N THR B 213 -31.62 43.77 5.17
CA THR B 213 -30.65 44.13 4.15
C THR B 213 -30.18 42.95 3.31
N ARG B 214 -30.48 41.71 3.73
CA ARG B 214 -30.05 40.54 3.00
C ARG B 214 -31.18 39.63 2.54
N LYS B 215 -32.35 39.69 3.19
CA LYS B 215 -33.48 38.84 2.82
C LYS B 215 -34.57 39.56 2.06
N GLN B 216 -34.50 40.88 1.92
CA GLN B 216 -35.51 41.67 1.23
C GLN B 216 -34.86 42.41 0.07
N ILE B 217 -35.45 42.27 -1.11
CA ILE B 217 -34.90 42.94 -2.29
C ILE B 217 -35.21 44.43 -2.20
N PRO B 218 -34.23 45.30 -2.41
CA PRO B 218 -34.47 46.74 -2.27
C PRO B 218 -35.47 47.26 -3.31
N ALA B 219 -36.19 48.30 -2.94
CA ALA B 219 -37.19 48.88 -3.83
C ALA B 219 -36.56 49.51 -5.07
N ASN B 220 -35.27 49.84 -5.02
CA ASN B 220 -34.60 50.38 -6.20
C ASN B 220 -34.53 49.34 -7.32
N GLU B 221 -34.25 48.09 -6.97
CA GLU B 221 -34.10 47.02 -7.95
C GLU B 221 -35.28 46.04 -7.94
N ARG B 222 -36.34 46.34 -7.18
CA ARG B 222 -37.47 45.42 -7.13
C ARG B 222 -38.24 45.43 -8.44
N VAL B 223 -38.33 46.58 -9.10
CA VAL B 223 -39.08 46.68 -10.35
C VAL B 223 -38.41 45.86 -11.45
N HIS B 224 -37.08 45.91 -11.53
CA HIS B 224 -36.32 45.27 -12.59
C HIS B 224 -36.00 43.81 -12.28
N ALA B 225 -36.81 43.16 -11.43
CA ALA B 225 -36.53 41.78 -11.05
C ALA B 225 -36.87 40.79 -12.15
N ASP B 226 -37.80 41.12 -13.04
CA ASP B 226 -38.20 40.24 -14.14
C ASP B 226 -37.84 40.91 -15.46
N GLU B 227 -36.60 40.72 -15.89
CA GLU B 227 -36.11 41.29 -17.15
C GLU B 227 -35.64 40.28 -18.17
N LEU B 228 -35.71 38.97 -17.87
CA LEU B 228 -35.27 37.88 -18.75
C LEU B 228 -33.74 37.84 -18.83
N ALA B 229 -33.08 38.85 -18.28
CA ALA B 229 -31.64 38.84 -18.09
C ALA B 229 -31.26 38.92 -16.62
N VAL B 230 -32.11 39.53 -15.79
CA VAL B 230 -31.93 39.46 -14.34
C VAL B 230 -32.24 38.05 -13.85
N VAL B 231 -33.30 37.44 -14.38
CA VAL B 231 -33.67 36.09 -13.96
C VAL B 231 -32.66 35.07 -14.49
N TRP B 232 -32.23 35.24 -15.75
CA TRP B 232 -31.31 34.28 -16.35
C TRP B 232 -29.96 34.26 -15.64
N HIS B 233 -29.60 35.37 -14.99
CA HIS B 233 -28.36 35.48 -14.24
C HIS B 233 -28.55 35.21 -12.75
N TYR B 234 -29.72 34.72 -12.35
CA TYR B 234 -30.04 34.41 -10.96
C TYR B 234 -29.99 35.64 -10.07
N ASP B 235 -30.29 36.80 -10.64
CA ASP B 235 -30.47 38.02 -9.87
C ASP B 235 -31.94 38.15 -9.48
N GLY B 236 -32.34 39.29 -8.95
CA GLY B 236 -33.73 39.50 -8.62
C GLY B 236 -34.11 38.79 -7.35
N TYR B 237 -35.17 37.96 -7.42
CA TYR B 237 -35.63 37.24 -6.24
C TYR B 237 -34.72 36.07 -5.89
N LEU B 238 -34.09 35.45 -6.89
CA LEU B 238 -33.24 34.30 -6.63
C LEU B 238 -32.02 34.68 -5.81
N ARG B 239 -31.53 35.92 -5.95
CA ARG B 239 -30.39 36.37 -5.17
C ARG B 239 -30.71 36.41 -3.69
N TYR B 240 -31.94 36.79 -3.35
CA TYR B 240 -32.39 36.90 -1.97
C TYR B 240 -33.18 35.67 -1.53
N SER B 241 -32.77 34.50 -2.01
CA SER B 241 -33.39 33.21 -1.75
C SER B 241 -32.43 32.32 -0.98
N PRO B 242 -32.95 31.29 -0.28
CA PRO B 242 -32.05 30.41 0.50
C PRO B 242 -31.02 29.69 -0.34
N LEU B 243 -31.07 29.87 -1.66
CA LEU B 243 -30.14 29.22 -2.57
C LEU B 243 -28.72 29.76 -2.43
N PHE B 244 -28.55 30.94 -1.82
CA PHE B 244 -27.25 31.60 -1.81
C PHE B 244 -26.80 31.91 -0.38
N TYR B 245 -25.48 32.05 -0.24
CA TYR B 245 -24.85 32.19 1.07
C TYR B 245 -25.29 33.47 1.78
N GLY B 246 -25.34 34.58 1.06
CA GLY B 246 -25.60 35.87 1.67
C GLY B 246 -26.99 36.04 2.25
N TYR B 247 -27.91 35.12 1.97
CA TYR B 247 -29.28 35.22 2.46
C TYR B 247 -29.41 34.88 3.94
N TYR B 248 -28.43 34.16 4.51
CA TYR B 248 -28.57 33.61 5.84
C TYR B 248 -28.06 34.58 6.90
N SER B 249 -28.82 34.69 8.00
CA SER B 249 -28.51 35.64 9.04
C SER B 249 -27.32 35.17 9.88
N ASP B 250 -26.64 36.14 10.47
CA ASP B 250 -25.46 35.89 11.30
C ASP B 250 -25.77 35.92 12.79
N ASP B 251 -27.04 35.90 13.16
CA ASP B 251 -27.40 35.86 14.56
C ASP B 251 -26.85 34.58 15.19
N PRO B 252 -26.18 34.67 16.34
CA PRO B 252 -25.58 33.46 16.93
C PRO B 252 -26.58 32.37 17.26
N PHE B 253 -27.82 32.74 17.60
CA PHE B 253 -28.84 31.77 17.97
C PHE B 253 -30.13 32.05 17.21
N LEU B 254 -30.84 30.99 16.86
CA LEU B 254 -32.10 31.14 16.15
C LEU B 254 -33.14 31.83 17.01
N GLY B 255 -33.18 31.50 18.30
CA GLY B 255 -34.14 32.14 19.19
C GLY B 255 -34.03 31.57 20.58
N ASN B 256 -34.90 32.06 21.45
CA ASN B 256 -34.96 31.59 22.83
C ASN B 256 -35.65 30.23 22.90
N LYS B 257 -35.34 29.50 23.98
CA LYS B 257 -35.93 28.19 24.28
C LYS B 257 -35.49 27.12 23.28
N ILE B 258 -34.68 27.51 22.29
CA ILE B 258 -34.11 26.59 21.31
C ILE B 258 -32.60 26.72 21.24
N LYS B 259 -32.10 27.93 21.00
CA LYS B 259 -30.67 28.22 20.98
C LYS B 259 -29.94 27.35 19.94
N TYR B 260 -30.31 27.55 18.67
CA TYR B 260 -29.71 26.83 17.56
C TYR B 260 -28.68 27.73 16.90
N ALA B 261 -27.41 27.31 16.93
CA ALA B 261 -26.33 28.10 16.35
C ALA B 261 -26.27 27.84 14.86
N LEU B 262 -26.71 28.82 14.06
CA LEU B 262 -26.79 28.62 12.62
C LEU B 262 -25.44 28.73 11.91
N PRO B 263 -24.58 29.70 12.22
CA PRO B 263 -23.26 29.71 11.57
C PRO B 263 -22.46 28.45 11.82
N LEU B 264 -22.52 27.91 13.04
CA LEU B 264 -21.84 26.65 13.32
C LEU B 264 -22.47 25.52 12.53
N ALA B 265 -23.79 25.53 12.38
CA ALA B 265 -24.46 24.54 11.55
C ALA B 265 -23.99 24.64 10.10
N TYR B 266 -23.83 25.86 9.59
CA TYR B 266 -23.35 26.07 8.24
C TYR B 266 -21.96 25.48 8.04
N PHE B 267 -21.03 25.84 8.93
CA PHE B 267 -19.67 25.33 8.83
C PHE B 267 -19.64 23.81 8.93
N MET B 268 -20.37 23.25 9.90
CA MET B 268 -20.34 21.82 10.13
C MET B 268 -21.01 21.06 8.98
N VAL B 269 -22.05 21.62 8.38
CA VAL B 269 -22.70 20.98 7.25
C VAL B 269 -21.78 20.97 6.03
N THR B 270 -21.10 22.09 5.78
CA THR B 270 -20.16 22.12 4.67
C THR B 270 -19.03 21.11 4.87
N LEU B 271 -18.54 20.98 6.10
CA LEU B 271 -17.52 19.97 6.38
C LEU B 271 -18.06 18.55 6.22
N THR B 272 -19.27 18.31 6.74
CA THR B 272 -19.87 16.98 6.74
C THR B 272 -20.17 16.50 5.33
N ILE B 273 -20.56 17.41 4.44
CA ILE B 273 -20.87 17.01 3.07
C ILE B 273 -19.62 16.48 2.38
N PHE B 274 -18.50 17.17 2.54
CA PHE B 274 -17.25 16.68 1.95
C PHE B 274 -16.79 15.38 2.60
N ALA B 275 -16.93 15.28 3.93
CA ALA B 275 -16.55 14.05 4.61
C ALA B 275 -17.38 12.87 4.12
N TYR B 276 -18.70 13.08 3.98
CA TYR B 276 -19.57 12.01 3.52
C TYR B 276 -19.32 11.67 2.06
N SER B 277 -18.99 12.66 1.23
CA SER B 277 -18.63 12.36 -0.15
C SER B 277 -17.41 11.47 -0.22
N PHE B 278 -16.37 11.81 0.54
CA PHE B 278 -15.17 10.98 0.60
C PHE B 278 -15.52 9.58 1.10
N PHE B 279 -16.32 9.50 2.16
CA PHE B 279 -16.65 8.21 2.76
C PHE B 279 -17.44 7.33 1.80
N ALA B 280 -18.43 7.91 1.11
CA ALA B 280 -19.24 7.13 0.18
C ALA B 280 -18.43 6.67 -1.02
N ILE B 281 -17.61 7.55 -1.59
CA ILE B 281 -16.79 7.15 -2.74
C ILE B 281 -15.83 6.04 -2.34
N LEU B 282 -15.20 6.17 -1.16
CA LEU B 282 -14.22 5.17 -0.75
C LEU B 282 -14.89 3.86 -0.37
N ARG B 283 -16.09 3.92 0.23
CA ARG B 283 -16.83 2.70 0.54
C ARG B 283 -17.23 1.97 -0.73
N LYS B 284 -17.71 2.71 -1.74
CA LYS B 284 -18.03 2.08 -3.03
C LYS B 284 -16.79 1.45 -3.65
N MET B 285 -15.67 2.17 -3.61
CA MET B 285 -14.43 1.63 -4.16
C MET B 285 -14.01 0.36 -3.44
N ALA B 286 -14.10 0.35 -2.12
CA ALA B 286 -13.72 -0.83 -1.36
C ALA B 286 -14.65 -2.01 -1.63
N ALA B 287 -15.95 -1.74 -1.74
CA ALA B 287 -16.89 -2.82 -2.04
C ALA B 287 -16.64 -3.40 -3.43
N ASN B 288 -16.31 -2.54 -4.39
CA ASN B 288 -16.06 -3.02 -5.75
C ASN B 288 -14.71 -3.71 -5.89
N ALA B 289 -13.75 -3.39 -5.02
CA ALA B 289 -12.42 -3.98 -5.16
C ALA B 289 -12.21 -5.22 -4.30
N ARG B 290 -12.78 -5.24 -3.10
CA ARG B 290 -12.53 -6.36 -2.19
C ARG B 290 -13.30 -7.61 -2.59
N MET B 291 -14.39 -7.46 -3.34
CA MET B 291 -15.20 -8.61 -3.75
C MET B 291 -15.16 -8.83 -5.26
N SER B 292 -15.52 -7.81 -6.05
CA SER B 292 -15.67 -8.00 -7.49
C SER B 292 -14.33 -8.24 -8.16
N LYS B 293 -13.37 -7.33 -7.99
CA LYS B 293 -12.10 -7.38 -8.70
C LYS B 293 -10.95 -7.81 -7.81
N LEU B 294 -11.24 -8.44 -6.67
CA LEU B 294 -10.18 -8.96 -5.81
C LEU B 294 -9.39 -10.04 -6.55
N SER B 295 -10.09 -11.03 -7.10
CA SER B 295 -9.43 -12.08 -7.86
C SER B 295 -9.06 -11.61 -9.27
N GLY B 296 -9.64 -10.48 -9.70
CA GLY B 296 -9.36 -9.97 -11.03
C GLY B 296 -7.97 -9.39 -11.20
N SER B 297 -7.26 -9.16 -10.09
CA SER B 297 -5.91 -8.62 -10.17
C SER B 297 -4.91 -9.74 -10.45
N LYS B 298 -3.68 -9.33 -10.79
CA LYS B 298 -2.57 -10.24 -11.03
C LYS B 298 -2.88 -11.23 -12.17
N ALA B 299 -3.35 -10.70 -13.28
CA ALA B 299 -3.62 -11.51 -14.46
C ALA B 299 -2.52 -11.35 -15.49
N GLU B 300 -2.20 -12.44 -16.19
CA GLU B 300 -1.09 -12.48 -17.13
C GLU B 300 -1.53 -13.16 -18.42
N GLN B 301 -1.44 -12.43 -19.53
CA GLN B 301 -1.75 -12.95 -20.87
C GLN B 301 -3.19 -13.46 -20.87
N TYR B 302 -3.43 -14.74 -21.15
CA TYR B 302 -4.78 -15.30 -21.26
C TYR B 302 -5.62 -14.51 -22.24
N ILE B 303 -5.23 -14.52 -23.52
CA ILE B 303 -5.92 -13.75 -24.54
C ILE B 303 -7.16 -14.52 -25.01
N PHE B 304 -6.94 -15.70 -25.58
CA PHE B 304 -8.03 -16.44 -26.22
C PHE B 304 -9.13 -16.81 -25.25
N ASN B 305 -8.76 -17.27 -24.05
CA ASN B 305 -9.77 -17.65 -23.07
C ASN B 305 -10.60 -16.45 -22.63
N TRP B 306 -9.97 -15.29 -22.47
CA TRP B 306 -10.71 -14.08 -22.13
C TRP B 306 -11.66 -13.68 -23.24
N LYS B 307 -11.19 -13.72 -24.49
CA LYS B 307 -12.03 -13.32 -25.62
C LYS B 307 -13.07 -14.36 -25.99
N LEU B 308 -13.01 -15.57 -25.41
CA LEU B 308 -13.98 -16.61 -25.73
C LEU B 308 -14.97 -16.88 -24.61
N PHE B 309 -14.49 -17.11 -23.39
CA PHE B 309 -15.41 -17.44 -22.30
C PHE B 309 -16.17 -16.21 -21.81
N THR B 310 -15.59 -15.03 -21.96
CA THR B 310 -16.26 -13.76 -21.67
C THR B 310 -16.53 -13.00 -22.96
N GLY B 311 -16.90 -13.72 -24.02
CA GLY B 311 -17.14 -13.10 -25.30
C GLY B 311 -18.61 -12.82 -25.57
N TRP B 312 -19.49 -13.37 -24.75
CA TRP B 312 -20.93 -13.20 -24.92
C TRP B 312 -21.49 -12.42 -23.73
N ASP B 313 -22.20 -11.34 -24.01
CA ASP B 313 -22.90 -10.58 -22.97
C ASP B 313 -24.23 -11.26 -22.69
N TYR B 314 -24.42 -11.75 -21.48
CA TYR B 314 -25.62 -12.50 -21.14
C TYR B 314 -26.84 -11.61 -20.95
N THR B 315 -26.64 -10.29 -20.80
CA THR B 315 -27.78 -9.38 -20.62
C THR B 315 -28.54 -9.15 -21.91
N ILE B 316 -27.86 -9.26 -23.06
CA ILE B 316 -28.46 -8.88 -24.34
C ILE B 316 -29.63 -9.79 -24.67
N GLY B 317 -30.77 -9.18 -24.94
CA GLY B 317 -31.97 -9.91 -25.34
C GLY B 317 -32.58 -9.37 -26.61
N ASN B 318 -31.74 -8.80 -27.47
CA ASN B 318 -32.17 -8.24 -28.75
C ASN B 318 -31.56 -9.04 -29.89
N SER B 319 -32.34 -9.23 -30.96
CA SER B 319 -31.86 -10.03 -32.09
C SER B 319 -30.71 -9.34 -32.81
N GLU B 320 -30.89 -8.06 -33.17
CA GLU B 320 -29.86 -7.34 -33.91
C GLU B 320 -28.60 -7.17 -33.09
N THR B 321 -28.75 -6.86 -31.79
CA THR B 321 -27.58 -6.75 -30.93
C THR B 321 -26.87 -8.09 -30.78
N ALA B 322 -27.62 -9.19 -30.75
CA ALA B 322 -27.01 -10.51 -30.68
C ALA B 322 -26.20 -10.82 -31.94
N SER B 323 -26.75 -10.50 -33.11
CA SER B 323 -26.02 -10.70 -34.35
C SER B 323 -24.76 -9.82 -34.38
N ASN B 324 -24.88 -8.59 -33.91
CA ASN B 324 -23.74 -7.69 -33.85
C ASN B 324 -22.67 -8.26 -32.92
N THR B 325 -23.08 -8.82 -31.78
CA THR B 325 -22.14 -9.43 -30.85
C THR B 325 -21.44 -10.64 -31.47
N VAL B 326 -22.19 -11.46 -32.21
CA VAL B 326 -21.58 -12.62 -32.87
C VAL B 326 -20.53 -12.17 -33.87
N MET B 327 -20.86 -11.15 -34.67
CA MET B 327 -19.90 -10.60 -35.62
C MET B 327 -18.67 -10.04 -34.90
N ALA B 328 -18.89 -9.36 -33.77
CA ALA B 328 -17.78 -8.80 -33.01
C ALA B 328 -16.86 -9.89 -32.47
N VAL B 329 -17.44 -10.99 -31.97
CA VAL B 329 -16.62 -12.09 -31.47
C VAL B 329 -15.81 -12.70 -32.60
N VAL B 330 -16.44 -12.89 -33.77
CA VAL B 330 -15.73 -13.44 -34.92
C VAL B 330 -14.56 -12.54 -35.28
N ILE B 331 -14.80 -11.23 -35.33
CA ILE B 331 -13.75 -10.27 -35.69
C ILE B 331 -12.62 -10.32 -34.66
N LYS B 332 -12.97 -10.34 -33.37
CA LYS B 332 -11.96 -10.37 -32.33
C LYS B 332 -11.06 -11.58 -32.46
N LEU B 333 -11.67 -12.76 -32.62
CA LEU B 333 -10.87 -13.98 -32.79
C LEU B 333 -10.03 -13.94 -34.07
N ARG B 334 -10.59 -13.36 -35.13
CA ARG B 334 -9.89 -13.36 -36.41
C ARG B 334 -8.62 -12.51 -36.36
N GLU B 335 -8.70 -11.27 -35.90
CA GLU B 335 -7.41 -10.58 -35.77
C GLU B 335 -6.60 -11.07 -34.57
N SER B 336 -7.19 -11.77 -33.61
CA SER B 336 -6.36 -12.39 -32.59
C SER B 336 -5.40 -13.40 -33.21
N ILE B 337 -5.94 -14.33 -34.00
CA ILE B 337 -5.09 -15.33 -34.64
C ILE B 337 -4.19 -14.66 -35.68
N ALA B 338 -4.71 -13.65 -36.38
CA ALA B 338 -3.90 -12.97 -37.39
C ALA B 338 -2.67 -12.30 -36.78
N ASP B 339 -2.84 -11.63 -35.64
CA ASP B 339 -1.74 -10.94 -34.99
C ASP B 339 -0.79 -11.93 -34.34
N ILE B 340 -1.30 -13.02 -33.78
CA ILE B 340 -0.43 -13.98 -33.10
C ILE B 340 0.33 -14.80 -34.12
N LYS B 341 -0.17 -14.87 -35.36
CA LYS B 341 0.47 -15.66 -36.40
C LYS B 341 1.81 -15.08 -36.85
N LYS B 342 1.78 -13.87 -37.43
CA LYS B 342 3.00 -13.33 -38.03
C LYS B 342 4.00 -12.88 -36.98
N ASP B 343 3.55 -12.13 -35.98
CA ASP B 343 4.41 -11.56 -34.95
C ASP B 343 5.52 -10.71 -35.57
N ALA B 344 5.31 -10.22 -36.79
CA ALA B 344 6.30 -9.40 -37.48
C ALA B 344 5.82 -7.96 -37.54
N HIS B 345 6.64 -7.03 -37.02
CA HIS B 345 6.29 -5.62 -36.95
C HIS B 345 7.46 -4.80 -37.51
N GLY B 346 7.49 -4.64 -38.83
CA GLY B 346 8.48 -3.77 -39.44
C GLY B 346 7.86 -2.80 -40.43
N LYS B 347 7.94 -1.50 -40.11
CA LYS B 347 7.40 -0.46 -40.98
C LYS B 347 7.82 0.92 -40.45
N PHE B 348 8.18 1.82 -41.36
CA PHE B 348 8.50 3.19 -40.97
C PHE B 348 8.26 4.14 -42.14
N ARG B 349 7.15 4.86 -42.11
CA ARG B 349 6.79 5.83 -43.13
C ARG B 349 6.92 7.23 -42.53
N LEU B 350 7.69 8.08 -43.19
CA LEU B 350 7.88 9.45 -42.69
C LEU B 350 6.58 10.22 -42.72
N LEU B 351 5.71 9.93 -43.69
CA LEU B 351 4.42 10.61 -43.80
C LEU B 351 3.54 10.35 -42.57
N GLN B 352 3.50 9.09 -42.14
CA GLN B 352 2.68 8.75 -40.98
C GLN B 352 3.21 9.41 -39.71
N PHE B 353 4.54 9.40 -39.52
CA PHE B 353 5.12 10.05 -38.35
C PHE B 353 4.88 11.55 -38.38
N SER B 354 5.00 12.17 -39.56
CA SER B 354 4.73 13.59 -39.69
C SER B 354 3.28 13.90 -39.36
N LEU B 355 2.36 13.07 -39.83
CA LEU B 355 0.94 13.28 -39.50
C LEU B 355 0.71 13.14 -38.01
N ARG B 356 1.35 12.16 -37.37
CA ARG B 356 1.17 11.97 -35.93
C ARG B 356 1.69 13.16 -35.14
N VAL B 357 2.87 13.66 -35.49
CA VAL B 357 3.42 14.80 -34.76
C VAL B 357 2.61 16.06 -35.04
N PHE B 358 2.11 16.21 -36.26
CA PHE B 358 1.24 17.35 -36.57
C PHE B 358 -0.04 17.31 -35.74
N ALA B 359 -0.62 16.11 -35.59
CA ALA B 359 -1.81 15.96 -34.77
C ALA B 359 -1.52 16.30 -33.32
N ASN B 360 -0.40 15.79 -32.79
CA ASN B 360 -0.05 16.06 -31.40
C ASN B 360 0.27 17.54 -31.17
N ILE B 361 0.75 18.25 -32.20
CA ILE B 361 1.01 19.67 -32.06
C ILE B 361 -0.29 20.47 -32.10
N ILE B 362 -1.18 20.14 -33.05
CA ILE B 362 -2.43 20.88 -33.16
C ILE B 362 -3.32 20.64 -31.94
N ILE B 363 -3.20 19.47 -31.30
CA ILE B 363 -3.98 19.22 -30.09
C ILE B 363 -3.53 20.13 -28.96
N CYS B 364 -2.21 20.28 -28.78
CA CYS B 364 -1.71 21.21 -27.77
C CYS B 364 -2.06 22.65 -28.12
N ALA B 365 -2.07 22.97 -29.42
CA ALA B 365 -2.51 24.31 -29.83
C ALA B 365 -3.96 24.55 -29.43
N MET B 366 -4.82 23.55 -29.61
CA MET B 366 -6.22 23.69 -29.22
C MET B 366 -6.36 23.81 -27.71
N LEU B 367 -5.53 23.08 -26.95
CA LEU B 367 -5.56 23.23 -25.49
C LEU B 367 -5.16 24.64 -25.07
N GLY B 368 -4.11 25.20 -25.67
CA GLY B 368 -3.74 26.57 -25.37
C GLY B 368 -4.81 27.56 -25.77
N PHE B 369 -5.48 27.31 -26.90
CA PHE B 369 -6.61 28.15 -27.30
C PHE B 369 -7.73 28.07 -26.27
N SER B 370 -7.98 26.89 -25.72
CA SER B 370 -8.98 26.75 -24.67
C SER B 370 -8.61 27.58 -23.45
N ILE B 371 -7.36 27.52 -23.02
CA ILE B 371 -6.92 28.31 -21.86
C ILE B 371 -7.11 29.79 -22.13
N TYR B 372 -6.66 30.25 -23.30
CA TYR B 372 -6.74 31.67 -23.61
C TYR B 372 -8.19 32.14 -23.71
N CYS B 373 -9.06 31.31 -24.30
CA CYS B 373 -10.47 31.66 -24.39
C CYS B 373 -11.12 31.74 -23.02
N ILE B 374 -10.81 30.80 -22.13
CA ILE B 374 -11.39 30.83 -20.79
C ILE B 374 -10.94 32.08 -20.05
N ILE B 375 -9.65 32.40 -20.13
CA ILE B 375 -9.12 33.57 -19.44
C ILE B 375 -9.75 34.84 -19.99
N PHE B 376 -9.86 34.94 -21.31
CA PHE B 376 -10.47 36.11 -21.94
C PHE B 376 -11.93 36.25 -21.51
N ALA B 377 -12.66 35.14 -21.50
CA ALA B 377 -14.08 35.18 -21.13
C ALA B 377 -14.26 35.64 -19.70
N VAL B 378 -13.41 35.16 -18.79
CA VAL B 378 -13.51 35.60 -17.40
C VAL B 378 -13.14 37.08 -17.28
N GLN B 379 -12.08 37.49 -17.96
CA GLN B 379 -11.60 38.87 -17.84
C GLN B 379 -12.64 39.86 -18.35
N LYS B 380 -13.24 39.58 -19.52
CA LYS B 380 -14.14 40.53 -20.15
C LYS B 380 -15.41 40.75 -19.35
N SER B 381 -15.72 39.85 -18.41
CA SER B 381 -16.89 40.02 -17.54
C SER B 381 -16.51 40.81 -16.30
N GLN B 382 -16.06 42.04 -16.54
CA GLN B 382 -15.50 42.90 -15.49
C GLN B 382 -16.55 43.81 -14.86
N VAL B 383 -17.82 43.69 -15.24
CA VAL B 383 -18.86 44.58 -14.75
C VAL B 383 -19.60 43.92 -13.60
N GLN B 384 -19.88 44.70 -12.56
CA GLN B 384 -20.70 44.27 -11.43
C GLN B 384 -22.07 44.90 -11.43
N ASP B 385 -22.16 46.19 -11.74
CA ASP B 385 -23.45 46.84 -11.93
C ASP B 385 -24.05 46.44 -13.26
N ASP B 386 -25.36 46.67 -13.40
CA ASP B 386 -26.08 46.25 -14.59
C ASP B 386 -25.80 47.17 -15.77
N GLY B 387 -24.54 47.21 -16.23
CA GLY B 387 -24.24 47.92 -17.46
C GLY B 387 -24.79 47.22 -18.68
N ASN B 388 -24.62 45.90 -18.75
CA ASN B 388 -25.11 45.08 -19.84
C ASN B 388 -25.07 43.62 -19.40
N LEU B 389 -26.08 42.86 -19.81
CA LEU B 389 -26.19 41.45 -19.43
C LEU B 389 -26.19 40.50 -20.60
N PHE B 390 -26.35 40.97 -21.83
CA PHE B 390 -26.21 40.12 -23.00
C PHE B 390 -24.75 39.76 -23.27
N THR B 391 -23.81 40.43 -22.62
CA THR B 391 -22.38 40.18 -22.79
C THR B 391 -21.71 39.65 -21.53
N LYS B 392 -22.32 39.85 -20.36
CA LYS B 392 -21.79 39.27 -19.13
C LYS B 392 -21.89 37.74 -19.13
N ASN B 393 -22.96 37.18 -19.67
CA ASN B 393 -23.15 35.74 -19.72
C ASN B 393 -22.42 35.15 -20.92
N GLN B 394 -21.10 35.07 -20.80
CA GLN B 394 -20.30 34.48 -21.87
C GLN B 394 -19.32 33.45 -21.34
N VAL B 395 -18.90 33.55 -20.08
CA VAL B 395 -18.04 32.52 -19.51
C VAL B 395 -18.72 31.17 -19.40
N PRO B 396 -19.99 31.05 -18.94
CA PRO B 396 -20.59 29.71 -18.95
C PRO B 396 -20.76 29.17 -20.36
N SER B 397 -21.11 30.04 -21.31
CA SER B 397 -21.25 29.62 -22.70
C SER B 397 -19.92 29.15 -23.27
N VAL B 398 -18.85 29.88 -22.99
CA VAL B 398 -17.53 29.51 -23.53
C VAL B 398 -17.07 28.19 -22.93
N VAL B 399 -17.21 28.04 -21.61
CA VAL B 399 -16.78 26.79 -20.96
C VAL B 399 -17.59 25.61 -21.47
N SER B 400 -18.91 25.77 -21.58
CA SER B 400 -19.75 24.69 -22.07
C SER B 400 -19.43 24.35 -23.52
N THR B 401 -19.22 25.36 -24.36
CA THR B 401 -18.89 25.12 -25.76
C THR B 401 -17.59 24.35 -25.87
N ILE B 402 -16.56 24.76 -25.14
CA ILE B 402 -15.29 24.06 -25.20
C ILE B 402 -15.46 22.62 -24.75
N THR B 403 -16.09 22.43 -23.58
CA THR B 403 -16.22 21.10 -23.01
C THR B 403 -17.01 20.16 -23.93
N HIS B 404 -18.06 20.68 -24.56
CA HIS B 404 -18.96 19.84 -25.34
C HIS B 404 -18.57 19.72 -26.81
N VAL B 405 -17.64 20.54 -27.31
CA VAL B 405 -17.26 20.49 -28.71
C VAL B 405 -15.87 19.92 -28.91
N PHE B 406 -14.91 20.29 -28.04
CA PHE B 406 -13.53 19.86 -28.27
C PHE B 406 -13.35 18.35 -28.34
N PRO B 407 -14.04 17.51 -27.54
CA PRO B 407 -13.89 16.06 -27.72
C PRO B 407 -14.20 15.57 -29.13
N MET B 408 -15.16 16.18 -29.83
CA MET B 408 -15.42 15.77 -31.21
C MET B 408 -14.22 16.02 -32.10
N ILE B 409 -13.59 17.18 -31.96
CA ILE B 409 -12.40 17.48 -32.74
C ILE B 409 -11.26 16.55 -32.34
N PHE B 410 -11.18 16.21 -31.05
CA PHE B 410 -10.18 15.24 -30.59
C PHE B 410 -10.35 13.91 -31.30
N ASP B 411 -11.60 13.44 -31.41
CA ASP B 411 -11.86 12.17 -32.07
C ASP B 411 -11.57 12.25 -33.56
N LEU B 412 -11.88 13.39 -34.19
CA LEU B 412 -11.54 13.55 -35.61
C LEU B 412 -10.04 13.50 -35.83
N ILE B 413 -9.28 14.18 -34.98
CA ILE B 413 -7.83 14.16 -35.09
C ILE B 413 -7.28 12.75 -34.83
N GLY B 414 -7.87 12.03 -33.87
CA GLY B 414 -7.47 10.66 -33.63
C GLY B 414 -7.76 9.74 -34.80
N LYS B 415 -8.89 9.94 -35.47
CA LYS B 415 -9.18 9.19 -36.68
C LYS B 415 -8.15 9.48 -37.76
N MET B 416 -7.77 10.75 -37.92
CA MET B 416 -6.70 11.08 -38.85
C MET B 416 -5.37 10.44 -38.44
N GLU B 417 -5.15 10.27 -37.13
CA GLU B 417 -3.88 9.73 -36.66
C GLU B 417 -3.71 8.26 -37.04
N ASN B 418 -4.82 7.52 -37.08
CA ASN B 418 -4.83 6.10 -37.48
C ASN B 418 -3.94 5.25 -36.58
N TYR B 419 -4.34 5.18 -35.31
CA TYR B 419 -3.73 4.28 -34.34
C TYR B 419 -4.59 3.03 -34.19
N HIS B 420 -4.14 2.12 -33.33
CA HIS B 420 -4.96 0.98 -32.97
C HIS B 420 -6.18 1.48 -32.18
N PRO B 421 -7.34 0.85 -32.35
CA PRO B 421 -8.56 1.36 -31.69
C PRO B 421 -8.43 1.48 -30.17
N ARG B 422 -7.78 0.53 -29.50
CA ARG B 422 -7.67 0.61 -28.05
C ARG B 422 -6.74 1.75 -27.64
N THR B 423 -5.57 1.85 -28.27
CA THR B 423 -4.67 2.94 -27.92
C THR B 423 -5.23 4.29 -28.37
N ALA B 424 -5.98 4.32 -29.46
CA ALA B 424 -6.64 5.56 -29.87
C ALA B 424 -7.67 6.00 -28.83
N LEU B 425 -8.46 5.06 -28.32
CA LEU B 425 -9.44 5.39 -27.29
C LEU B 425 -8.76 5.84 -26.02
N ARG B 426 -7.67 5.18 -25.64
CA ARG B 426 -6.93 5.59 -24.44
C ARG B 426 -6.34 6.99 -24.60
N ALA B 427 -5.79 7.29 -25.77
CA ALA B 427 -5.24 8.62 -26.01
C ALA B 427 -6.35 9.68 -25.99
N HIS B 428 -7.49 9.38 -26.59
CA HIS B 428 -8.60 10.32 -26.59
C HIS B 428 -9.09 10.59 -25.18
N LEU B 429 -9.21 9.53 -24.36
CA LEU B 429 -9.63 9.71 -22.98
C LEU B 429 -8.61 10.54 -22.20
N GLY B 430 -7.32 10.26 -22.41
CA GLY B 430 -6.30 11.04 -21.71
C GLY B 430 -6.33 12.51 -22.10
N ARG B 431 -6.49 12.80 -23.39
CA ARG B 431 -6.56 14.18 -23.84
C ARG B 431 -7.80 14.88 -23.29
N VAL B 432 -8.94 14.19 -23.26
CA VAL B 432 -10.15 14.79 -22.70
C VAL B 432 -9.96 15.08 -21.20
N LEU B 433 -9.36 14.14 -20.48
CA LEU B 433 -9.11 14.36 -19.05
C LEU B 433 -8.17 15.54 -18.83
N ILE B 434 -7.12 15.65 -19.65
CA ILE B 434 -6.19 16.77 -19.52
C ILE B 434 -6.90 18.09 -19.81
N LEU B 435 -7.72 18.12 -20.85
CA LEU B 435 -8.47 19.32 -21.19
C LEU B 435 -9.39 19.73 -20.04
N TYR B 436 -10.11 18.76 -19.48
CA TYR B 436 -11.04 19.07 -18.40
C TYR B 436 -10.31 19.61 -17.18
N THR B 437 -9.22 18.94 -16.78
CA THR B 437 -8.48 19.38 -15.60
C THR B 437 -7.87 20.75 -15.79
N VAL B 438 -7.27 20.98 -16.96
CA VAL B 438 -6.64 22.28 -17.24
C VAL B 438 -7.68 23.38 -17.27
N ASN B 439 -8.84 23.13 -17.91
CA ASN B 439 -9.88 24.14 -17.95
C ASN B 439 -10.41 24.46 -16.56
N TYR B 440 -10.60 23.43 -15.73
CA TYR B 440 -11.11 23.65 -14.38
C TYR B 440 -10.10 24.47 -13.57
N ILE B 441 -8.81 24.15 -13.68
CA ILE B 441 -7.78 24.85 -12.93
C ILE B 441 -7.71 26.32 -13.34
N THR B 442 -7.70 26.57 -14.66
CA THR B 442 -7.61 27.96 -15.10
C THR B 442 -8.88 28.73 -14.78
N LEU B 443 -10.04 28.06 -14.80
CA LEU B 443 -11.28 28.73 -14.38
C LEU B 443 -11.23 29.12 -12.92
N ILE B 444 -10.73 28.24 -12.05
CA ILE B 444 -10.60 28.57 -10.64
C ILE B 444 -9.64 29.73 -10.45
N PHE B 445 -8.50 29.70 -11.12
CA PHE B 445 -7.53 30.77 -10.95
C PHE B 445 -8.08 32.10 -11.42
N ALA B 446 -8.76 32.10 -12.57
CA ALA B 446 -9.35 33.35 -13.08
C ALA B 446 -10.44 33.87 -12.16
N LEU B 447 -11.29 32.98 -11.63
CA LEU B 447 -12.34 33.42 -10.73
C LEU B 447 -11.76 33.99 -9.44
N PHE B 448 -10.73 33.34 -8.89
CA PHE B 448 -10.10 33.82 -7.67
C PHE B 448 -9.44 35.18 -7.89
N GLU B 449 -8.74 35.34 -9.01
CA GLU B 449 -8.12 36.63 -9.32
C GLU B 449 -9.17 37.71 -9.50
N LYS B 450 -10.28 37.38 -10.18
CA LYS B 450 -11.35 38.36 -10.36
C LYS B 450 -11.96 38.76 -9.03
N MET B 451 -12.17 37.80 -8.13
CA MET B 451 -12.74 38.12 -6.82
C MET B 451 -11.79 39.00 -6.02
N THR B 452 -10.49 38.68 -6.06
CA THR B 452 -9.50 39.50 -5.36
C THR B 452 -9.49 40.93 -5.90
N ALA B 453 -9.51 41.06 -7.23
CA ALA B 453 -9.52 42.40 -7.82
C ALA B 453 -10.78 43.17 -7.46
N LEU B 454 -11.93 42.49 -7.47
CA LEU B 454 -13.18 43.16 -7.11
C LEU B 454 -13.16 43.62 -5.66
N ARG B 455 -12.68 42.76 -4.75
CA ARG B 455 -12.61 43.15 -3.35
C ARG B 455 -11.63 44.30 -3.13
N ASP B 456 -10.50 44.29 -3.83
CA ASP B 456 -9.55 45.39 -3.72
C ASP B 456 -10.14 46.70 -4.24
N ARG B 457 -10.86 46.64 -5.36
CA ARG B 457 -11.45 47.85 -5.93
C ARG B 457 -12.62 48.35 -5.11
N VAL B 458 -13.29 47.46 -4.37
CA VAL B 458 -14.43 47.88 -3.56
C VAL B 458 -13.99 48.84 -2.46
N ASN B 459 -12.86 48.57 -1.83
CA ASN B 459 -12.36 49.42 -0.75
C ASN B 459 -10.83 49.49 -0.77
N ASN B 664 -22.36 48.77 2.29
CA ASN B 664 -22.32 48.75 0.84
C ASN B 664 -21.25 47.78 0.33
N ASP B 665 -20.75 46.94 1.24
CA ASP B 665 -19.73 45.97 0.87
C ASP B 665 -20.30 44.93 -0.08
N ILE B 666 -19.49 44.51 -1.04
CA ILE B 666 -19.92 43.54 -2.04
C ILE B 666 -20.03 42.16 -1.40
N CYS B 667 -20.66 41.23 -2.11
CA CYS B 667 -20.90 39.88 -1.62
C CYS B 667 -20.20 38.92 -2.58
N TRP B 668 -18.92 38.66 -2.34
CA TRP B 668 -18.17 37.82 -3.26
C TRP B 668 -18.57 36.36 -3.17
N GLU B 669 -19.05 35.92 -2.00
CA GLU B 669 -19.50 34.53 -1.86
C GLU B 669 -20.76 34.28 -2.66
N THR B 670 -21.74 35.18 -2.55
CA THR B 670 -22.96 35.04 -3.33
C THR B 670 -22.66 35.14 -4.83
N ILE B 671 -21.71 35.99 -5.20
CA ILE B 671 -21.35 36.13 -6.61
C ILE B 671 -20.69 34.85 -7.14
N ILE B 672 -19.80 34.25 -6.34
CA ILE B 672 -19.18 32.99 -6.75
C ILE B 672 -20.24 31.90 -6.87
N GLY B 673 -21.16 31.85 -5.91
CA GLY B 673 -22.25 30.90 -6.00
C GLY B 673 -23.08 31.09 -7.26
N GLN B 674 -23.37 32.34 -7.62
CA GLN B 674 -24.11 32.63 -8.84
C GLN B 674 -23.34 32.16 -10.07
N GLU B 675 -22.03 32.37 -10.09
CA GLU B 675 -21.23 31.93 -11.23
C GLU B 675 -21.30 30.42 -11.39
N ILE B 676 -21.17 29.69 -10.28
CA ILE B 676 -21.20 28.23 -10.37
C ILE B 676 -22.57 27.74 -10.79
N VAL B 677 -23.63 28.34 -10.25
CA VAL B 677 -24.99 27.92 -10.60
C VAL B 677 -25.26 28.18 -12.08
N LYS B 678 -24.81 29.33 -12.59
CA LYS B 678 -24.98 29.62 -14.00
C LYS B 678 -24.20 28.65 -14.88
N LEU B 679 -22.99 28.28 -14.45
CA LEU B 679 -22.23 27.28 -15.19
C LEU B 679 -22.98 25.96 -15.26
N VAL B 680 -23.54 25.52 -14.13
CA VAL B 680 -24.27 24.25 -14.10
C VAL B 680 -25.49 24.31 -15.02
N THR B 681 -26.25 25.41 -14.95
CA THR B 681 -27.45 25.53 -15.77
C THR B 681 -27.11 25.55 -17.25
N MET B 682 -26.09 26.31 -17.65
CA MET B 682 -25.72 26.36 -19.05
C MET B 682 -25.15 25.03 -19.53
N ASP B 683 -24.46 24.30 -18.65
CA ASP B 683 -24.00 22.97 -19.01
C ASP B 683 -25.18 22.04 -19.29
N LEU B 684 -26.22 22.12 -18.48
CA LEU B 684 -27.42 21.33 -18.75
C LEU B 684 -28.04 21.70 -20.08
N ILE B 685 -28.15 23.00 -20.37
CA ILE B 685 -28.74 23.44 -21.63
C ILE B 685 -27.93 22.92 -22.82
N PHE B 686 -26.60 23.01 -22.71
CA PHE B 686 -25.75 22.57 -23.81
C PHE B 686 -25.79 21.06 -23.99
N THR B 687 -25.89 20.31 -22.89
CA THR B 687 -26.04 18.86 -23.02
C THR B 687 -27.35 18.49 -23.71
N ILE B 688 -28.44 19.18 -23.36
CA ILE B 688 -29.72 18.92 -24.02
C ILE B 688 -29.63 19.26 -25.50
N LEU B 689 -29.00 20.38 -25.85
CA LEU B 689 -28.87 20.76 -27.25
C LEU B 689 -28.01 19.75 -28.01
N SER B 690 -26.93 19.28 -27.40
CA SER B 690 -26.07 18.29 -28.03
C SER B 690 -26.81 16.98 -28.27
N ILE B 691 -27.62 16.56 -27.30
CA ILE B 691 -28.44 15.36 -27.48
C ILE B 691 -29.42 15.56 -28.63
N LEU B 692 -30.06 16.73 -28.69
CA LEU B 692 -31.05 16.98 -29.74
C LEU B 692 -30.41 17.01 -31.11
N VAL B 693 -29.19 17.55 -31.23
CA VAL B 693 -28.60 17.75 -32.55
C VAL B 693 -27.84 16.51 -33.00
N ILE B 694 -26.92 16.01 -32.18
CA ILE B 694 -26.03 14.93 -32.61
C ILE B 694 -26.81 13.63 -32.76
N ASP B 695 -27.78 13.37 -31.88
CA ASP B 695 -28.49 12.09 -31.87
C ASP B 695 -29.79 12.11 -32.66
N LEU B 696 -30.68 13.06 -32.37
CA LEU B 696 -32.00 13.06 -32.99
C LEU B 696 -31.96 13.55 -34.43
N PHE B 697 -31.48 14.79 -34.63
CA PHE B 697 -31.52 15.39 -35.96
C PHE B 697 -30.61 14.66 -36.93
N ARG B 698 -29.43 14.24 -36.48
CA ARG B 698 -28.54 13.47 -37.36
C ARG B 698 -29.17 12.15 -37.75
N GLY B 699 -29.80 11.46 -36.81
CA GLY B 699 -30.46 10.21 -37.14
C GLY B 699 -31.60 10.39 -38.13
N LEU B 700 -32.41 11.43 -37.92
CA LEU B 700 -33.49 11.72 -38.86
C LEU B 700 -32.95 12.06 -40.25
N TRP B 701 -31.88 12.85 -40.30
CA TRP B 701 -31.27 13.21 -41.57
C TRP B 701 -30.74 11.99 -42.30
N ILE B 702 -30.08 11.09 -41.57
CA ILE B 702 -29.55 9.88 -42.20
C ILE B 702 -30.69 8.99 -42.69
N LYS B 703 -31.75 8.85 -41.88
CA LYS B 703 -32.86 8.00 -42.27
C LYS B 703 -33.58 8.52 -43.51
N TYR B 704 -33.84 9.83 -43.57
CA TYR B 704 -34.69 10.39 -44.61
C TYR B 704 -33.92 11.05 -45.75
N CYS B 705 -32.57 11.00 -45.75
CA CYS B 705 -31.82 11.68 -46.79
C CYS B 705 -30.63 10.90 -47.32
N SER B 706 -30.42 9.65 -46.88
CA SER B 706 -29.27 8.89 -47.36
C SER B 706 -29.48 8.29 -48.74
N SER B 707 -30.71 8.29 -49.25
CA SER B 707 -30.97 7.69 -50.56
C SER B 707 -30.34 8.51 -51.68
N TRP B 708 -30.42 9.84 -51.59
CA TRP B 708 -30.03 10.72 -52.69
C TRP B 708 -28.88 11.65 -52.32
N TRP B 709 -28.16 11.38 -51.23
CA TRP B 709 -27.09 12.27 -50.82
C TRP B 709 -25.89 12.14 -51.76
N CYS B 710 -24.98 13.09 -51.64
CA CYS B 710 -23.79 13.10 -52.51
C CYS B 710 -22.93 11.87 -52.29
N TRP B 711 -22.81 11.47 -51.02
CA TRP B 711 -22.05 10.27 -50.70
C TRP B 711 -22.85 9.42 -49.73
N ASP B 712 -22.51 8.14 -49.64
CA ASP B 712 -23.25 7.21 -48.76
C ASP B 712 -23.00 7.50 -47.29
N ILE B 713 -23.77 8.43 -46.73
CA ILE B 713 -23.60 8.80 -45.32
C ILE B 713 -23.94 7.68 -44.36
N GLU B 714 -24.89 6.81 -44.74
CA GLU B 714 -25.32 5.75 -43.84
C GLU B 714 -24.20 4.77 -43.54
N THR B 715 -23.25 4.61 -44.47
CA THR B 715 -22.09 3.75 -44.25
C THR B 715 -20.78 4.51 -44.15
N THR B 716 -20.79 5.82 -44.38
CA THR B 716 -19.58 6.65 -44.31
C THR B 716 -19.26 7.06 -42.88
N PHE B 717 -18.40 8.08 -42.75
CA PHE B 717 -17.94 8.58 -41.44
C PHE B 717 -19.07 8.87 -40.45
N PRO B 718 -20.15 9.58 -40.81
CA PRO B 718 -21.24 9.72 -39.82
C PRO B 718 -22.23 8.56 -39.93
N GLU B 719 -21.86 7.41 -39.36
CA GLU B 719 -22.58 6.18 -39.68
C GLU B 719 -24.04 6.22 -39.23
N TYR B 720 -24.31 6.13 -37.93
CA TYR B 720 -25.67 6.38 -37.48
C TYR B 720 -25.72 7.01 -36.09
N GLY B 721 -24.60 6.99 -35.37
CA GLY B 721 -24.59 7.51 -34.00
C GLY B 721 -24.41 6.37 -33.04
N GLU B 722 -23.57 6.59 -32.03
CA GLU B 722 -23.26 5.58 -31.03
C GLU B 722 -23.14 6.23 -29.66
N PHE B 723 -23.39 5.43 -28.62
CA PHE B 723 -23.23 5.91 -27.26
C PHE B 723 -21.75 6.03 -26.90
N LYS B 724 -21.43 7.08 -26.15
CA LYS B 724 -20.07 7.32 -25.67
C LYS B 724 -20.11 7.24 -24.14
N VAL B 725 -19.79 6.06 -23.60
CA VAL B 725 -19.90 5.86 -22.16
C VAL B 725 -18.87 6.70 -21.42
N ALA B 726 -17.63 6.70 -21.89
CA ALA B 726 -16.55 7.38 -21.18
C ALA B 726 -16.75 8.89 -21.15
N GLU B 727 -17.10 9.47 -22.30
CA GLU B 727 -17.30 10.92 -22.36
C GLU B 727 -18.47 11.35 -21.49
N ASN B 728 -19.56 10.57 -21.49
CA ASN B 728 -20.72 10.92 -20.67
C ASN B 728 -20.40 10.78 -19.19
N VAL B 729 -19.65 9.75 -18.80
CA VAL B 729 -19.25 9.61 -17.41
C VAL B 729 -18.33 10.76 -16.99
N LEU B 730 -17.47 11.21 -17.90
CA LEU B 730 -16.62 12.36 -17.59
C LEU B 730 -17.46 13.63 -17.45
N HIS B 731 -18.52 13.76 -18.25
CA HIS B 731 -19.46 14.87 -18.07
C HIS B 731 -20.07 14.83 -16.67
N ILE B 732 -20.49 13.65 -16.23
CA ILE B 732 -21.10 13.52 -14.90
C ILE B 732 -20.09 13.89 -13.81
N ILE B 733 -18.84 13.41 -13.97
CA ILE B 733 -17.81 13.68 -12.97
C ILE B 733 -17.50 15.17 -12.91
N ASN B 734 -17.38 15.81 -14.07
CA ASN B 734 -17.09 17.24 -14.11
C ASN B 734 -18.23 18.05 -13.47
N ASN B 735 -19.48 17.68 -13.77
CA ASN B 735 -20.60 18.39 -13.15
C ASN B 735 -20.61 18.20 -11.64
N GLN B 736 -20.34 16.99 -11.16
CA GLN B 736 -20.30 16.78 -9.72
C GLN B 736 -19.15 17.56 -9.08
N GLY B 737 -18.02 17.69 -9.77
CA GLY B 737 -16.96 18.54 -9.25
C GLY B 737 -17.37 19.99 -9.15
N MET B 738 -18.10 20.48 -10.15
CA MET B 738 -18.63 21.85 -10.07
C MET B 738 -19.59 22.00 -8.90
N ILE B 739 -20.40 20.97 -8.63
CA ILE B 739 -21.33 21.02 -7.50
C ILE B 739 -20.55 21.06 -6.18
N TRP B 740 -19.52 20.22 -6.05
CA TRP B 740 -18.73 20.20 -4.83
C TRP B 740 -18.01 21.51 -4.60
N LEU B 741 -17.50 22.13 -5.68
CA LEU B 741 -16.76 23.37 -5.55
C LEU B 741 -17.61 24.49 -4.98
N GLY B 742 -18.84 24.64 -5.48
CA GLY B 742 -19.68 25.77 -5.15
C GLY B 742 -20.83 25.53 -4.19
N LEU B 743 -20.81 24.44 -3.43
CA LEU B 743 -21.88 24.19 -2.48
C LEU B 743 -21.71 24.92 -1.16
N PHE B 744 -20.52 25.47 -0.89
CA PHE B 744 -20.34 26.30 0.29
C PHE B 744 -21.00 27.66 0.11
N PHE B 745 -20.97 28.20 -1.10
CA PHE B 745 -21.56 29.49 -1.40
C PHE B 745 -23.00 29.40 -1.86
N ALA B 746 -23.43 28.25 -2.38
CA ALA B 746 -24.81 28.02 -2.80
C ALA B 746 -25.33 26.79 -2.07
N PRO B 747 -25.99 26.96 -0.91
CA PRO B 747 -26.45 25.79 -0.15
C PRO B 747 -27.43 24.91 -0.91
N LEU B 748 -28.25 25.49 -1.79
CA LEU B 748 -29.24 24.73 -2.56
C LEU B 748 -28.76 24.41 -3.97
N LEU B 749 -27.46 24.19 -4.15
CA LEU B 749 -26.95 23.76 -5.44
C LEU B 749 -27.14 22.26 -5.64
N PRO B 750 -26.90 21.40 -4.64
CA PRO B 750 -27.28 19.98 -4.80
C PRO B 750 -28.77 19.77 -5.02
N ALA B 751 -29.62 20.61 -4.43
CA ALA B 751 -31.06 20.46 -4.65
C ALA B 751 -31.42 20.70 -6.11
N ILE B 752 -30.78 21.69 -6.75
CA ILE B 752 -30.96 21.92 -8.17
C ILE B 752 -30.33 20.79 -8.99
N ASN B 753 -29.18 20.30 -8.54
CA ASN B 753 -28.51 19.22 -9.25
C ASN B 753 -29.35 17.95 -9.25
N ASN B 754 -30.21 17.77 -8.26
CA ASN B 754 -31.13 16.64 -8.26
C ASN B 754 -32.01 16.65 -9.50
N ILE B 755 -32.67 17.79 -9.75
CA ILE B 755 -33.52 17.92 -10.93
C ILE B 755 -32.71 17.80 -12.20
N LYS B 756 -31.51 18.40 -12.21
CA LYS B 756 -30.66 18.30 -13.40
C LYS B 756 -30.30 16.85 -13.71
N LEU B 757 -29.97 16.07 -12.68
CA LEU B 757 -29.57 14.68 -12.89
C LEU B 757 -30.75 13.82 -13.31
N ILE B 758 -31.94 14.08 -12.75
CA ILE B 758 -33.13 13.34 -13.16
C ILE B 758 -33.45 13.61 -14.64
N ILE B 759 -33.40 14.88 -15.03
CA ILE B 759 -33.62 15.25 -16.42
C ILE B 759 -32.58 14.58 -17.32
N LEU B 760 -31.32 14.57 -16.88
CA LEU B 760 -30.26 13.96 -17.68
C LEU B 760 -30.48 12.47 -17.85
N MET B 761 -30.87 11.79 -16.78
CA MET B 761 -31.15 10.35 -16.87
C MET B 761 -32.24 10.08 -17.89
N TYR B 762 -33.36 10.83 -17.80
CA TYR B 762 -34.47 10.57 -18.71
C TYR B 762 -34.10 10.88 -20.16
N ILE B 763 -33.42 12.01 -20.39
CA ILE B 763 -33.10 12.40 -21.76
C ILE B 763 -32.06 11.46 -22.37
N ARG B 764 -31.08 11.02 -21.57
CA ARG B 764 -30.09 10.07 -22.08
C ARG B 764 -30.73 8.73 -22.40
N GLY B 765 -31.62 8.25 -21.53
CA GLY B 765 -32.29 6.99 -21.80
C GLY B 765 -33.11 7.05 -23.08
N TRP B 766 -33.91 8.12 -23.22
CA TRP B 766 -34.70 8.27 -24.43
C TRP B 766 -33.83 8.37 -25.68
N ALA B 767 -32.75 9.15 -25.60
CA ALA B 767 -31.90 9.34 -26.78
C ALA B 767 -31.24 8.04 -27.19
N VAL B 768 -30.70 7.28 -26.23
CA VAL B 768 -30.05 6.02 -26.58
C VAL B 768 -31.07 5.01 -27.10
N MET B 769 -32.28 5.02 -26.55
CA MET B 769 -33.28 4.06 -27.01
C MET B 769 -33.77 4.38 -28.42
N THR B 770 -33.88 5.66 -28.75
CA THR B 770 -34.54 6.05 -29.99
C THR B 770 -33.58 6.29 -31.15
N CYS B 771 -32.40 6.87 -30.90
CA CYS B 771 -31.58 7.39 -31.97
C CYS B 771 -30.27 6.65 -32.20
N ASN B 772 -29.77 5.90 -31.21
CA ASN B 772 -28.47 5.29 -31.30
C ASN B 772 -28.57 3.83 -31.76
N VAL B 773 -27.47 3.33 -32.33
CA VAL B 773 -27.37 1.93 -32.74
C VAL B 773 -26.28 1.28 -31.90
N PRO B 774 -26.35 -0.02 -31.64
CA PRO B 774 -25.27 -0.67 -30.90
C PRO B 774 -23.97 -0.67 -31.70
N ALA B 775 -22.89 -0.33 -31.02
CA ALA B 775 -21.58 -0.30 -31.66
C ALA B 775 -21.16 -1.71 -32.04
N ARG B 776 -20.38 -1.83 -33.12
CA ARG B 776 -19.91 -3.14 -33.54
C ARG B 776 -19.04 -3.78 -32.46
N GLU B 777 -18.14 -3.01 -31.87
CA GLU B 777 -17.38 -3.47 -30.71
C GLU B 777 -16.94 -2.25 -29.93
N ILE B 778 -17.23 -2.24 -28.63
CA ILE B 778 -16.94 -1.10 -27.76
C ILE B 778 -15.92 -1.55 -26.72
N PHE B 779 -14.82 -0.80 -26.62
CA PHE B 779 -13.72 -1.13 -25.72
C PHE B 779 -13.86 -0.34 -24.43
N ARG B 780 -13.12 -0.78 -23.42
CA ARG B 780 -13.14 -0.18 -22.09
C ARG B 780 -11.77 0.40 -21.76
N ALA B 781 -11.79 1.47 -20.96
CA ALA B 781 -10.55 2.18 -20.64
C ALA B 781 -9.58 1.29 -19.88
N SER B 782 -10.06 0.65 -18.81
CA SER B 782 -9.24 -0.29 -18.06
C SER B 782 -10.02 -1.54 -17.69
N ARG B 783 -11.23 -1.72 -18.22
CA ARG B 783 -12.09 -2.85 -17.91
C ARG B 783 -12.33 -2.97 -16.40
N SER B 784 -12.42 -1.84 -15.71
CA SER B 784 -12.67 -1.81 -14.28
C SER B 784 -13.78 -0.82 -13.97
N SER B 785 -14.54 -1.11 -12.91
CA SER B 785 -15.57 -0.21 -12.45
C SER B 785 -15.05 0.87 -11.52
N ASN B 786 -13.81 0.73 -11.02
CA ASN B 786 -13.21 1.69 -10.12
C ASN B 786 -12.37 2.74 -10.84
N PHE B 787 -12.27 2.67 -12.17
CA PHE B 787 -11.57 3.72 -12.91
C PHE B 787 -12.29 5.05 -12.77
N TYR B 788 -13.60 5.05 -13.04
CA TYR B 788 -14.38 6.28 -12.93
C TYR B 788 -14.52 6.73 -11.48
N LEU B 789 -14.60 5.79 -10.53
CA LEU B 789 -14.63 6.17 -9.13
C LEU B 789 -13.32 6.80 -8.69
N GLY B 790 -12.19 6.29 -9.19
CA GLY B 790 -10.91 6.91 -8.87
C GLY B 790 -10.79 8.30 -9.47
N ILE B 791 -11.25 8.48 -10.71
CA ILE B 791 -11.24 9.81 -11.32
C ILE B 791 -12.14 10.75 -10.51
N LEU B 792 -13.28 10.25 -10.04
CA LEU B 792 -14.18 11.06 -9.24
C LEU B 792 -13.54 11.46 -7.91
N LEU B 793 -12.80 10.53 -7.29
CA LEU B 793 -12.12 10.85 -6.04
C LEU B 793 -11.02 11.89 -6.24
N ILE B 794 -10.27 11.76 -7.33
CA ILE B 794 -9.26 12.77 -7.65
C ILE B 794 -9.93 14.13 -7.87
N TRP B 795 -11.07 14.13 -8.55
CA TRP B 795 -11.80 15.39 -8.76
C TRP B 795 -12.29 15.97 -7.44
N LEU B 796 -12.73 15.09 -6.52
CA LEU B 796 -13.17 15.56 -5.22
C LEU B 796 -12.03 16.22 -4.44
N LEU B 797 -10.84 15.63 -4.49
CA LEU B 797 -9.69 16.27 -3.84
C LEU B 797 -9.36 17.60 -4.51
N LEU B 798 -9.34 17.61 -5.84
CA LEU B 798 -9.03 18.82 -6.59
C LEU B 798 -10.02 19.94 -6.28
N CYS B 799 -11.27 19.58 -5.98
CA CYS B 799 -12.30 20.57 -5.71
C CYS B 799 -12.37 20.96 -4.24
N THR B 800 -11.93 20.10 -3.33
CA THR B 800 -11.88 20.47 -1.93
C THR B 800 -10.64 21.27 -1.57
N LEU B 801 -9.60 21.25 -2.40
CA LEU B 801 -8.46 22.11 -2.12
C LEU B 801 -8.79 23.60 -2.15
N PRO B 802 -9.41 24.16 -3.20
CA PRO B 802 -9.73 25.59 -3.18
C PRO B 802 -10.73 25.98 -2.10
N VAL B 803 -11.67 25.11 -1.74
CA VAL B 803 -12.60 25.45 -0.66
C VAL B 803 -11.87 25.57 0.67
N GLY B 804 -10.95 24.64 0.94
CA GLY B 804 -10.14 24.74 2.14
C GLY B 804 -9.28 25.98 2.14
N PHE B 805 -8.70 26.31 0.98
CA PHE B 805 -7.90 27.53 0.88
C PHE B 805 -8.74 28.77 1.14
N VAL B 806 -9.96 28.81 0.60
CA VAL B 806 -10.85 29.94 0.83
C VAL B 806 -11.18 30.06 2.32
N ILE B 807 -11.49 28.94 2.96
CA ILE B 807 -11.86 28.97 4.38
C ILE B 807 -10.69 29.42 5.24
N ALA B 808 -9.49 28.90 4.95
CA ALA B 808 -8.33 29.20 5.81
C ALA B 808 -7.78 30.59 5.56
N SER B 809 -7.76 31.06 4.32
CA SER B 809 -7.11 32.30 3.96
C SER B 809 -8.06 33.49 3.85
N MET B 810 -9.10 33.39 3.04
CA MET B 810 -9.93 34.53 2.75
C MET B 810 -10.78 34.93 3.96
N SER B 811 -11.20 36.20 3.97
CA SER B 811 -11.99 36.77 5.04
C SER B 811 -13.43 36.99 4.58
N PRO B 812 -14.40 36.77 5.47
CA PRO B 812 -15.80 36.89 5.06
C PRO B 812 -16.18 38.34 4.76
N SER B 813 -17.39 38.50 4.23
CA SER B 813 -17.95 39.83 4.02
C SER B 813 -18.67 40.28 5.29
N ARG B 814 -18.65 41.59 5.52
CA ARG B 814 -19.20 42.18 6.72
C ARG B 814 -20.69 42.49 6.61
N SER B 815 -21.30 42.23 5.45
CA SER B 815 -22.73 42.45 5.25
C SER B 815 -23.39 41.25 4.58
N CYS B 816 -22.81 40.07 4.71
CA CYS B 816 -23.32 38.88 4.03
C CYS B 816 -23.13 37.65 4.89
N GLY B 817 -24.08 36.73 4.79
CA GLY B 817 -23.93 35.40 5.30
C GLY B 817 -23.92 35.31 6.80
N PRO B 818 -23.72 34.09 7.32
CA PRO B 818 -23.71 33.89 8.77
C PRO B 818 -22.38 34.16 9.42
N PHE B 819 -21.32 34.38 8.65
CA PHE B 819 -19.98 34.63 9.18
C PHE B 819 -19.58 36.10 9.03
N ALA B 820 -20.55 37.00 9.12
CA ALA B 820 -20.26 38.42 8.95
C ALA B 820 -19.69 39.06 10.22
N ARG B 821 -19.70 38.36 11.34
CA ARG B 821 -19.19 38.89 12.60
C ARG B 821 -17.80 38.38 12.95
N TYR B 822 -17.13 37.72 12.02
CA TYR B 822 -15.83 37.11 12.28
C TYR B 822 -14.81 37.55 11.25
N GLN B 823 -13.54 37.52 11.63
CA GLN B 823 -12.46 37.89 10.73
C GLN B 823 -12.04 36.76 9.82
N HIS B 824 -12.48 35.53 10.09
CA HIS B 824 -12.19 34.39 9.23
C HIS B 824 -13.42 33.50 9.18
N PHE B 825 -13.39 32.51 8.29
CA PHE B 825 -14.50 31.57 8.18
C PHE B 825 -14.49 30.56 9.32
N TYR B 826 -13.30 30.12 9.74
CA TYR B 826 -13.18 29.08 10.76
C TYR B 826 -13.33 29.60 12.17
N THR B 827 -13.41 30.91 12.37
CA THR B 827 -13.43 31.47 13.71
C THR B 827 -14.59 30.93 14.53
N VAL B 828 -15.76 30.80 13.91
CA VAL B 828 -16.95 30.33 14.62
C VAL B 828 -16.69 28.96 15.25
N VAL B 829 -15.77 28.19 14.68
CA VAL B 829 -15.37 26.94 15.31
C VAL B 829 -14.40 27.20 16.45
N THR B 830 -13.30 27.90 16.17
CA THR B 830 -12.26 28.07 17.18
C THR B 830 -12.77 28.87 18.36
N ARG B 831 -13.66 29.84 18.12
CA ARG B 831 -14.24 30.61 19.21
C ARG B 831 -14.91 29.70 20.24
N GLU B 832 -15.47 28.57 19.80
CA GLU B 832 -16.05 27.61 20.73
C GLU B 832 -15.03 26.61 21.27
N ILE B 833 -13.94 26.39 20.56
CA ILE B 833 -12.87 25.54 21.10
C ILE B 833 -12.17 26.24 22.25
N GLU B 834 -11.91 27.55 22.09
CA GLU B 834 -11.28 28.32 23.16
C GLU B 834 -12.19 28.48 24.37
N LYS B 835 -13.49 28.20 24.24
CA LYS B 835 -14.40 28.29 25.35
C LYS B 835 -14.33 27.09 26.30
N ARG B 836 -13.58 26.06 25.93
CA ARG B 836 -13.46 24.86 26.75
C ARG B 836 -12.02 24.40 26.98
N VAL B 837 -11.07 24.98 26.25
CA VAL B 837 -9.68 24.56 26.37
C VAL B 837 -8.83 25.70 26.90
N ASP B 838 -7.89 25.37 27.78
CA ASP B 838 -7.01 26.38 28.37
C ASP B 838 -6.09 27.02 27.33
N GLN B 839 -5.54 28.18 27.66
CA GLN B 839 -4.66 28.86 26.73
C GLN B 839 -3.30 28.18 26.64
N THR B 840 -2.77 27.72 27.78
CA THR B 840 -1.44 27.14 27.77
C THR B 840 -1.38 25.88 26.91
N VAL B 841 -2.35 24.98 27.07
CA VAL B 841 -2.37 23.77 26.28
C VAL B 841 -2.61 24.09 24.80
N LEU B 842 -3.44 25.11 24.53
CA LEU B 842 -3.65 25.53 23.15
C LEU B 842 -2.36 26.05 22.53
N SER B 843 -1.59 26.84 23.28
CA SER B 843 -0.32 27.34 22.77
C SER B 843 0.67 26.20 22.55
N TYR B 844 0.66 25.20 23.43
CA TYR B 844 1.51 24.03 23.22
C TYR B 844 1.11 23.28 21.96
N ILE B 845 -0.20 23.15 21.71
CA ILE B 845 -0.68 22.43 20.55
C ILE B 845 -0.35 23.19 19.27
N ARG B 846 -0.43 24.52 19.31
CA ARG B 846 -0.24 25.34 18.11
C ARG B 846 1.15 25.18 17.49
N HIS B 847 2.05 24.43 18.12
CA HIS B 847 3.37 24.15 17.56
C HIS B 847 3.40 22.91 16.70
N ILE B 848 2.29 22.17 16.61
CA ILE B 848 2.24 21.03 15.69
C ILE B 848 2.10 21.49 14.25
N ALA B 849 1.60 22.71 14.03
CA ALA B 849 1.45 23.26 12.70
C ALA B 849 2.70 24.00 12.22
N SER B 850 3.86 23.66 12.76
CA SER B 850 5.09 24.28 12.30
C SER B 850 5.43 23.78 10.90
N PRO B 851 6.02 24.62 10.04
CA PRO B 851 6.51 24.11 8.75
C PRO B 851 7.57 23.03 8.90
N GLY B 852 8.40 23.12 9.94
CA GLY B 852 9.46 22.16 10.17
C GLY B 852 9.03 20.85 10.78
N VAL B 853 7.75 20.71 11.10
CA VAL B 853 7.18 19.43 11.49
C VAL B 853 6.29 18.86 10.39
N VAL B 854 5.58 19.73 9.67
CA VAL B 854 4.73 19.28 8.57
C VAL B 854 5.60 18.81 7.40
N ILE B 855 6.60 19.61 7.02
CA ILE B 855 7.40 19.27 5.83
C ILE B 855 8.10 17.93 5.96
N PRO B 856 8.79 17.62 7.07
CA PRO B 856 9.34 16.26 7.19
C PRO B 856 8.27 15.18 7.17
N ILE B 857 7.09 15.45 7.72
CA ILE B 857 6.02 14.45 7.68
C ILE B 857 5.55 14.23 6.25
N ILE B 858 5.38 15.32 5.49
CA ILE B 858 4.98 15.19 4.09
C ILE B 858 6.03 14.43 3.29
N LEU B 859 7.31 14.76 3.51
CA LEU B 859 8.38 14.07 2.80
C LEU B 859 8.45 12.59 3.19
N PHE B 860 8.23 12.29 4.47
CA PHE B 860 8.20 10.89 4.91
C PHE B 860 7.06 10.13 4.27
N LEU B 861 5.88 10.75 4.18
CA LEU B 861 4.76 10.09 3.53
C LEU B 861 5.04 9.88 2.04
N ILE B 862 5.69 10.85 1.40
CA ILE B 862 6.05 10.71 0.00
C ILE B 862 7.02 9.55 -0.19
N LEU B 863 8.06 9.48 0.65
CA LEU B 863 9.05 8.42 0.53
C LEU B 863 8.44 7.05 0.82
N ILE B 864 7.61 6.96 1.86
CA ILE B 864 7.01 5.68 2.20
C ILE B 864 6.06 5.24 1.10
N ILE B 865 5.33 6.18 0.48
CA ILE B 865 4.46 5.83 -0.63
C ILE B 865 5.28 5.35 -1.82
N TYR B 866 6.39 6.04 -2.12
CA TYR B 866 7.21 5.67 -3.26
C TYR B 866 7.78 4.27 -3.10
N PHE B 867 8.32 3.95 -1.92
CA PHE B 867 8.92 2.64 -1.73
C PHE B 867 7.86 1.54 -1.58
N LEU B 868 6.78 1.83 -0.85
CA LEU B 868 5.68 0.88 -0.75
C LEU B 868 5.04 0.62 -2.09
N PHE B 869 5.14 1.55 -3.04
CA PHE B 869 4.63 1.31 -4.39
C PHE B 869 5.40 0.17 -5.05
N SER B 870 6.73 0.22 -5.01
CA SER B 870 7.53 -0.87 -5.55
C SER B 870 7.29 -2.17 -4.79
N LEU B 871 7.19 -2.09 -3.47
CA LEU B 871 6.93 -3.29 -2.68
C LEU B 871 5.60 -3.93 -3.06
N VAL B 872 4.55 -3.13 -3.21
CA VAL B 872 3.23 -3.64 -3.53
C VAL B 872 3.20 -4.18 -4.96
N ARG B 873 3.87 -3.51 -5.90
CA ARG B 873 3.90 -4.01 -7.26
C ARG B 873 4.63 -5.35 -7.33
N GLY B 874 5.73 -5.49 -6.59
CA GLY B 874 6.43 -6.76 -6.55
C GLY B 874 5.60 -7.87 -5.92
N LEU B 875 4.91 -7.54 -4.81
CA LEU B 875 4.06 -8.52 -4.16
C LEU B 875 2.92 -8.96 -5.08
N ARG B 876 2.29 -8.01 -5.78
CA ARG B 876 1.21 -8.37 -6.68
C ARG B 876 1.70 -9.19 -7.86
N GLU B 877 2.89 -8.86 -8.40
CA GLU B 877 3.45 -9.65 -9.48
C GLU B 877 3.78 -11.06 -9.03
N ALA B 878 4.32 -11.21 -7.81
CA ALA B 878 4.71 -12.53 -7.33
C ALA B 878 3.55 -13.33 -6.78
N ASN B 879 2.41 -12.70 -6.50
CA ASN B 879 1.24 -13.44 -6.02
C ASN B 879 0.75 -14.41 -7.09
N THR B 880 0.70 -13.96 -8.36
CA THR B 880 0.32 -14.85 -9.44
C THR B 880 1.37 -15.92 -9.71
N ASP B 881 2.66 -15.55 -9.57
CA ASP B 881 3.72 -16.53 -9.80
C ASP B 881 3.69 -17.64 -8.76
N LEU B 882 3.43 -17.29 -7.50
CA LEU B 882 3.38 -18.29 -6.44
C LEU B 882 2.13 -19.16 -6.50
N GLN B 883 1.15 -18.77 -7.30
CA GLN B 883 -0.08 -19.55 -7.44
C GLN B 883 0.17 -20.83 -8.23
N GLY C 18 46.97 -14.80 -11.05
CA GLY C 18 48.40 -14.93 -10.80
C GLY C 18 48.93 -16.31 -11.07
N VAL C 19 48.94 -17.17 -10.05
CA VAL C 19 49.39 -18.54 -10.22
C VAL C 19 48.49 -19.29 -11.19
N PHE C 20 47.19 -19.12 -11.04
CA PHE C 20 46.21 -19.80 -11.89
C PHE C 20 45.89 -18.96 -13.11
N THR C 21 45.42 -19.63 -14.16
CA THR C 21 44.96 -18.92 -15.34
C THR C 21 43.70 -18.13 -15.03
N ARG C 22 43.59 -16.94 -15.64
CA ARG C 22 42.45 -16.08 -15.37
C ARG C 22 41.15 -16.73 -15.83
N GLU C 23 41.16 -17.35 -17.02
CA GLU C 23 39.94 -17.87 -17.62
C GLU C 23 39.19 -18.80 -16.66
N GLN C 24 39.94 -19.58 -15.87
CA GLN C 24 39.31 -20.38 -14.83
C GLN C 24 38.57 -19.50 -13.83
N LEU C 25 39.18 -18.38 -13.43
CA LEU C 25 38.54 -17.50 -12.45
C LEU C 25 37.29 -16.84 -13.02
N ASP C 26 37.35 -16.37 -14.28
CA ASP C 26 36.14 -15.84 -14.89
C ASP C 26 35.05 -16.90 -14.99
N GLU C 27 35.41 -18.14 -15.35
CA GLU C 27 34.41 -19.20 -15.43
C GLU C 27 33.80 -19.48 -14.06
N TYR C 28 34.63 -19.52 -13.02
CA TYR C 28 34.13 -19.80 -11.68
C TYR C 28 33.20 -18.70 -11.19
N GLN C 29 33.58 -17.43 -11.43
CA GLN C 29 32.70 -16.33 -11.03
C GLN C 29 31.41 -16.32 -11.82
N ASP C 30 31.46 -16.70 -13.10
CA ASP C 30 30.24 -16.78 -13.91
C ASP C 30 29.32 -17.91 -13.44
N CYS C 31 29.91 -19.01 -12.97
CA CYS C 31 29.10 -20.17 -12.55
C CYS C 31 28.65 -20.08 -11.10
N THR C 32 29.50 -19.60 -10.21
CA THR C 32 29.23 -19.55 -8.78
C THR C 32 28.91 -18.13 -8.33
N PHE C 33 28.75 -17.96 -7.03
CA PHE C 33 28.52 -16.65 -6.42
C PHE C 33 29.80 -16.02 -5.89
N PHE C 34 30.96 -16.62 -6.14
CA PHE C 34 32.19 -16.22 -5.48
C PHE C 34 32.96 -15.18 -6.28
N THR C 35 33.92 -14.56 -5.62
CA THR C 35 34.90 -13.67 -6.22
C THR C 35 36.26 -14.36 -6.21
N ARG C 36 37.28 -13.64 -6.68
CA ARG C 36 38.62 -14.22 -6.73
C ARG C 36 39.13 -14.56 -5.33
N LYS C 37 38.88 -13.68 -4.36
CA LYS C 37 39.33 -13.95 -2.99
C LYS C 37 38.68 -15.19 -2.42
N ASP C 38 37.37 -15.38 -2.65
CA ASP C 38 36.70 -16.58 -2.17
C ASP C 38 37.25 -17.83 -2.83
N ILE C 39 37.52 -17.76 -4.13
CA ILE C 39 38.08 -18.92 -4.83
C ILE C 39 39.44 -19.27 -4.25
N ILE C 40 40.30 -18.26 -4.02
CA ILE C 40 41.62 -18.53 -3.50
C ILE C 40 41.54 -19.09 -2.08
N ARG C 41 40.67 -18.53 -1.25
CA ARG C 41 40.52 -19.03 0.11
C ARG C 41 40.04 -20.47 0.13
N LEU C 42 39.05 -20.79 -0.72
CA LEU C 42 38.56 -22.16 -0.77
C LEU C 42 39.61 -23.11 -1.32
N TYR C 43 40.45 -22.66 -2.26
CA TYR C 43 41.53 -23.50 -2.75
C TYR C 43 42.54 -23.77 -1.64
N LYS C 44 42.87 -22.75 -0.84
CA LYS C 44 43.78 -22.98 0.28
C LYS C 44 43.18 -23.98 1.27
N ARG C 45 41.89 -23.85 1.57
CA ARG C 45 41.26 -24.79 2.50
C ARG C 45 41.24 -26.20 1.93
N PHE C 46 40.93 -26.34 0.64
CA PHE C 46 40.93 -27.66 0.02
C PHE C 46 42.31 -28.29 0.04
N TYR C 47 43.35 -27.51 -0.25
CA TYR C 47 44.71 -28.03 -0.18
C TYR C 47 45.08 -28.43 1.24
N ALA C 48 44.70 -27.61 2.23
CA ALA C 48 44.99 -27.93 3.62
C ALA C 48 44.21 -29.15 4.10
N LEU C 49 43.11 -29.49 3.43
CA LEU C 49 42.38 -30.70 3.81
C LEU C 49 43.23 -31.95 3.60
N ASN C 50 43.95 -32.01 2.48
CA ASN C 50 44.87 -33.10 2.21
C ASN C 50 45.93 -32.66 1.21
N PRO C 51 47.10 -32.20 1.69
CA PRO C 51 48.12 -31.72 0.75
C PRO C 51 48.66 -32.79 -0.17
N HIS C 52 48.55 -34.07 0.18
CA HIS C 52 49.14 -35.13 -0.62
C HIS C 52 48.35 -35.35 -1.92
N LYS C 53 47.02 -35.27 -1.84
CA LYS C 53 46.17 -35.54 -2.99
C LYS C 53 45.81 -34.30 -3.79
N VAL C 54 46.34 -33.13 -3.42
CA VAL C 54 46.05 -31.88 -4.10
C VAL C 54 47.37 -31.25 -4.52
N PRO C 55 47.62 -31.07 -5.82
CA PRO C 55 48.86 -30.44 -6.26
C PRO C 55 48.82 -28.93 -6.10
N THR C 56 50.01 -28.33 -6.10
CA THR C 56 50.12 -26.88 -5.97
C THR C 56 49.60 -26.18 -7.22
N ASN C 57 50.25 -26.41 -8.36
CA ASN C 57 49.76 -25.88 -9.63
C ASN C 57 48.58 -26.70 -10.10
N MET C 58 47.46 -26.02 -10.36
CA MET C 58 46.18 -26.68 -10.59
C MET C 58 45.50 -26.06 -11.81
N GLN C 59 46.24 -25.96 -12.91
CA GLN C 59 45.76 -25.37 -14.15
C GLN C 59 45.30 -26.47 -15.10
N GLY C 60 44.18 -26.23 -15.78
CA GLY C 60 43.68 -27.17 -16.77
C GLY C 60 42.43 -27.91 -16.33
N ASN C 61 42.34 -29.18 -16.68
CA ASN C 61 41.22 -30.03 -16.26
C ASN C 61 41.47 -30.71 -14.93
N ARG C 62 42.57 -30.36 -14.25
CA ARG C 62 42.87 -30.97 -12.96
C ARG C 62 41.76 -30.81 -11.92
N PRO C 63 41.05 -29.68 -11.81
CA PRO C 63 39.95 -29.62 -10.84
C PRO C 63 38.90 -30.70 -11.03
N ALA C 64 38.68 -31.14 -12.27
CA ALA C 64 37.73 -32.24 -12.49
C ALA C 64 38.30 -33.59 -12.06
N ILE C 65 39.62 -33.73 -12.00
CA ILE C 65 40.23 -35.00 -11.62
C ILE C 65 40.85 -34.98 -10.24
N THR C 66 41.14 -33.81 -9.67
CA THR C 66 41.60 -33.73 -8.29
C THR C 66 40.43 -33.99 -7.36
N THR C 67 40.56 -35.01 -6.51
CA THR C 67 39.43 -35.52 -5.75
C THR C 67 39.83 -35.85 -4.32
N LEU C 68 38.82 -35.88 -3.46
CA LEU C 68 38.94 -36.23 -2.06
C LEU C 68 37.78 -37.14 -1.67
N THR C 69 37.98 -37.91 -0.60
CA THR C 69 36.94 -38.82 -0.14
C THR C 69 35.91 -38.07 0.71
N PHE C 70 34.86 -38.80 1.09
CA PHE C 70 33.79 -38.19 1.89
C PHE C 70 34.22 -37.95 3.33
N GLU C 71 35.08 -38.81 3.87
CA GLU C 71 35.49 -38.67 5.27
C GLU C 71 36.25 -37.37 5.50
N GLU C 72 37.15 -37.01 4.57
CA GLU C 72 37.92 -35.78 4.72
C GLU C 72 37.02 -34.56 4.69
N VAL C 73 36.04 -34.54 3.79
CA VAL C 73 35.14 -33.39 3.70
C VAL C 73 34.23 -33.32 4.93
N GLU C 74 33.78 -34.48 5.42
CA GLU C 74 32.95 -34.49 6.63
C GLU C 74 33.74 -34.17 7.89
N LYS C 75 35.07 -34.29 7.84
CA LYS C 75 35.89 -33.91 8.99
C LYS C 75 35.89 -32.42 9.25
N MET C 76 35.50 -31.61 8.27
CA MET C 76 35.56 -30.16 8.40
C MET C 76 34.57 -29.67 9.45
N PRO C 77 34.92 -28.62 10.18
CA PRO C 77 34.06 -28.15 11.28
C PRO C 77 32.67 -27.72 10.84
N GLU C 78 32.55 -27.10 9.66
CA GLU C 78 31.25 -26.62 9.21
C GLU C 78 30.30 -27.77 8.86
N LEU C 79 30.81 -28.97 8.63
CA LEU C 79 30.00 -30.12 8.29
C LEU C 79 30.03 -31.22 9.35
N LYS C 80 30.94 -31.14 10.32
CA LYS C 80 31.13 -32.25 11.24
C LYS C 80 29.90 -32.49 12.10
N GLU C 81 29.25 -31.43 12.58
CA GLU C 81 28.11 -31.57 13.47
C GLU C 81 26.78 -31.63 12.75
N ASN C 82 26.78 -31.52 11.43
CA ASN C 82 25.53 -31.60 10.69
C ASN C 82 25.03 -33.04 10.67
N PRO C 83 23.79 -33.30 11.10
CA PRO C 83 23.27 -34.67 11.00
C PRO C 83 23.17 -35.17 9.57
N PHE C 84 22.95 -34.26 8.61
CA PHE C 84 22.85 -34.61 7.20
C PHE C 84 24.15 -34.36 6.45
N LYS C 85 25.30 -34.56 7.10
CA LYS C 85 26.57 -34.34 6.43
C LYS C 85 26.74 -35.30 5.26
N ARG C 86 26.33 -36.56 5.46
CA ARG C 86 26.43 -37.54 4.38
C ARG C 86 25.56 -37.13 3.19
N ARG C 87 24.34 -36.68 3.46
CA ARG C 87 23.46 -36.25 2.38
C ARG C 87 24.02 -35.02 1.65
N ILE C 88 24.58 -34.08 2.40
CA ILE C 88 25.16 -32.89 1.80
C ILE C 88 26.34 -33.27 0.91
N CYS C 89 27.17 -34.22 1.37
CA CYS C 89 28.28 -34.66 0.55
C CYS C 89 27.80 -35.42 -0.68
N GLU C 90 26.71 -36.18 -0.55
CA GLU C 90 26.25 -37.02 -1.66
C GLU C 90 25.54 -36.21 -2.74
N VAL C 91 24.80 -35.18 -2.35
CA VAL C 91 24.03 -34.41 -3.33
C VAL C 91 24.95 -33.71 -4.31
N PHE C 92 26.04 -33.11 -3.82
CA PHE C 92 26.96 -32.36 -4.64
C PHE C 92 28.03 -33.23 -5.27
N SER C 93 27.96 -34.55 -5.09
CA SER C 93 28.96 -35.44 -5.65
C SER C 93 28.91 -35.46 -7.17
N GLU C 94 30.07 -35.64 -7.78
CA GLU C 94 30.20 -35.68 -9.23
C GLU C 94 29.77 -37.06 -9.73
N ASP C 95 30.09 -37.36 -11.00
CA ASP C 95 29.75 -38.67 -11.56
C ASP C 95 30.37 -39.79 -10.73
N GLY C 96 31.59 -39.61 -10.24
CA GLY C 96 32.19 -40.56 -9.33
C GLY C 96 31.42 -40.67 -8.02
N ARG C 97 31.22 -41.88 -7.54
CA ARG C 97 30.47 -42.10 -6.31
C ARG C 97 31.40 -42.08 -5.10
N GLY C 98 30.91 -41.51 -4.01
CA GLY C 98 31.68 -41.45 -2.77
C GLY C 98 32.93 -40.61 -2.87
N ASN C 99 32.85 -39.50 -3.61
CA ASN C 99 34.00 -38.64 -3.88
C ASN C 99 33.51 -37.21 -4.06
N LEU C 100 34.43 -36.27 -3.86
CA LEU C 100 34.13 -34.85 -4.04
C LEU C 100 35.36 -34.17 -4.66
N SER C 101 35.14 -33.38 -5.70
CA SER C 101 36.20 -32.63 -6.34
C SER C 101 36.08 -31.15 -6.00
N PHE C 102 37.00 -30.35 -6.53
CA PHE C 102 36.96 -28.91 -6.29
C PHE C 102 35.68 -28.29 -6.82
N ASP C 103 35.22 -28.72 -7.99
CA ASP C 103 33.97 -28.19 -8.53
C ASP C 103 32.81 -28.54 -7.62
N ASP C 104 32.81 -29.74 -7.03
CA ASP C 104 31.79 -30.11 -6.06
C ASP C 104 31.89 -29.24 -4.81
N PHE C 105 33.11 -28.96 -4.35
CA PHE C 105 33.30 -28.06 -3.22
C PHE C 105 32.69 -26.69 -3.50
N LEU C 106 32.97 -26.14 -4.68
CA LEU C 106 32.46 -24.83 -5.05
C LEU C 106 30.94 -24.85 -5.17
N ASP C 107 30.37 -25.91 -5.75
CA ASP C 107 28.92 -26.05 -5.76
C ASP C 107 28.35 -26.03 -4.36
N MET C 108 28.94 -26.81 -3.46
CA MET C 108 28.42 -26.94 -2.10
C MET C 108 28.47 -25.62 -1.37
N PHE C 109 29.55 -24.88 -1.50
CA PHE C 109 29.71 -23.65 -0.74
C PHE C 109 29.19 -22.42 -1.47
N SER C 110 28.74 -22.55 -2.71
CA SER C 110 28.01 -21.48 -3.37
C SER C 110 26.51 -21.64 -3.21
N VAL C 111 26.01 -22.87 -3.13
CA VAL C 111 24.60 -23.08 -2.85
C VAL C 111 24.28 -22.66 -1.42
N PHE C 112 25.14 -23.03 -0.47
CA PHE C 112 24.86 -22.85 0.95
C PHE C 112 25.07 -21.41 1.41
N SER C 113 25.76 -20.59 0.63
CA SER C 113 26.09 -19.24 1.05
C SER C 113 24.82 -18.41 1.26
N GLU C 114 25.00 -17.24 1.88
CA GLU C 114 23.87 -16.38 2.19
C GLU C 114 23.35 -15.63 0.97
N MET C 115 24.22 -15.34 0.00
CA MET C 115 23.83 -14.60 -1.18
C MET C 115 22.99 -15.44 -2.14
N ALA C 116 22.91 -16.75 -1.93
CA ALA C 116 22.13 -17.61 -2.82
C ALA C 116 20.65 -17.27 -2.73
N PRO C 117 19.92 -17.39 -3.84
CA PRO C 117 18.48 -17.09 -3.83
C PRO C 117 17.70 -18.16 -3.09
N LEU C 118 16.45 -17.82 -2.80
CA LEU C 118 15.58 -18.73 -2.06
C LEU C 118 15.30 -20.01 -2.86
N GLN C 119 15.15 -19.87 -4.19
CA GLN C 119 14.80 -21.03 -5.01
C GLN C 119 15.89 -22.09 -4.97
N LEU C 120 17.16 -21.69 -5.09
CA LEU C 120 18.26 -22.64 -5.09
C LEU C 120 18.35 -23.35 -3.74
N LYS C 121 18.19 -22.59 -2.65
CA LYS C 121 18.21 -23.19 -1.32
C LYS C 121 17.08 -24.21 -1.16
N LEU C 122 15.88 -23.85 -1.60
CA LEU C 122 14.74 -24.76 -1.49
C LEU C 122 14.99 -26.04 -2.28
N LYS C 123 15.48 -25.88 -3.51
CA LYS C 123 15.65 -27.04 -4.40
C LYS C 123 16.72 -27.99 -3.85
N TYR C 124 17.86 -27.44 -3.42
CA TYR C 124 18.91 -28.31 -2.91
C TYR C 124 18.56 -28.87 -1.52
N ALA C 125 17.77 -28.14 -0.73
CA ALA C 125 17.29 -28.71 0.53
C ALA C 125 16.37 -29.89 0.28
N PHE C 126 15.49 -29.78 -0.71
CA PHE C 126 14.64 -30.90 -1.06
C PHE C 126 15.46 -32.08 -1.56
N ARG C 127 16.49 -31.82 -2.37
CA ARG C 127 17.35 -32.91 -2.82
C ARG C 127 18.12 -33.54 -1.67
N ILE C 128 18.46 -32.74 -0.64
CA ILE C 128 19.17 -33.28 0.52
C ILE C 128 18.24 -34.16 1.35
N TYR C 129 17.01 -33.69 1.59
CA TYR C 129 16.11 -34.38 2.50
C TYR C 129 15.58 -35.70 1.94
N ASP C 130 15.83 -36.00 0.67
CA ASP C 130 15.38 -37.25 0.06
C ASP C 130 16.57 -38.18 -0.10
N TYR C 131 16.48 -39.37 0.52
CA TYR C 131 17.59 -40.32 0.54
C TYR C 131 17.59 -41.22 -0.68
N ASP C 132 16.44 -41.77 -1.06
CA ASP C 132 16.37 -42.64 -2.23
C ASP C 132 16.69 -41.87 -3.51
N GLY C 133 16.16 -40.66 -3.65
CA GLY C 133 16.42 -39.86 -4.83
C GLY C 133 15.43 -40.10 -5.95
N ASP C 134 14.13 -40.05 -5.65
CA ASP C 134 13.09 -40.27 -6.64
C ASP C 134 12.21 -39.04 -6.82
N GLU C 135 12.68 -37.87 -6.41
CA GLU C 135 11.94 -36.60 -6.50
C GLU C 135 10.63 -36.64 -5.72
N LEU C 136 10.55 -37.50 -4.70
CA LEU C 136 9.35 -37.63 -3.89
C LEU C 136 9.74 -37.84 -2.43
N LEU C 137 9.11 -37.11 -1.53
CA LEU C 137 9.40 -37.20 -0.10
C LEU C 137 8.51 -38.26 0.51
N GLY C 138 8.98 -39.50 0.49
CA GLY C 138 8.22 -40.61 1.02
C GLY C 138 8.19 -40.64 2.53
N HIS C 139 7.41 -41.59 3.05
CA HIS C 139 7.30 -41.76 4.51
C HIS C 139 8.61 -42.22 5.11
N ASP C 140 9.32 -43.13 4.43
CA ASP C 140 10.58 -43.63 4.96
C ASP C 140 11.63 -42.51 5.03
N ASP C 141 11.65 -41.63 4.03
CA ASP C 141 12.57 -40.50 4.07
C ASP C 141 12.27 -39.58 5.25
N LEU C 142 10.99 -39.31 5.48
CA LEU C 142 10.61 -38.44 6.59
C LEU C 142 10.99 -39.07 7.93
N SER C 143 10.72 -40.36 8.10
CA SER C 143 11.07 -41.03 9.35
C SER C 143 12.57 -41.05 9.55
N LYS C 144 13.34 -41.35 8.50
CA LYS C 144 14.79 -41.38 8.61
C LYS C 144 15.34 -40.01 8.98
N MET C 145 14.82 -38.95 8.36
CA MET C 145 15.34 -37.61 8.64
C MET C 145 14.94 -37.16 10.03
N ILE C 146 13.74 -37.50 10.50
CA ILE C 146 13.34 -37.16 11.86
C ILE C 146 14.24 -37.86 12.87
N ARG C 147 14.51 -39.16 12.65
CA ARG C 147 15.35 -39.89 13.59
C ARG C 147 16.81 -39.45 13.50
N SER C 148 17.23 -38.92 12.35
CA SER C 148 18.58 -38.36 12.24
C SER C 148 18.69 -37.03 12.97
N LEU C 149 17.68 -36.18 12.83
CA LEU C 149 17.71 -34.87 13.48
C LEU C 149 17.59 -34.99 14.99
N THR C 150 16.75 -35.91 15.46
CA THR C 150 16.46 -36.04 16.89
C THR C 150 17.43 -36.96 17.62
N ARG C 151 18.12 -37.85 16.89
CA ARG C 151 19.08 -38.81 17.46
C ARG C 151 18.37 -39.88 18.29
N ASP C 152 17.18 -40.29 17.84
CA ASP C 152 16.39 -41.33 18.51
C ASP C 152 16.12 -40.95 19.96
N GLU C 153 15.38 -39.87 20.15
CA GLU C 153 14.90 -39.48 21.46
C GLU C 153 13.38 -39.44 21.55
N LEU C 154 12.71 -39.09 20.45
CA LEU C 154 11.26 -39.22 20.37
C LEU C 154 10.87 -40.69 20.31
N SER C 155 9.72 -41.00 20.88
CA SER C 155 9.21 -42.36 20.82
C SER C 155 8.72 -42.68 19.41
N ASP C 156 8.55 -43.98 19.13
CA ASP C 156 8.07 -44.40 17.81
C ASP C 156 6.68 -43.86 17.55
N VAL C 157 5.81 -43.88 18.55
CA VAL C 157 4.47 -43.33 18.40
C VAL C 157 4.54 -41.84 18.11
N GLU C 158 5.46 -41.13 18.77
CA GLU C 158 5.62 -39.70 18.51
C GLU C 158 6.06 -39.45 17.07
N VAL C 159 7.00 -40.26 16.57
CA VAL C 159 7.46 -40.10 15.19
C VAL C 159 6.32 -40.36 14.23
N GLU C 160 5.53 -41.42 14.47
CA GLU C 160 4.40 -41.70 13.59
C GLU C 160 3.38 -40.57 13.61
N PHE C 161 3.08 -40.03 14.79
CA PHE C 161 2.16 -38.91 14.89
C PHE C 161 2.68 -37.69 14.14
N ILE C 162 3.97 -37.40 14.27
CA ILE C 162 4.56 -36.25 13.59
C ILE C 162 4.47 -36.41 12.08
N ILE C 163 4.81 -37.60 11.59
CA ILE C 163 4.73 -37.85 10.14
C ILE C 163 3.29 -37.76 9.66
N GLU C 164 2.35 -38.27 10.45
CA GLU C 164 0.94 -38.22 10.05
C GLU C 164 0.45 -36.78 9.95
N ARG C 165 0.77 -35.94 10.94
CA ARG C 165 0.38 -34.53 10.88
C ARG C 165 1.06 -33.82 9.71
N ILE C 166 2.34 -34.11 9.47
CA ILE C 166 3.04 -33.46 8.37
C ILE C 166 2.42 -33.84 7.03
N ILE C 167 2.09 -35.11 6.85
CA ILE C 167 1.44 -35.55 5.62
C ILE C 167 0.07 -34.88 5.48
N GLU C 168 -0.69 -34.80 6.58
CA GLU C 168 -2.02 -34.21 6.51
C GLU C 168 -1.96 -32.74 6.13
N GLU C 169 -1.02 -31.99 6.70
CA GLU C 169 -0.98 -30.54 6.48
C GLU C 169 -0.06 -30.13 5.33
N ALA C 170 0.62 -31.08 4.69
CA ALA C 170 1.57 -30.73 3.63
C ALA C 170 1.34 -31.50 2.35
N ASP C 171 0.38 -32.42 2.30
CA ASP C 171 0.05 -33.16 1.09
C ASP C 171 -1.34 -32.75 0.62
N LEU C 172 -1.43 -32.32 -0.64
CA LEU C 172 -2.67 -31.86 -1.22
C LEU C 172 -3.24 -32.78 -2.29
N ASP C 173 -2.40 -33.63 -2.89
CA ASP C 173 -2.83 -34.54 -3.93
C ASP C 173 -3.24 -35.91 -3.40
N GLY C 174 -3.17 -36.11 -2.07
CA GLY C 174 -3.54 -37.39 -1.51
C GLY C 174 -2.58 -38.52 -1.83
N ASP C 175 -1.35 -38.21 -2.20
CA ASP C 175 -0.36 -39.21 -2.55
C ASP C 175 0.38 -39.78 -1.35
N SER C 176 0.18 -39.21 -0.16
CA SER C 176 0.91 -39.60 1.05
C SER C 176 2.43 -39.44 0.86
N SER C 177 2.83 -38.51 0.01
CA SER C 177 4.25 -38.28 -0.26
C SER C 177 4.41 -36.89 -0.86
N ILE C 178 5.09 -36.00 -0.16
CA ILE C 178 5.28 -34.63 -0.63
C ILE C 178 6.27 -34.62 -1.78
N ASN C 179 6.08 -33.69 -2.72
CA ASN C 179 6.96 -33.52 -3.85
C ASN C 179 7.54 -32.11 -3.83
N PHE C 180 8.19 -31.73 -4.93
CA PHE C 180 8.85 -30.42 -5.00
C PHE C 180 7.86 -29.29 -4.81
N ALA C 181 6.70 -29.36 -5.48
CA ALA C 181 5.78 -28.23 -5.51
C ALA C 181 5.24 -27.91 -4.12
N GLU C 182 4.70 -28.92 -3.42
CA GLU C 182 4.09 -28.66 -2.12
C GLU C 182 5.14 -28.32 -1.07
N PHE C 183 6.30 -28.99 -1.11
CA PHE C 183 7.38 -28.68 -0.18
C PHE C 183 7.83 -27.23 -0.34
N GLU C 184 8.04 -26.82 -1.60
CA GLU C 184 8.45 -25.44 -1.86
C GLU C 184 7.35 -24.46 -1.46
N HIS C 185 6.09 -24.82 -1.64
CA HIS C 185 5.01 -23.93 -1.23
C HIS C 185 4.96 -23.78 0.28
N VAL C 186 5.24 -24.86 1.02
CA VAL C 186 5.02 -24.83 2.46
C VAL C 186 6.21 -24.29 3.24
N VAL C 187 7.45 -24.59 2.82
CA VAL C 187 8.61 -24.16 3.61
C VAL C 187 9.28 -22.91 3.05
N SER C 188 8.82 -22.38 1.92
CA SER C 188 9.37 -21.11 1.44
C SER C 188 8.71 -19.92 2.09
N ARG C 189 7.57 -20.10 2.76
CA ARG C 189 6.99 -19.04 3.57
C ARG C 189 7.44 -19.10 5.02
N SER C 190 8.34 -20.01 5.34
CA SER C 190 8.94 -20.07 6.67
C SER C 190 9.88 -18.88 6.85
N PRO C 191 9.70 -18.06 7.88
CA PRO C 191 10.62 -16.94 8.12
C PRO C 191 11.95 -17.33 8.72
N ASP C 192 12.27 -18.63 8.78
CA ASP C 192 13.51 -19.11 9.39
C ASP C 192 14.29 -20.04 8.46
N PHE C 193 13.91 -20.16 7.20
CA PHE C 193 14.59 -21.12 6.33
C PHE C 193 15.89 -20.55 5.76
N ILE C 194 15.83 -19.34 5.21
CA ILE C 194 17.04 -18.72 4.66
C ILE C 194 18.01 -18.34 5.78
N ARG C 195 17.50 -18.18 7.01
CA ARG C 195 18.36 -17.93 8.15
C ARG C 195 19.05 -19.20 8.64
N THR C 196 18.34 -20.33 8.58
CA THR C 196 18.92 -21.60 9.02
C THR C 196 19.77 -22.24 7.94
N PHE C 197 19.21 -22.41 6.74
CA PHE C 197 19.93 -23.07 5.66
C PHE C 197 21.04 -22.18 5.15
N HIS C 198 22.12 -22.07 5.92
CA HIS C 198 23.21 -21.15 5.61
C HIS C 198 24.50 -21.73 6.18
N ILE C 199 25.56 -21.70 5.38
CA ILE C 199 26.88 -22.13 5.81
C ILE C 199 27.88 -21.06 5.39
N ARG C 200 28.63 -20.53 6.35
CA ARG C 200 29.56 -19.44 6.10
C ARG C 200 30.96 -19.99 5.91
N ILE C 201 31.61 -19.61 4.81
CA ILE C 201 32.96 -20.05 4.51
C ILE C 201 33.59 -19.15 3.44
N VAL D 18 52.52 18.51 41.27
CA VAL D 18 51.41 17.71 40.76
C VAL D 18 50.16 17.92 41.61
N ALA D 19 49.35 18.91 41.25
CA ALA D 19 48.13 19.19 41.99
C ALA D 19 47.15 18.03 41.84
N PRO D 20 46.44 17.66 42.91
CA PRO D 20 45.51 16.53 42.81
C PRO D 20 44.39 16.73 41.80
N GLY D 21 43.93 17.97 41.63
CA GLY D 21 42.85 18.26 40.71
C GLY D 21 43.26 18.78 39.35
N LEU D 22 44.56 18.93 39.10
CA LEU D 22 45.04 19.46 37.83
C LEU D 22 46.21 18.70 37.23
N ARG D 23 46.85 17.79 37.97
CA ARG D 23 47.91 16.96 37.41
C ARG D 23 47.83 15.48 37.79
N LEU D 24 47.16 15.11 38.88
CA LEU D 24 47.15 13.71 39.31
C LEU D 24 46.28 12.86 38.40
N TRP D 25 45.15 13.39 37.93
CA TRP D 25 44.22 12.57 37.19
C TRP D 25 44.78 12.14 35.84
N MET D 26 45.65 12.96 35.22
CA MET D 26 46.33 12.50 34.01
C MET D 26 47.24 11.32 34.29
N LEU D 27 47.96 11.36 35.42
CA LEU D 27 48.81 10.22 35.76
C LEU D 27 47.98 8.96 36.01
N ILE D 28 46.87 9.11 36.73
CA ILE D 28 46.00 7.96 36.97
C ILE D 28 45.44 7.42 35.66
N ALA D 29 45.02 8.32 34.77
CA ALA D 29 44.46 7.92 33.49
C ALA D 29 45.50 7.22 32.63
N LEU D 30 46.75 7.72 32.65
CA LEU D 30 47.81 7.08 31.88
C LEU D 30 48.12 5.69 32.41
N VAL D 31 48.17 5.54 33.74
CA VAL D 31 48.41 4.22 34.33
C VAL D 31 47.28 3.26 33.96
N GLY D 32 46.04 3.74 34.09
CA GLY D 32 44.90 2.91 33.72
C GLY D 32 44.89 2.55 32.25
N GLY D 33 45.27 3.49 31.38
CA GLY D 33 45.29 3.22 29.97
C GLY D 33 46.36 2.20 29.58
N VAL D 34 47.55 2.32 30.15
CA VAL D 34 48.59 1.34 29.81
C VAL D 34 48.24 -0.03 30.38
N LEU D 35 47.64 -0.07 31.58
CA LEU D 35 47.19 -1.34 32.13
C LEU D 35 46.10 -1.96 31.26
N LEU D 36 45.17 -1.14 30.78
CA LEU D 36 44.10 -1.62 29.92
C LEU D 36 44.65 -2.14 28.60
N ILE D 37 45.62 -1.44 28.02
CA ILE D 37 46.23 -1.89 26.78
C ILE D 37 46.93 -3.23 26.98
N MET D 38 47.67 -3.36 28.10
CA MET D 38 48.34 -4.63 28.39
C MET D 38 47.33 -5.76 28.58
N ILE D 39 46.23 -5.49 29.29
CA ILE D 39 45.22 -6.52 29.51
C ILE D 39 44.57 -6.92 28.20
N VAL D 40 44.23 -5.94 27.35
CA VAL D 40 43.59 -6.25 26.07
C VAL D 40 44.51 -7.07 25.19
N ILE D 41 45.80 -6.71 25.15
CA ILE D 41 46.76 -7.47 24.34
C ILE D 41 46.91 -8.88 24.91
N VAL D 42 46.92 -9.02 26.23
CA VAL D 42 47.04 -10.34 26.84
C VAL D 42 45.83 -11.20 26.49
N CYS D 43 44.63 -10.64 26.57
CA CYS D 43 43.41 -11.38 26.28
C CYS D 43 43.12 -11.48 24.79
N CYS D 44 44.06 -10.98 23.98
CA CYS D 44 43.93 -11.03 22.53
C CYS D 44 44.49 -12.36 22.03
N PHE D 45 45.53 -12.84 22.69
CA PHE D 45 46.18 -14.10 22.30
C PHE D 45 45.75 -15.25 23.20
N MET D 46 44.58 -15.13 23.81
CA MET D 46 44.07 -16.14 24.72
C MET D 46 42.62 -16.44 24.39
N ARG D 47 42.18 -17.65 24.72
CA ARG D 47 40.86 -18.17 24.36
C ARG D 47 40.13 -18.67 25.59
N ILE D 48 40.05 -17.82 26.61
CA ILE D 48 39.38 -18.20 27.86
C ILE D 48 37.94 -18.62 27.57
N ARG D 49 37.41 -19.49 28.44
CA ARG D 49 36.04 -19.97 28.34
C ARG D 49 35.58 -20.30 29.75
N ILE D 50 34.83 -19.39 30.37
CA ILE D 50 34.48 -19.51 31.79
C ILE D 50 33.47 -20.63 32.02
N PRO D 51 32.28 -20.62 31.41
CA PRO D 51 31.28 -21.64 31.75
C PRO D 51 31.73 -23.04 31.37
N ARG D 52 31.34 -24.00 32.19
CA ARG D 52 31.61 -25.41 31.93
C ARG D 52 30.45 -26.03 31.16
N THR D 53 30.77 -27.07 30.40
CA THR D 53 29.75 -27.72 29.57
C THR D 53 28.73 -28.44 30.45
N LYS D 54 27.58 -28.75 29.83
CA LYS D 54 26.50 -29.40 30.57
C LYS D 54 26.91 -30.78 31.07
N ARG D 55 27.82 -31.46 30.37
CA ARG D 55 28.30 -32.75 30.85
C ARG D 55 29.03 -32.62 32.17
N GLN D 56 29.89 -31.60 32.29
CA GLN D 56 30.61 -31.39 33.55
C GLN D 56 29.64 -31.01 34.67
N ILE D 57 28.63 -30.20 34.36
CA ILE D 57 27.64 -29.82 35.36
C ILE D 57 26.89 -31.05 35.86
N ASP D 58 26.47 -31.92 34.94
CA ASP D 58 25.76 -33.13 35.34
C ASP D 58 26.67 -34.06 36.15
N LEU D 59 27.95 -34.16 35.76
CA LEU D 59 28.88 -34.99 36.51
C LEU D 59 29.08 -34.45 37.93
N ILE D 60 29.19 -33.13 38.07
CA ILE D 60 29.35 -32.53 39.40
C ILE D 60 28.09 -32.75 40.24
N ALA D 61 26.92 -32.58 39.63
CA ALA D 61 25.68 -32.79 40.37
C ALA D 61 25.54 -34.24 40.82
N ALA D 62 25.90 -35.19 39.95
CA ALA D 62 25.86 -36.60 40.34
C ALA D 62 26.88 -36.89 41.43
N LYS D 63 28.07 -36.29 41.34
CA LYS D 63 29.13 -36.46 42.32
C LYS D 63 29.49 -37.94 42.52
N GLY E 18 -48.90 -12.66 2.45
CA GLY E 18 -50.30 -12.42 2.16
C GLY E 18 -51.00 -13.65 1.60
N VAL E 19 -51.03 -13.76 0.28
CA VAL E 19 -51.64 -14.91 -0.37
C VAL E 19 -50.88 -16.18 -0.02
N PHE E 20 -49.55 -16.12 -0.06
CA PHE E 20 -48.71 -17.28 0.21
C PHE E 20 -48.34 -17.32 1.68
N THR E 21 -47.99 -18.52 2.15
CA THR E 21 -47.53 -18.68 3.52
C THR E 21 -46.15 -18.04 3.69
N ARG E 22 -45.92 -17.45 4.87
CA ARG E 22 -44.67 -16.75 5.11
C ARG E 22 -43.49 -17.71 5.08
N GLU E 23 -43.64 -18.88 5.69
CA GLU E 23 -42.51 -19.81 5.85
C GLU E 23 -41.82 -20.09 4.52
N GLN E 24 -42.60 -20.20 3.44
CA GLN E 24 -42.01 -20.34 2.12
C GLN E 24 -41.13 -19.14 1.78
N LEU E 25 -41.60 -17.94 2.08
CA LEU E 25 -40.82 -16.73 1.76
C LEU E 25 -39.54 -16.67 2.58
N ASP E 26 -39.61 -17.00 3.88
CA ASP E 26 -38.38 -17.05 4.68
C ASP E 26 -37.41 -18.09 4.13
N GLU E 27 -37.92 -19.27 3.75
CA GLU E 27 -37.04 -20.29 3.19
C GLU E 27 -36.39 -19.82 1.91
N TYR E 28 -37.17 -19.18 1.02
CA TYR E 28 -36.63 -18.73 -0.26
C TYR E 28 -35.57 -17.64 -0.05
N GLN E 29 -35.83 -16.72 0.86
CA GLN E 29 -34.82 -15.70 1.15
C GLN E 29 -33.56 -16.30 1.77
N ASP E 30 -33.72 -17.31 2.63
CA ASP E 30 -32.56 -17.96 3.22
C ASP E 30 -31.75 -18.73 2.18
N CYS E 31 -32.42 -19.26 1.16
CA CYS E 31 -31.73 -20.06 0.15
C CYS E 31 -31.23 -19.23 -1.02
N THR E 32 -32.00 -18.26 -1.48
CA THR E 32 -31.67 -17.45 -2.65
C THR E 32 -31.16 -16.08 -2.21
N PHE E 33 -30.94 -15.21 -3.20
CA PHE E 33 -30.52 -13.83 -2.97
C PHE E 33 -31.70 -12.86 -2.99
N PHE E 34 -32.92 -13.35 -3.11
CA PHE E 34 -34.07 -12.50 -3.38
C PHE E 34 -34.75 -12.02 -2.11
N THR E 35 -35.59 -11.01 -2.27
CA THR E 35 -36.49 -10.50 -1.24
C THR E 35 -37.92 -10.86 -1.61
N ARG E 36 -38.87 -10.42 -0.78
CA ARG E 36 -40.27 -10.75 -1.03
C ARG E 36 -40.75 -10.18 -2.35
N LYS E 37 -40.34 -8.96 -2.68
CA LYS E 37 -40.76 -8.34 -3.94
C LYS E 37 -40.24 -9.12 -5.13
N ASP E 38 -38.99 -9.58 -5.07
CA ASP E 38 -38.43 -10.36 -6.18
C ASP E 38 -39.17 -11.70 -6.31
N ILE E 39 -39.49 -12.34 -5.19
CA ILE E 39 -40.23 -13.60 -5.24
C ILE E 39 -41.59 -13.39 -5.87
N ILE E 40 -42.29 -12.34 -5.48
CA ILE E 40 -43.62 -12.08 -6.03
C ILE E 40 -43.54 -11.76 -7.52
N ARG E 41 -42.55 -10.95 -7.93
CA ARG E 41 -42.40 -10.63 -9.34
C ARG E 41 -42.09 -11.87 -10.17
N LEU E 42 -41.20 -12.73 -9.67
CA LEU E 42 -40.87 -13.94 -10.41
C LEU E 42 -42.06 -14.89 -10.47
N TYR E 43 -42.86 -14.95 -9.40
CA TYR E 43 -44.06 -15.78 -9.44
C TYR E 43 -45.05 -15.26 -10.48
N LYS E 44 -45.22 -13.94 -10.55
CA LYS E 44 -46.11 -13.37 -11.55
C LYS E 44 -45.61 -13.68 -12.96
N ARG E 45 -44.30 -13.57 -13.18
CA ARG E 45 -43.75 -13.88 -14.49
C ARG E 45 -43.93 -15.36 -14.83
N PHE E 46 -43.71 -16.25 -13.85
CA PHE E 46 -43.90 -17.68 -14.07
C PHE E 46 -45.34 -18.00 -14.41
N TYR E 47 -46.29 -17.39 -13.71
CA TYR E 47 -47.70 -17.60 -14.02
C TYR E 47 -48.04 -17.06 -15.41
N ALA E 48 -47.52 -15.89 -15.76
CA ALA E 48 -47.78 -15.33 -17.08
C ALA E 48 -47.14 -16.13 -18.20
N LEU E 49 -46.11 -16.93 -17.88
CA LEU E 49 -45.51 -17.79 -18.90
C LEU E 49 -46.52 -18.81 -19.42
N ASN E 50 -47.31 -19.41 -18.53
CA ASN E 50 -48.37 -20.33 -18.91
C ASN E 50 -49.42 -20.39 -17.82
N PRO E 51 -50.49 -19.58 -17.90
CA PRO E 51 -51.49 -19.58 -16.84
C PRO E 51 -52.23 -20.90 -16.69
N HIS E 52 -52.25 -21.74 -17.73
CA HIS E 52 -53.03 -22.98 -17.65
C HIS E 52 -52.34 -24.00 -16.75
N LYS E 53 -51.02 -24.09 -16.80
CA LYS E 53 -50.27 -25.08 -16.04
C LYS E 53 -49.80 -24.57 -14.69
N VAL E 54 -50.15 -23.34 -14.30
CA VAL E 54 -49.72 -22.75 -13.05
C VAL E 54 -50.96 -22.31 -12.29
N PRO E 55 -51.24 -22.87 -11.11
CA PRO E 55 -52.40 -22.45 -10.34
C PRO E 55 -52.16 -21.12 -9.63
N THR E 56 -53.27 -20.48 -9.27
CA THR E 56 -53.19 -19.20 -8.56
C THR E 56 -52.65 -19.40 -7.15
N ASN E 57 -53.38 -20.13 -6.32
CA ASN E 57 -52.89 -20.47 -4.99
C ASN E 57 -51.84 -21.55 -5.10
N MET E 58 -50.67 -21.31 -4.52
CA MET E 58 -49.49 -22.14 -4.73
C MET E 58 -48.81 -22.42 -3.40
N GLN E 59 -49.60 -22.86 -2.42
CA GLN E 59 -49.11 -23.16 -1.08
C GLN E 59 -48.85 -24.66 -0.95
N GLY E 60 -47.74 -25.00 -0.29
CA GLY E 60 -47.42 -26.38 -0.02
C GLY E 60 -46.24 -26.89 -0.83
N ASN E 61 -46.32 -28.14 -1.28
CA ASN E 61 -45.30 -28.73 -2.13
C ASN E 61 -45.55 -28.49 -3.61
N ARG E 62 -46.55 -27.67 -3.93
CA ARG E 62 -46.85 -27.38 -5.34
C ARG E 62 -45.65 -26.83 -6.12
N PRO E 63 -44.80 -25.95 -5.58
CA PRO E 63 -43.64 -25.50 -6.35
C PRO E 63 -42.76 -26.63 -6.88
N ALA E 64 -42.65 -27.74 -6.14
CA ALA E 64 -41.88 -28.87 -6.61
C ALA E 64 -42.61 -29.64 -7.71
N ILE E 65 -43.93 -29.53 -7.81
CA ILE E 65 -44.70 -30.27 -8.80
C ILE E 65 -45.23 -29.39 -9.92
N THR E 66 -45.35 -28.08 -9.71
CA THR E 66 -45.72 -27.17 -10.80
C THR E 66 -44.52 -27.02 -11.73
N THR E 67 -44.70 -27.39 -12.99
CA THR E 67 -43.57 -27.52 -13.90
C THR E 67 -43.93 -26.97 -15.27
N LEU E 68 -42.89 -26.55 -15.99
CA LEU E 68 -42.99 -26.02 -17.34
C LEU E 68 -41.94 -26.69 -18.22
N THR E 69 -42.22 -26.74 -19.51
CA THR E 69 -41.28 -27.36 -20.44
C THR E 69 -40.14 -26.40 -20.75
N PHE E 70 -39.16 -26.89 -21.52
CA PHE E 70 -38.01 -26.07 -21.87
C PHE E 70 -38.35 -25.01 -22.90
N GLU E 71 -39.30 -25.30 -23.80
CA GLU E 71 -39.66 -24.32 -24.84
C GLU E 71 -40.23 -23.06 -24.23
N GLU E 72 -41.10 -23.18 -23.23
CA GLU E 72 -41.71 -22.01 -22.62
C GLU E 72 -40.67 -21.14 -21.93
N VAL E 73 -39.72 -21.74 -21.23
CA VAL E 73 -38.69 -20.97 -20.55
C VAL E 73 -37.74 -20.33 -21.56
N GLU E 74 -37.40 -21.06 -22.62
CA GLU E 74 -36.54 -20.49 -23.66
C GLU E 74 -37.26 -19.43 -24.49
N LYS E 75 -38.58 -19.35 -24.42
CA LYS E 75 -39.32 -18.33 -25.14
C LYS E 75 -39.15 -16.94 -24.53
N MET E 76 -38.69 -16.85 -23.29
CA MET E 76 -38.58 -15.57 -22.62
C MET E 76 -37.48 -14.72 -23.25
N PRO E 77 -37.64 -13.40 -23.27
CA PRO E 77 -36.64 -12.53 -23.91
C PRO E 77 -35.25 -12.64 -23.30
N GLU E 78 -35.14 -12.84 -21.99
CA GLU E 78 -33.83 -12.91 -21.36
C GLU E 78 -33.03 -14.13 -21.79
N LEU E 79 -33.69 -15.17 -22.29
CA LEU E 79 -33.03 -16.39 -22.69
C LEU E 79 -33.17 -16.69 -24.17
N LYS E 80 -34.02 -15.96 -24.90
CA LYS E 80 -34.31 -16.32 -26.29
C LYS E 80 -33.07 -16.19 -27.18
N GLU E 81 -32.27 -15.15 -26.99
CA GLU E 81 -31.13 -14.89 -27.84
C GLU E 81 -29.84 -15.51 -27.32
N ASN E 82 -29.88 -16.17 -26.17
CA ASN E 82 -28.69 -16.81 -25.63
C ASN E 82 -28.36 -18.05 -26.45
N PRO E 83 -27.15 -18.17 -27.00
CA PRO E 83 -26.79 -19.41 -27.70
C PRO E 83 -26.83 -20.63 -26.80
N PHE E 84 -26.54 -20.46 -25.51
CA PHE E 84 -26.54 -21.56 -24.54
C PHE E 84 -27.83 -21.62 -23.74
N LYS E 85 -28.96 -21.26 -24.35
CA LYS E 85 -30.23 -21.31 -23.62
C LYS E 85 -30.58 -22.72 -23.20
N ARG E 86 -30.32 -23.69 -24.09
CA ARG E 86 -30.58 -25.09 -23.74
C ARG E 86 -29.70 -25.53 -22.57
N ARG E 87 -28.41 -25.17 -22.58
CA ARG E 87 -27.54 -25.53 -21.47
C ARG E 87 -27.97 -24.88 -20.18
N ILE E 88 -28.38 -23.61 -20.23
CA ILE E 88 -28.84 -22.91 -19.03
C ILE E 88 -30.09 -23.59 -18.47
N CYS E 89 -31.00 -23.99 -19.36
CA CYS E 89 -32.20 -24.68 -18.89
C CYS E 89 -31.87 -26.05 -18.32
N GLU E 90 -30.87 -26.73 -18.90
CA GLU E 90 -30.56 -28.09 -18.48
C GLU E 90 -29.79 -28.13 -17.16
N VAL E 91 -28.92 -27.16 -16.92
CA VAL E 91 -28.10 -27.18 -15.71
C VAL E 91 -28.98 -27.03 -14.47
N PHE E 92 -29.95 -26.14 -14.52
CA PHE E 92 -30.83 -25.87 -13.38
C PHE E 92 -32.04 -26.80 -13.35
N SER E 93 -32.11 -27.76 -14.26
CA SER E 93 -33.27 -28.66 -14.34
C SER E 93 -33.37 -29.53 -13.09
N GLU E 94 -34.61 -29.87 -12.74
CA GLU E 94 -34.88 -30.72 -11.59
C GLU E 94 -34.63 -32.18 -11.96
N ASP E 95 -35.09 -33.10 -11.11
CA ASP E 95 -34.92 -34.52 -11.38
C ASP E 95 -35.56 -34.91 -12.70
N GLY E 96 -36.75 -34.40 -12.98
CA GLY E 96 -37.38 -34.61 -14.27
C GLY E 96 -36.57 -34.03 -15.41
N ARG E 97 -36.39 -34.81 -16.48
CA ARG E 97 -35.62 -34.35 -17.61
C ARG E 97 -36.49 -33.49 -18.53
N GLY E 98 -35.90 -32.43 -19.07
CA GLY E 98 -36.64 -31.53 -19.94
C GLY E 98 -37.76 -30.78 -19.26
N ASN E 99 -37.56 -30.38 -18.00
CA ASN E 99 -38.57 -29.69 -17.22
C ASN E 99 -37.90 -28.68 -16.30
N LEU E 100 -38.64 -27.62 -15.96
CA LEU E 100 -38.20 -26.61 -15.02
C LEU E 100 -39.34 -26.25 -14.10
N SER E 101 -39.08 -26.23 -12.80
CA SER E 101 -40.09 -25.86 -11.82
C SER E 101 -39.79 -24.46 -11.27
N PHE E 102 -40.64 -24.00 -10.36
CA PHE E 102 -40.45 -22.68 -9.76
C PHE E 102 -39.13 -22.61 -8.99
N ASP E 103 -38.79 -23.69 -8.29
CA ASP E 103 -37.52 -23.73 -7.57
C ASP E 103 -36.34 -23.64 -8.56
N ASP E 104 -36.46 -24.29 -9.71
CA ASP E 104 -35.44 -24.17 -10.74
C ASP E 104 -35.37 -22.76 -11.30
N PHE E 105 -36.53 -22.12 -11.48
CA PHE E 105 -36.57 -20.72 -11.90
C PHE E 105 -35.81 -19.83 -10.92
N LEU E 106 -36.08 -20.02 -9.62
CA LEU E 106 -35.43 -19.21 -8.59
C LEU E 106 -33.93 -19.47 -8.55
N ASP E 107 -33.52 -20.74 -8.68
CA ASP E 107 -32.09 -21.04 -8.74
C ASP E 107 -31.45 -20.34 -9.92
N MET E 108 -32.08 -20.41 -11.10
CA MET E 108 -31.50 -19.85 -12.31
C MET E 108 -31.36 -18.34 -12.19
N PHE E 109 -32.36 -17.67 -11.64
CA PHE E 109 -32.33 -16.22 -11.60
C PHE E 109 -31.69 -15.67 -10.33
N SER E 110 -31.33 -16.53 -9.38
CA SER E 110 -30.50 -16.11 -8.26
C SER E 110 -29.02 -16.33 -8.53
N VAL E 111 -28.67 -17.37 -9.27
CA VAL E 111 -27.29 -17.56 -9.68
C VAL E 111 -26.86 -16.46 -10.63
N PHE E 112 -27.72 -16.11 -11.59
CA PHE E 112 -27.35 -15.21 -12.67
C PHE E 112 -27.36 -13.74 -12.25
N SER E 113 -27.99 -13.42 -11.13
CA SER E 113 -28.13 -12.04 -10.70
C SER E 113 -26.76 -11.40 -10.44
N GLU E 114 -26.77 -10.07 -10.30
CA GLU E 114 -25.53 -9.33 -10.12
C GLU E 114 -24.98 -9.47 -8.71
N MET E 115 -25.85 -9.67 -7.71
CA MET E 115 -25.40 -9.79 -6.33
C MET E 115 -24.72 -11.10 -6.04
N ALA E 116 -24.78 -12.07 -6.95
CA ALA E 116 -24.16 -13.36 -6.74
C ALA E 116 -22.63 -13.21 -6.66
N PRO E 117 -21.97 -14.02 -5.84
CA PRO E 117 -20.52 -13.94 -5.74
C PRO E 117 -19.84 -14.51 -6.97
N LEU E 118 -18.54 -14.23 -7.07
CA LEU E 118 -17.77 -14.66 -8.23
C LEU E 118 -17.69 -16.18 -8.29
N GLN E 119 -17.58 -16.84 -7.13
CA GLN E 119 -17.41 -18.29 -7.11
C GLN E 119 -18.62 -19.02 -7.71
N LEU E 120 -19.83 -18.58 -7.34
CA LEU E 120 -21.04 -19.22 -7.85
C LEU E 120 -21.16 -19.04 -9.36
N LYS E 121 -20.87 -17.83 -9.84
CA LYS E 121 -20.90 -17.57 -11.27
C LYS E 121 -19.88 -18.43 -12.01
N LEU E 122 -18.67 -18.54 -11.49
CA LEU E 122 -17.64 -19.36 -12.13
C LEU E 122 -18.07 -20.83 -12.19
N LYS E 123 -18.59 -21.34 -11.07
CA LYS E 123 -18.93 -22.75 -10.99
C LYS E 123 -20.09 -23.09 -11.93
N TYR E 124 -21.13 -22.26 -11.95
CA TYR E 124 -22.26 -22.56 -12.82
C TYR E 124 -21.93 -22.27 -14.28
N ALA E 125 -21.02 -21.34 -14.56
CA ALA E 125 -20.56 -21.14 -15.93
C ALA E 125 -19.80 -22.36 -16.42
N PHE E 126 -18.96 -22.93 -15.57
CA PHE E 126 -18.26 -24.17 -15.93
C PHE E 126 -19.26 -25.30 -16.18
N ARG E 127 -20.26 -25.42 -15.32
CA ARG E 127 -21.28 -26.45 -15.53
C ARG E 127 -22.07 -26.22 -16.81
N ILE E 128 -22.28 -24.96 -17.20
CA ILE E 128 -23.00 -24.67 -18.43
C ILE E 128 -22.15 -25.01 -19.64
N TYR E 129 -20.86 -24.66 -19.63
CA TYR E 129 -20.01 -24.83 -20.79
C TYR E 129 -19.66 -26.28 -21.09
N ASP E 130 -20.00 -27.21 -20.20
CA ASP E 130 -19.75 -28.63 -20.41
C ASP E 130 -21.05 -29.32 -20.79
N TYR E 131 -21.08 -29.94 -21.97
CA TYR E 131 -22.29 -30.56 -22.50
C TYR E 131 -22.48 -31.98 -22.02
N ASP E 132 -21.43 -32.80 -22.06
CA ASP E 132 -21.53 -34.18 -21.59
C ASP E 132 -21.81 -34.24 -20.10
N GLY E 133 -21.12 -33.41 -19.32
CA GLY E 133 -21.33 -33.39 -17.88
C GLY E 133 -20.43 -34.34 -17.12
N ASP E 134 -19.12 -34.31 -17.41
CA ASP E 134 -18.15 -35.17 -16.76
C ASP E 134 -17.13 -34.39 -15.95
N GLU E 135 -17.44 -33.14 -15.62
CA GLU E 135 -16.55 -32.26 -14.86
C GLU E 135 -15.22 -32.01 -15.57
N LEU E 136 -15.20 -32.17 -16.90
CA LEU E 136 -13.99 -31.96 -17.68
C LEU E 136 -14.35 -31.25 -18.98
N LEU E 137 -13.57 -30.23 -19.33
CA LEU E 137 -13.80 -29.43 -20.53
C LEU E 137 -13.00 -30.05 -21.67
N GLY E 138 -13.61 -31.02 -22.34
CA GLY E 138 -12.96 -31.72 -23.43
C GLY E 138 -12.88 -30.90 -24.70
N HIS E 139 -12.18 -31.46 -25.69
CA HIS E 139 -12.03 -30.78 -26.97
C HIS E 139 -13.37 -30.66 -27.68
N ASP E 140 -14.20 -31.69 -27.62
CA ASP E 140 -15.49 -31.65 -28.30
C ASP E 140 -16.40 -30.58 -27.69
N ASP E 141 -16.40 -30.44 -26.37
CA ASP E 141 -17.17 -29.39 -25.73
C ASP E 141 -16.71 -28.02 -26.19
N LEU E 142 -15.39 -27.81 -26.25
CA LEU E 142 -14.86 -26.52 -26.69
C LEU E 142 -15.26 -26.22 -28.13
N SER E 143 -15.14 -27.20 -29.02
CA SER E 143 -15.51 -27.00 -30.41
C SER E 143 -17.00 -26.70 -30.54
N LYS E 144 -17.84 -27.45 -29.82
CA LYS E 144 -19.27 -27.23 -29.88
C LYS E 144 -19.64 -25.84 -29.38
N MET E 145 -19.03 -25.40 -28.28
CA MET E 145 -19.37 -24.09 -27.75
C MET E 145 -18.84 -22.97 -28.64
N ILE E 146 -17.67 -23.14 -29.26
CA ILE E 146 -17.17 -22.15 -30.19
C ILE E 146 -18.11 -22.03 -31.39
N ARG E 147 -18.55 -23.17 -31.94
CA ARG E 147 -19.44 -23.14 -33.09
C ARG E 147 -20.83 -22.63 -32.72
N SER E 148 -21.23 -22.79 -31.46
CA SER E 148 -22.50 -22.23 -31.02
C SER E 148 -22.42 -20.71 -30.86
N LEU E 149 -21.33 -20.23 -30.27
CA LEU E 149 -21.16 -18.79 -30.07
C LEU E 149 -20.97 -18.06 -31.40
N THR E 150 -20.22 -18.65 -32.32
CA THR E 150 -19.88 -18.01 -33.58
C THR E 150 -20.91 -18.23 -34.68
N ARG E 151 -21.72 -19.29 -34.57
CA ARG E 151 -22.74 -19.65 -35.56
C ARG E 151 -22.12 -20.13 -36.87
N ASP E 152 -21.02 -20.89 -36.75
CA ASP E 152 -20.36 -21.52 -37.90
C ASP E 152 -19.93 -20.47 -38.93
N GLU E 153 -19.30 -19.40 -38.45
CA GLU E 153 -18.71 -18.40 -39.33
C GLU E 153 -17.20 -18.53 -39.44
N LEU E 154 -16.54 -18.98 -38.38
CA LEU E 154 -15.11 -19.28 -38.45
C LEU E 154 -14.89 -20.54 -39.27
N SER E 155 -13.74 -20.60 -39.94
CA SER E 155 -13.38 -21.79 -40.68
C SER E 155 -12.97 -22.91 -39.72
N ASP E 156 -12.97 -24.14 -40.25
CA ASP E 156 -12.60 -25.29 -39.43
C ASP E 156 -11.17 -25.18 -38.93
N VAL E 157 -10.25 -24.74 -39.81
CA VAL E 157 -8.86 -24.55 -39.40
C VAL E 157 -8.76 -23.49 -38.32
N GLU E 158 -9.56 -22.42 -38.43
CA GLU E 158 -9.56 -21.39 -37.41
C GLU E 158 -10.03 -21.95 -36.08
N VAL E 159 -11.08 -22.77 -36.08
CA VAL E 159 -11.56 -23.36 -34.84
C VAL E 159 -10.50 -24.27 -34.23
N GLU E 160 -9.84 -25.07 -35.06
CA GLU E 160 -8.79 -25.95 -34.54
C GLU E 160 -7.64 -25.15 -33.95
N PHE E 161 -7.24 -24.08 -34.61
CA PHE E 161 -6.17 -23.22 -34.09
C PHE E 161 -6.58 -22.60 -32.76
N ILE E 162 -7.82 -22.13 -32.66
CA ILE E 162 -8.30 -21.50 -31.43
C ILE E 162 -8.30 -22.50 -30.29
N ILE E 163 -8.79 -23.72 -30.55
CA ILE E 163 -8.82 -24.75 -29.51
C ILE E 163 -7.40 -25.13 -29.10
N GLU E 164 -6.48 -25.22 -30.08
CA GLU E 164 -5.10 -25.55 -29.77
C GLU E 164 -4.48 -24.50 -28.86
N ARG E 165 -4.67 -23.21 -29.19
CA ARG E 165 -4.10 -22.15 -28.36
C ARG E 165 -4.72 -22.14 -26.96
N ILE E 166 -6.04 -22.35 -26.89
CA ILE E 166 -6.71 -22.35 -25.58
C ILE E 166 -6.19 -23.51 -24.73
N ILE E 167 -6.03 -24.69 -25.33
CA ILE E 167 -5.50 -25.82 -24.58
C ILE E 167 -4.08 -25.54 -24.13
N GLU E 168 -3.26 -24.96 -25.01
CA GLU E 168 -1.87 -24.70 -24.67
C GLU E 168 -1.75 -23.70 -23.52
N GLU E 169 -2.56 -22.64 -23.53
CA GLU E 169 -2.44 -21.60 -22.52
C GLU E 169 -3.35 -21.79 -21.31
N ALA E 170 -4.18 -22.85 -21.29
CA ALA E 170 -5.12 -23.04 -20.20
C ALA E 170 -5.07 -24.43 -19.60
N ASP E 171 -4.19 -25.31 -20.09
CA ASP E 171 -4.02 -26.65 -19.52
C ASP E 171 -2.61 -26.77 -18.97
N LEU E 172 -2.51 -27.18 -17.70
CA LEU E 172 -1.24 -27.30 -17.01
C LEU E 172 -0.86 -28.73 -16.67
N ASP E 173 -1.82 -29.65 -16.64
CA ASP E 173 -1.55 -31.05 -16.31
C ASP E 173 -1.30 -31.90 -17.54
N GLY E 174 -1.33 -31.31 -18.73
CA GLY E 174 -1.09 -32.08 -19.94
C GLY E 174 -2.19 -33.05 -20.30
N ASP E 175 -3.40 -32.85 -19.77
CA ASP E 175 -4.52 -33.75 -20.02
C ASP E 175 -5.28 -33.40 -21.30
N SER E 176 -4.94 -32.28 -21.95
CA SER E 176 -5.67 -31.80 -23.13
C SER E 176 -7.15 -31.59 -22.83
N SER E 177 -7.47 -31.25 -21.58
CA SER E 177 -8.85 -31.05 -21.17
C SER E 177 -8.86 -30.25 -19.88
N ILE E 178 -9.40 -29.03 -19.93
CA ILE E 178 -9.43 -28.16 -18.76
C ILE E 178 -10.46 -28.68 -17.77
N ASN E 179 -10.18 -28.47 -16.49
CA ASN E 179 -11.08 -28.87 -15.41
C ASN E 179 -11.49 -27.63 -14.61
N PHE E 180 -12.16 -27.85 -13.48
CA PHE E 180 -12.68 -26.76 -12.67
C PHE E 180 -11.56 -25.83 -12.22
N ALA E 181 -10.45 -26.39 -11.73
CA ALA E 181 -9.41 -25.59 -11.09
C ALA E 181 -8.79 -24.61 -12.08
N GLU E 182 -8.32 -25.10 -13.23
CA GLU E 182 -7.63 -24.23 -14.17
C GLU E 182 -8.58 -23.24 -14.83
N PHE E 183 -9.81 -23.68 -15.14
CA PHE E 183 -10.80 -22.76 -15.70
C PHE E 183 -11.09 -21.62 -14.73
N GLU E 184 -11.30 -21.95 -13.45
CA GLU E 184 -11.54 -20.93 -12.45
C GLU E 184 -10.33 -20.02 -12.29
N HIS E 185 -9.12 -20.57 -12.34
CA HIS E 185 -7.93 -19.74 -12.21
C HIS E 185 -7.79 -18.79 -13.38
N VAL E 186 -8.16 -19.22 -14.59
CA VAL E 186 -7.86 -18.42 -15.77
C VAL E 186 -8.96 -17.39 -16.07
N VAL E 187 -10.24 -17.71 -15.84
CA VAL E 187 -11.30 -16.77 -16.21
C VAL E 187 -11.84 -15.98 -15.02
N SER E 188 -11.37 -16.24 -13.80
CA SER E 188 -11.77 -15.42 -12.67
C SER E 188 -10.95 -14.15 -12.55
N ARG E 189 -9.83 -14.06 -13.25
CA ARG E 189 -9.07 -12.81 -13.34
C ARG E 189 -9.47 -11.98 -14.55
N SER E 190 -10.47 -12.43 -15.30
CA SER E 190 -11.01 -11.64 -16.40
C SER E 190 -11.79 -10.45 -15.85
N PRO E 191 -11.47 -9.23 -16.25
CA PRO E 191 -12.22 -8.07 -15.77
C PRO E 191 -13.58 -7.87 -16.45
N ASP E 192 -14.05 -8.86 -17.23
CA ASP E 192 -15.31 -8.75 -17.95
C ASP E 192 -16.24 -9.92 -17.68
N PHE E 193 -15.91 -10.80 -16.73
CA PHE E 193 -16.74 -11.99 -16.53
C PHE E 193 -17.98 -11.68 -15.70
N ILE E 194 -17.80 -11.01 -14.56
CA ILE E 194 -18.94 -10.67 -13.73
C ILE E 194 -19.81 -9.61 -14.39
N ARG E 195 -19.26 -8.85 -15.33
CA ARG E 195 -20.04 -7.89 -16.12
C ARG E 195 -20.86 -8.60 -17.21
N THR E 196 -20.29 -9.63 -17.81
CA THR E 196 -20.99 -10.35 -18.87
C THR E 196 -21.95 -11.39 -18.31
N PHE E 197 -21.46 -12.27 -17.44
CA PHE E 197 -22.30 -13.33 -16.89
C PHE E 197 -23.31 -12.74 -15.92
N HIS E 198 -24.34 -12.11 -16.45
CA HIS E 198 -25.32 -11.40 -15.64
C HIS E 198 -26.64 -11.37 -16.39
N ILE E 199 -27.73 -11.68 -15.68
CA ILE E 199 -29.07 -11.60 -16.23
C ILE E 199 -29.93 -10.83 -15.24
N ARG E 200 -30.56 -9.76 -15.72
CA ARG E 200 -31.37 -8.89 -14.87
C ARG E 200 -32.84 -9.28 -15.00
N ILE E 201 -33.49 -9.47 -13.86
CA ILE E 201 -34.90 -9.86 -13.83
C ILE E 201 -35.47 -9.65 -12.44
N VAL F 18 -48.35 44.60 -21.78
CA VAL F 18 -47.36 43.54 -21.84
C VAL F 18 -46.06 44.03 -22.48
N ALA F 19 -45.16 44.55 -21.64
CA ALA F 19 -43.89 45.05 -22.14
C ALA F 19 -43.07 43.89 -22.71
N PRO F 20 -42.37 44.11 -23.83
CA PRO F 20 -41.58 43.02 -24.42
C PRO F 20 -40.49 42.48 -23.50
N GLY F 21 -39.88 43.35 -22.69
CA GLY F 21 -38.82 42.96 -21.80
C GLY F 21 -39.22 42.68 -20.37
N LEU F 22 -40.51 42.79 -20.04
CA LEU F 22 -40.96 42.60 -18.68
C LEU F 22 -42.22 41.76 -18.56
N ARG F 23 -42.94 41.50 -19.66
CA ARG F 23 -44.12 40.63 -19.61
C ARG F 23 -44.21 39.63 -20.76
N LEU F 24 -43.54 39.86 -21.89
CA LEU F 24 -43.70 38.95 -23.03
C LEU F 24 -42.96 37.64 -22.80
N TRP F 25 -41.79 37.68 -22.15
CA TRP F 25 -40.98 36.47 -22.03
C TRP F 25 -41.65 35.43 -21.13
N MET F 26 -42.43 35.86 -20.13
CA MET F 26 -43.20 34.89 -19.37
C MET F 26 -44.25 34.19 -20.22
N LEU F 27 -44.91 34.93 -21.11
CA LEU F 27 -45.87 34.30 -22.01
C LEU F 27 -45.19 33.31 -22.93
N ILE F 28 -44.04 33.70 -23.50
CA ILE F 28 -43.30 32.79 -24.37
C ILE F 28 -42.87 31.55 -23.61
N ALA F 29 -42.37 31.74 -22.39
CA ALA F 29 -41.92 30.62 -21.57
C ALA F 29 -43.08 29.69 -21.21
N LEU F 30 -44.24 30.26 -20.90
CA LEU F 30 -45.40 29.43 -20.59
C LEU F 30 -45.85 28.62 -21.80
N VAL F 31 -45.87 29.25 -22.98
CA VAL F 31 -46.25 28.52 -24.19
C VAL F 31 -45.25 27.41 -24.47
N GLY F 32 -43.95 27.72 -24.36
CA GLY F 32 -42.94 26.70 -24.56
C GLY F 32 -43.03 25.57 -23.54
N GLY F 33 -43.32 25.91 -22.29
CA GLY F 33 -43.43 24.89 -21.27
C GLY F 33 -44.62 23.96 -21.48
N VAL F 34 -45.78 24.53 -21.84
CA VAL F 34 -46.94 23.67 -22.07
C VAL F 34 -46.73 22.81 -23.32
N LEU F 35 -46.10 23.39 -24.36
CA LEU F 35 -45.79 22.59 -25.54
C LEU F 35 -44.81 21.47 -25.22
N LEU F 36 -43.81 21.76 -24.39
CA LEU F 36 -42.84 20.75 -24.00
C LEU F 36 -43.49 19.65 -23.17
N ILE F 37 -44.40 20.02 -22.26
CA ILE F 37 -45.10 19.02 -21.47
C ILE F 37 -45.94 18.12 -22.37
N MET F 38 -46.65 18.73 -23.33
CA MET F 38 -47.46 17.94 -24.25
C MET F 38 -46.60 17.00 -25.08
N ILE F 39 -45.45 17.48 -25.56
CA ILE F 39 -44.55 16.65 -26.35
C ILE F 39 -44.01 15.50 -25.52
N VAL F 40 -43.58 15.78 -24.28
CA VAL F 40 -43.03 14.75 -23.43
C VAL F 40 -44.08 13.68 -23.12
N ILE F 41 -45.32 14.12 -22.83
CA ILE F 41 -46.38 13.16 -22.57
C ILE F 41 -46.69 12.33 -23.81
N VAL F 42 -46.67 12.97 -24.98
CA VAL F 42 -46.91 12.25 -26.23
C VAL F 42 -45.83 11.19 -26.45
N CYS F 43 -44.57 11.56 -26.25
CA CYS F 43 -43.46 10.64 -26.48
C CYS F 43 -43.25 9.69 -25.31
N CYS F 44 -44.14 9.76 -24.32
CA CYS F 44 -44.08 8.87 -23.17
C CYS F 44 -44.81 7.57 -23.48
N PHE F 45 -45.88 7.67 -24.25
CA PHE F 45 -46.69 6.50 -24.61
C PHE F 45 -46.37 6.02 -26.02
N MET F 46 -45.17 6.33 -26.51
CA MET F 46 -44.74 5.93 -27.84
C MET F 46 -43.35 5.34 -27.78
N ARG F 47 -43.04 4.48 -28.74
CA ARG F 47 -41.82 3.69 -28.79
C ARG F 47 -41.10 3.89 -30.11
N ILE F 48 -40.88 5.15 -30.49
CA ILE F 48 -40.22 5.46 -31.75
C ILE F 48 -38.85 4.78 -31.82
N ARG F 49 -38.41 4.49 -33.04
CA ARG F 49 -37.10 3.89 -33.28
C ARG F 49 -36.63 4.34 -34.65
N ILE F 50 -35.76 5.35 -34.68
CA ILE F 50 -35.37 5.99 -35.92
C ILE F 50 -34.50 5.09 -36.78
N PRO F 51 -33.33 4.62 -36.32
CA PRO F 51 -32.45 3.86 -37.22
C PRO F 51 -33.08 2.55 -37.67
N ARG F 52 -32.79 2.17 -38.90
CA ARG F 52 -33.24 0.91 -39.46
C ARG F 52 -32.20 -0.17 -39.21
N THR F 53 -32.66 -1.42 -39.16
CA THR F 53 -31.78 -2.54 -38.88
C THR F 53 -30.82 -2.77 -40.04
N LYS F 54 -29.73 -3.49 -39.75
CA LYS F 54 -28.71 -3.73 -40.76
C LYS F 54 -29.26 -4.53 -41.93
N ARG F 55 -30.26 -5.38 -41.69
CA ARG F 55 -30.89 -6.13 -42.78
C ARG F 55 -31.55 -5.19 -43.79
N GLN F 56 -32.28 -4.19 -43.29
CA GLN F 56 -32.92 -3.22 -44.18
C GLN F 56 -31.87 -2.39 -44.93
N ILE F 57 -30.78 -2.03 -44.26
CA ILE F 57 -29.72 -1.27 -44.92
C ILE F 57 -29.10 -2.09 -46.05
N ASP F 58 -28.82 -3.37 -45.79
CA ASP F 58 -28.26 -4.24 -46.82
C ASP F 58 -29.24 -4.43 -47.98
N LEU F 59 -30.53 -4.59 -47.66
CA LEU F 59 -31.53 -4.73 -48.71
C LEU F 59 -31.60 -3.47 -49.58
N ILE F 60 -31.56 -2.29 -48.96
CA ILE F 60 -31.59 -1.05 -49.71
C ILE F 60 -30.35 -0.91 -50.58
N ALA F 61 -29.18 -1.25 -50.03
CA ALA F 61 -27.95 -1.17 -50.80
C ALA F 61 -27.98 -2.11 -51.99
N ALA F 62 -28.47 -3.33 -51.79
CA ALA F 62 -28.60 -4.27 -52.90
C ALA F 62 -29.60 -3.77 -53.93
N LYS F 63 -30.71 -3.19 -53.47
CA LYS F 63 -31.75 -2.65 -54.34
C LYS F 63 -32.28 -3.71 -55.32
#